data_5QOP
# 
_entry.id   5QOP 
# 
_audit_conform.dict_name       mmcif_pdbx.dic 
_audit_conform.dict_version    5.387 
_audit_conform.dict_location   http://mmcif.pdb.org/dictionaries/ascii/mmcif_pdbx.dic 
# 
loop_
_database_2.database_id 
_database_2.database_code 
_database_2.pdbx_database_accession 
_database_2.pdbx_DOI 
PDB   5QOP         pdb_00005qop 10.2210/pdb5qop/pdb 
WWPDB D_1001402214 ?            ?                   
# 
loop_
_pdbx_audit_revision_history.ordinal 
_pdbx_audit_revision_history.data_content_type 
_pdbx_audit_revision_history.major_revision 
_pdbx_audit_revision_history.minor_revision 
_pdbx_audit_revision_history.revision_date 
1 'Structure model' 1 0 2019-05-08 
2 'Structure model' 1 1 2019-11-20 
3 'Structure model' 1 2 2024-03-06 
# 
_pdbx_audit_revision_details.ordinal             1 
_pdbx_audit_revision_details.revision_ordinal    1 
_pdbx_audit_revision_details.data_content_type   'Structure model' 
_pdbx_audit_revision_details.provider            repository 
_pdbx_audit_revision_details.type                'Initial release' 
_pdbx_audit_revision_details.description         ? 
_pdbx_audit_revision_details.details             ? 
# 
loop_
_pdbx_audit_revision_group.ordinal 
_pdbx_audit_revision_group.revision_ordinal 
_pdbx_audit_revision_group.data_content_type 
_pdbx_audit_revision_group.group 
1 2 'Structure model' 'Data collection'     
2 3 'Structure model' 'Data collection'     
3 3 'Structure model' 'Database references' 
# 
loop_
_pdbx_audit_revision_category.ordinal 
_pdbx_audit_revision_category.revision_ordinal 
_pdbx_audit_revision_category.data_content_type 
_pdbx_audit_revision_category.category 
1 2 'Structure model' diffrn_source  
2 3 'Structure model' chem_comp_atom 
3 3 'Structure model' chem_comp_bond 
4 3 'Structure model' database_2     
# 
loop_
_pdbx_audit_revision_item.ordinal 
_pdbx_audit_revision_item.revision_ordinal 
_pdbx_audit_revision_item.data_content_type 
_pdbx_audit_revision_item.item 
1 2 'Structure model' '_diffrn_source.pdbx_synchrotron_beamline' 
2 2 'Structure model' '_diffrn_source.type'                      
3 3 'Structure model' '_database_2.pdbx_DOI'                     
4 3 'Structure model' '_database_2.pdbx_database_accession'      
# 
_pdbx_database_status.entry_id                        5QOP 
_pdbx_database_status.status_code                     REL 
_pdbx_database_status.status_code_sf                  REL 
_pdbx_database_status.status_code_mr                  ? 
_pdbx_database_status.status_code_cs                  ? 
_pdbx_database_status.recvd_initial_deposition_date   2019-02-22 
_pdbx_database_status.deposit_site                    RCSB 
_pdbx_database_status.process_site                    RCSB 
_pdbx_database_status.SG_entry                        ? 
_pdbx_database_status.pdb_format_compatible           Y 
_pdbx_database_status.methods_development_category    ? 
_pdbx_database_status.status_code_nmr_data            ? 
# 
loop_
_audit_author.name 
_audit_author.pdbx_ordinal 
_audit_author.identifier_ORCID 
'Nelson, E.R.'      1  ? 
'Velupillai, S.'    2  ? 
'Talon, R.'         3  ? 
'Collins, P.M.'     4  ? 
'Krojer, T.'        5  ? 
'Wang, D.'          6  ? 
'Brandao-Neto, J.'  7  ? 
'Douangamath, A.'   8  ? 
'Burgess-Brown, N.' 9  ? 
'Arrowsmith, C.H.'  10 ? 
'Bountra, C.'       11 ? 
'Huber, K.'         12 ? 
'von Delft, F.'     13 ? 
# 
_citation.id                        primary 
_citation.title                     'PanDDA analysis group deposition' 
_citation.journal_abbrev            'To Be Published' 
_citation.journal_volume            ? 
_citation.page_first                ? 
_citation.page_last                 ? 
_citation.year                      ? 
_citation.journal_id_ASTM           ? 
_citation.country                   ? 
_citation.journal_id_ISSN           ? 
_citation.journal_id_CSD            0353 
_citation.book_publisher            ? 
_citation.pdbx_database_id_PubMed   ? 
_citation.pdbx_database_id_DOI      ? 
# 
loop_
_citation_author.citation_id 
_citation_author.name 
_citation_author.identifier_ORCID 
_citation_author.ordinal 
primary 'Nelson, E.R.'      ? 1  
primary 'Velupillai, S.'    ? 2  
primary 'Talon, R.'         ? 3  
primary 'Collins, P.M.'     ? 4  
primary 'Krojer, T.'        ? 5  
primary 'Wang, D.'          ? 6  
primary 'Brandao-Neto, J.'  ? 7  
primary 'Douangamath, A.'   ? 8  
primary 'Burgess-Brown, N.' ? 9  
primary 'Arrowsmith, C.H.'  ? 10 
primary 'Bountra, C.'       ? 11 
primary 'Huber, K.'         ? 12 
primary 'von Delft, F.'     ? 13 
# 
loop_
_entity.id 
_entity.type 
_entity.src_method 
_entity.pdbx_description 
_entity.formula_weight 
_entity.pdbx_number_of_molecules 
_entity.pdbx_ec 
_entity.pdbx_mutation 
_entity.pdbx_fragment 
_entity.details 
1 polymer     man 'DCP2 (NUDT20)'                           19073.738 1  3.6.1.62 ? 'UNP residues 95-260' ? 
2 non-polymer syn 1,2-ETHANEDIOL                            62.068    2  ?        ? ?                     ? 
3 non-polymer syn 'DIMETHYL SULFOXIDE'                      78.133    1  ?        ? ?                     ? 
4 non-polymer syn 'ACETATE ION'                             59.044    2  ?        ? ?                     ? 
5 non-polymer syn '(azepan-1-yl)(4-methoxyphenyl)methanone' 233.306   1  ?        ? ?                     ? 
6 water       nat water                                     18.015    84 ?        ? ?                     ? 
# 
_entity_name_com.entity_id   1 
_entity_name_com.name        
'Nucleoside diphosphate-linked moiety X motif 20, Nudix motif 20, mRNA-decapping enzyme 2, hDpc, m7GpppN-mRNA hydrolase' 
# 
_entity_poly.entity_id                      1 
_entity_poly.type                           'polypeptide(L)' 
_entity_poly.nstd_linkage                   no 
_entity_poly.nstd_monomer                   no 
_entity_poly.pdbx_seq_one_letter_code       
;SMGVPTYGAIILDETLENVLLVQGYLAKSGWGFPKGKVNKEEAPHDCAAREVFEETGFDIKDYICKDDYIELRINDQLAR
LYIIPGIPKDTKFNPKTRREIRNIEWFSIEKLPCHRNDMTPKSKLGLAPNKFFMAIPFIRPLRDWLSRRFGDSSDSDNGF
SSTGSTP
;
_entity_poly.pdbx_seq_one_letter_code_can   
;SMGVPTYGAIILDETLENVLLVQGYLAKSGWGFPKGKVNKEEAPHDCAAREVFEETGFDIKDYICKDDYIELRINDQLAR
LYIIPGIPKDTKFNPKTRREIRNIEWFSIEKLPCHRNDMTPKSKLGLAPNKFFMAIPFIRPLRDWLSRRFGDSSDSDNGF
SSTGSTP
;
_entity_poly.pdbx_strand_id                 A 
_entity_poly.pdbx_target_identifier         ? 
# 
loop_
_pdbx_entity_nonpoly.entity_id 
_pdbx_entity_nonpoly.name 
_pdbx_entity_nonpoly.comp_id 
2 1,2-ETHANEDIOL                            EDO 
3 'DIMETHYL SULFOXIDE'                      DMS 
4 'ACETATE ION'                             ACT 
5 '(azepan-1-yl)(4-methoxyphenyl)methanone' LDD 
6 water                                     HOH 
# 
loop_
_entity_poly_seq.entity_id 
_entity_poly_seq.num 
_entity_poly_seq.mon_id 
_entity_poly_seq.hetero 
1 1   SER n 
1 2   MET n 
1 3   GLY n 
1 4   VAL n 
1 5   PRO n 
1 6   THR n 
1 7   TYR n 
1 8   GLY n 
1 9   ALA n 
1 10  ILE n 
1 11  ILE n 
1 12  LEU n 
1 13  ASP n 
1 14  GLU n 
1 15  THR n 
1 16  LEU n 
1 17  GLU n 
1 18  ASN n 
1 19  VAL n 
1 20  LEU n 
1 21  LEU n 
1 22  VAL n 
1 23  GLN n 
1 24  GLY n 
1 25  TYR n 
1 26  LEU n 
1 27  ALA n 
1 28  LYS n 
1 29  SER n 
1 30  GLY n 
1 31  TRP n 
1 32  GLY n 
1 33  PHE n 
1 34  PRO n 
1 35  LYS n 
1 36  GLY n 
1 37  LYS n 
1 38  VAL n 
1 39  ASN n 
1 40  LYS n 
1 41  GLU n 
1 42  GLU n 
1 43  ALA n 
1 44  PRO n 
1 45  HIS n 
1 46  ASP n 
1 47  CYS n 
1 48  ALA n 
1 49  ALA n 
1 50  ARG n 
1 51  GLU n 
1 52  VAL n 
1 53  PHE n 
1 54  GLU n 
1 55  GLU n 
1 56  THR n 
1 57  GLY n 
1 58  PHE n 
1 59  ASP n 
1 60  ILE n 
1 61  LYS n 
1 62  ASP n 
1 63  TYR n 
1 64  ILE n 
1 65  CYS n 
1 66  LYS n 
1 67  ASP n 
1 68  ASP n 
1 69  TYR n 
1 70  ILE n 
1 71  GLU n 
1 72  LEU n 
1 73  ARG n 
1 74  ILE n 
1 75  ASN n 
1 76  ASP n 
1 77  GLN n 
1 78  LEU n 
1 79  ALA n 
1 80  ARG n 
1 81  LEU n 
1 82  TYR n 
1 83  ILE n 
1 84  ILE n 
1 85  PRO n 
1 86  GLY n 
1 87  ILE n 
1 88  PRO n 
1 89  LYS n 
1 90  ASP n 
1 91  THR n 
1 92  LYS n 
1 93  PHE n 
1 94  ASN n 
1 95  PRO n 
1 96  LYS n 
1 97  THR n 
1 98  ARG n 
1 99  ARG n 
1 100 GLU n 
1 101 ILE n 
1 102 ARG n 
1 103 ASN n 
1 104 ILE n 
1 105 GLU n 
1 106 TRP n 
1 107 PHE n 
1 108 SER n 
1 109 ILE n 
1 110 GLU n 
1 111 LYS n 
1 112 LEU n 
1 113 PRO n 
1 114 CYS n 
1 115 HIS n 
1 116 ARG n 
1 117 ASN n 
1 118 ASP n 
1 119 MET n 
1 120 THR n 
1 121 PRO n 
1 122 LYS n 
1 123 SER n 
1 124 LYS n 
1 125 LEU n 
1 126 GLY n 
1 127 LEU n 
1 128 ALA n 
1 129 PRO n 
1 130 ASN n 
1 131 LYS n 
1 132 PHE n 
1 133 PHE n 
1 134 MET n 
1 135 ALA n 
1 136 ILE n 
1 137 PRO n 
1 138 PHE n 
1 139 ILE n 
1 140 ARG n 
1 141 PRO n 
1 142 LEU n 
1 143 ARG n 
1 144 ASP n 
1 145 TRP n 
1 146 LEU n 
1 147 SER n 
1 148 ARG n 
1 149 ARG n 
1 150 PHE n 
1 151 GLY n 
1 152 ASP n 
1 153 SER n 
1 154 SER n 
1 155 ASP n 
1 156 SER n 
1 157 ASP n 
1 158 ASN n 
1 159 GLY n 
1 160 PHE n 
1 161 SER n 
1 162 SER n 
1 163 THR n 
1 164 GLY n 
1 165 SER n 
1 166 THR n 
1 167 PRO n 
# 
_entity_src_gen.entity_id                          1 
_entity_src_gen.pdbx_src_id                        1 
_entity_src_gen.pdbx_alt_source_flag               sample 
_entity_src_gen.pdbx_seq_type                      'Biological sequence' 
_entity_src_gen.pdbx_beg_seq_num                   1 
_entity_src_gen.pdbx_end_seq_num                   167 
_entity_src_gen.gene_src_common_name               Human 
_entity_src_gen.gene_src_genus                     ? 
_entity_src_gen.pdbx_gene_src_gene                 'DCP2, NUDT20' 
_entity_src_gen.gene_src_species                   ? 
_entity_src_gen.gene_src_strain                    ? 
_entity_src_gen.gene_src_tissue                    ? 
_entity_src_gen.gene_src_tissue_fraction           ? 
_entity_src_gen.gene_src_details                   ? 
_entity_src_gen.pdbx_gene_src_fragment             ? 
_entity_src_gen.pdbx_gene_src_scientific_name      'Homo sapiens' 
_entity_src_gen.pdbx_gene_src_ncbi_taxonomy_id     9606 
_entity_src_gen.pdbx_gene_src_variant              ? 
_entity_src_gen.pdbx_gene_src_cell_line            ? 
_entity_src_gen.pdbx_gene_src_atcc                 ? 
_entity_src_gen.pdbx_gene_src_organ                ? 
_entity_src_gen.pdbx_gene_src_organelle            ? 
_entity_src_gen.pdbx_gene_src_cell                 ? 
_entity_src_gen.pdbx_gene_src_cellular_location    ? 
_entity_src_gen.host_org_common_name               ? 
_entity_src_gen.pdbx_host_org_scientific_name      'Escherichia coli' 
_entity_src_gen.pdbx_host_org_ncbi_taxonomy_id     562 
_entity_src_gen.host_org_genus                     ? 
_entity_src_gen.pdbx_host_org_gene                 ? 
_entity_src_gen.pdbx_host_org_organ                ? 
_entity_src_gen.host_org_species                   ? 
_entity_src_gen.pdbx_host_org_tissue               ? 
_entity_src_gen.pdbx_host_org_tissue_fraction      ? 
_entity_src_gen.pdbx_host_org_strain               ? 
_entity_src_gen.pdbx_host_org_variant              ? 
_entity_src_gen.pdbx_host_org_cell_line            ? 
_entity_src_gen.pdbx_host_org_atcc                 ? 
_entity_src_gen.pdbx_host_org_culture_collection   ? 
_entity_src_gen.pdbx_host_org_cell                 ? 
_entity_src_gen.pdbx_host_org_organelle            ? 
_entity_src_gen.pdbx_host_org_cellular_location    ? 
_entity_src_gen.pdbx_host_org_vector_type          ? 
_entity_src_gen.pdbx_host_org_vector               ? 
_entity_src_gen.host_org_details                   ? 
_entity_src_gen.expression_system_id               ? 
_entity_src_gen.plasmid_name                       ? 
_entity_src_gen.plasmid_details                    ? 
_entity_src_gen.pdbx_description                   ? 
# 
loop_
_chem_comp.id 
_chem_comp.type 
_chem_comp.mon_nstd_flag 
_chem_comp.name 
_chem_comp.pdbx_synonyms 
_chem_comp.formula 
_chem_comp.formula_weight 
ACT non-polymer         . 'ACETATE ION'                             ?                 'C2 H3 O2 -1'    59.044  
ALA 'L-peptide linking' y ALANINE                                   ?                 'C3 H7 N O2'     89.093  
ARG 'L-peptide linking' y ARGININE                                  ?                 'C6 H15 N4 O2 1' 175.209 
ASN 'L-peptide linking' y ASPARAGINE                                ?                 'C4 H8 N2 O3'    132.118 
ASP 'L-peptide linking' y 'ASPARTIC ACID'                           ?                 'C4 H7 N O4'     133.103 
CYS 'L-peptide linking' y CYSTEINE                                  ?                 'C3 H7 N O2 S'   121.158 
DMS non-polymer         . 'DIMETHYL SULFOXIDE'                      ?                 'C2 H6 O S'      78.133  
EDO non-polymer         . 1,2-ETHANEDIOL                            'ETHYLENE GLYCOL' 'C2 H6 O2'       62.068  
GLN 'L-peptide linking' y GLUTAMINE                                 ?                 'C5 H10 N2 O3'   146.144 
GLU 'L-peptide linking' y 'GLUTAMIC ACID'                           ?                 'C5 H9 N O4'     147.129 
GLY 'peptide linking'   y GLYCINE                                   ?                 'C2 H5 N O2'     75.067  
HIS 'L-peptide linking' y HISTIDINE                                 ?                 'C6 H10 N3 O2 1' 156.162 
HOH non-polymer         . WATER                                     ?                 'H2 O'           18.015  
ILE 'L-peptide linking' y ISOLEUCINE                                ?                 'C6 H13 N O2'    131.173 
LDD non-polymer         . '(azepan-1-yl)(4-methoxyphenyl)methanone' ?                 'C14 H19 N O2'   233.306 
LEU 'L-peptide linking' y LEUCINE                                   ?                 'C6 H13 N O2'    131.173 
LYS 'L-peptide linking' y LYSINE                                    ?                 'C6 H15 N2 O2 1' 147.195 
MET 'L-peptide linking' y METHIONINE                                ?                 'C5 H11 N O2 S'  149.211 
PHE 'L-peptide linking' y PHENYLALANINE                             ?                 'C9 H11 N O2'    165.189 
PRO 'L-peptide linking' y PROLINE                                   ?                 'C5 H9 N O2'     115.130 
SER 'L-peptide linking' y SERINE                                    ?                 'C3 H7 N O3'     105.093 
THR 'L-peptide linking' y THREONINE                                 ?                 'C4 H9 N O3'     119.119 
TRP 'L-peptide linking' y TRYPTOPHAN                                ?                 'C11 H12 N2 O2'  204.225 
TYR 'L-peptide linking' y TYROSINE                                  ?                 'C9 H11 N O3'    181.189 
VAL 'L-peptide linking' y VALINE                                    ?                 'C5 H11 N O2'    117.146 
# 
loop_
_pdbx_poly_seq_scheme.asym_id 
_pdbx_poly_seq_scheme.entity_id 
_pdbx_poly_seq_scheme.seq_id 
_pdbx_poly_seq_scheme.mon_id 
_pdbx_poly_seq_scheme.ndb_seq_num 
_pdbx_poly_seq_scheme.pdb_seq_num 
_pdbx_poly_seq_scheme.auth_seq_num 
_pdbx_poly_seq_scheme.pdb_mon_id 
_pdbx_poly_seq_scheme.auth_mon_id 
_pdbx_poly_seq_scheme.pdb_strand_id 
_pdbx_poly_seq_scheme.pdb_ins_code 
_pdbx_poly_seq_scheme.hetero 
A 1 1   SER 1   94  ?   ?   ?   A . n 
A 1 2   MET 2   95  ?   ?   ?   A . n 
A 1 3   GLY 3   96  96  GLY GLY A . n 
A 1 4   VAL 4   97  97  VAL VAL A . n 
A 1 5   PRO 5   98  98  PRO PRO A . n 
A 1 6   THR 6   99  99  THR THR A . n 
A 1 7   TYR 7   100 100 TYR TYR A . n 
A 1 8   GLY 8   101 101 GLY GLY A . n 
A 1 9   ALA 9   102 102 ALA ALA A . n 
A 1 10  ILE 10  103 103 ILE ILE A . n 
A 1 11  ILE 11  104 104 ILE ILE A . n 
A 1 12  LEU 12  105 105 LEU LEU A . n 
A 1 13  ASP 13  106 106 ASP ASP A . n 
A 1 14  GLU 14  107 107 GLU GLU A . n 
A 1 15  THR 15  108 108 THR THR A . n 
A 1 16  LEU 16  109 109 LEU LEU A . n 
A 1 17  GLU 17  110 110 GLU GLU A . n 
A 1 18  ASN 18  111 111 ASN ASN A . n 
A 1 19  VAL 19  112 112 VAL VAL A . n 
A 1 20  LEU 20  113 113 LEU LEU A . n 
A 1 21  LEU 21  114 114 LEU LEU A . n 
A 1 22  VAL 22  115 115 VAL VAL A . n 
A 1 23  GLN 23  116 116 GLN GLN A . n 
A 1 24  GLY 24  117 117 GLY GLY A . n 
A 1 25  TYR 25  118 118 TYR TYR A . n 
A 1 26  LEU 26  119 119 LEU LEU A . n 
A 1 27  ALA 27  120 120 ALA ALA A . n 
A 1 28  LYS 28  121 121 LYS LYS A . n 
A 1 29  SER 29  122 122 SER SER A . n 
A 1 30  GLY 30  123 123 GLY GLY A . n 
A 1 31  TRP 31  124 124 TRP TRP A . n 
A 1 32  GLY 32  125 125 GLY GLY A . n 
A 1 33  PHE 33  126 126 PHE PHE A . n 
A 1 34  PRO 34  127 127 PRO PRO A . n 
A 1 35  LYS 35  128 128 LYS LYS A . n 
A 1 36  GLY 36  129 129 GLY GLY A . n 
A 1 37  LYS 37  130 130 LYS LYS A . n 
A 1 38  VAL 38  131 131 VAL VAL A . n 
A 1 39  ASN 39  132 132 ASN ASN A . n 
A 1 40  LYS 40  133 133 LYS LYS A . n 
A 1 41  GLU 41  134 134 GLU GLU A . n 
A 1 42  GLU 42  135 135 GLU GLU A . n 
A 1 43  ALA 43  136 136 ALA ALA A . n 
A 1 44  PRO 44  137 137 PRO PRO A . n 
A 1 45  HIS 45  138 138 HIS HIS A . n 
A 1 46  ASP 46  139 139 ASP ASP A . n 
A 1 47  CYS 47  140 140 CYS CYS A . n 
A 1 48  ALA 48  141 141 ALA ALA A . n 
A 1 49  ALA 49  142 142 ALA ALA A . n 
A 1 50  ARG 50  143 143 ARG ARG A . n 
A 1 51  GLU 51  144 144 GLU GLU A . n 
A 1 52  VAL 52  145 145 VAL VAL A . n 
A 1 53  PHE 53  146 146 PHE PHE A . n 
A 1 54  GLU 54  147 147 GLU GLU A . n 
A 1 55  GLU 55  148 148 GLU GLU A . n 
A 1 56  THR 56  149 149 THR THR A . n 
A 1 57  GLY 57  150 150 GLY GLY A . n 
A 1 58  PHE 58  151 151 PHE PHE A . n 
A 1 59  ASP 59  152 152 ASP ASP A . n 
A 1 60  ILE 60  153 153 ILE ILE A . n 
A 1 61  LYS 61  154 154 LYS LYS A . n 
A 1 62  ASP 62  155 155 ASP ASP A . n 
A 1 63  TYR 63  156 156 TYR TYR A . n 
A 1 64  ILE 64  157 157 ILE ILE A . n 
A 1 65  CYS 65  158 158 CYS CYS A . n 
A 1 66  LYS 66  159 159 LYS LYS A . n 
A 1 67  ASP 67  160 160 ASP ASP A . n 
A 1 68  ASP 68  161 161 ASP ASP A . n 
A 1 69  TYR 69  162 162 TYR TYR A . n 
A 1 70  ILE 70  163 163 ILE ILE A . n 
A 1 71  GLU 71  164 164 GLU GLU A . n 
A 1 72  LEU 72  165 165 LEU LEU A . n 
A 1 73  ARG 73  166 166 ARG ARG A . n 
A 1 74  ILE 74  167 167 ILE ILE A . n 
A 1 75  ASN 75  168 168 ASN ASN A . n 
A 1 76  ASP 76  169 169 ASP ASP A . n 
A 1 77  GLN 77  170 170 GLN GLN A . n 
A 1 78  LEU 78  171 171 LEU LEU A . n 
A 1 79  ALA 79  172 172 ALA ALA A . n 
A 1 80  ARG 80  173 173 ARG ARG A . n 
A 1 81  LEU 81  174 174 LEU LEU A . n 
A 1 82  TYR 82  175 175 TYR TYR A . n 
A 1 83  ILE 83  176 176 ILE ILE A . n 
A 1 84  ILE 84  177 177 ILE ILE A . n 
A 1 85  PRO 85  178 178 PRO PRO A . n 
A 1 86  GLY 86  179 179 GLY GLY A . n 
A 1 87  ILE 87  180 180 ILE ILE A . n 
A 1 88  PRO 88  181 181 PRO PRO A . n 
A 1 89  LYS 89  182 182 LYS LYS A . n 
A 1 90  ASP 90  183 183 ASP ASP A . n 
A 1 91  THR 91  184 184 THR THR A . n 
A 1 92  LYS 92  185 185 LYS LYS A . n 
A 1 93  PHE 93  186 186 PHE PHE A . n 
A 1 94  ASN 94  187 187 ASN ASN A . n 
A 1 95  PRO 95  188 188 PRO PRO A . n 
A 1 96  LYS 96  189 189 LYS LYS A . n 
A 1 97  THR 97  190 190 THR THR A . n 
A 1 98  ARG 98  191 191 ARG ARG A . n 
A 1 99  ARG 99  192 192 ARG ARG A . n 
A 1 100 GLU 100 193 193 GLU GLU A . n 
A 1 101 ILE 101 194 194 ILE ILE A . n 
A 1 102 ARG 102 195 195 ARG ARG A . n 
A 1 103 ASN 103 196 196 ASN ASN A . n 
A 1 104 ILE 104 197 197 ILE ILE A . n 
A 1 105 GLU 105 198 198 GLU GLU A . n 
A 1 106 TRP 106 199 199 TRP TRP A . n 
A 1 107 PHE 107 200 200 PHE PHE A . n 
A 1 108 SER 108 201 201 SER SER A . n 
A 1 109 ILE 109 202 202 ILE ILE A . n 
A 1 110 GLU 110 203 203 GLU GLU A . n 
A 1 111 LYS 111 204 204 LYS LYS A . n 
A 1 112 LEU 112 205 205 LEU LEU A . n 
A 1 113 PRO 113 206 206 PRO PRO A . n 
A 1 114 CYS 114 207 207 CYS CYS A . n 
A 1 115 HIS 115 208 208 HIS HIS A . n 
A 1 116 ARG 116 209 209 ARG ARG A . n 
A 1 117 ASN 117 210 210 ASN ASN A . n 
A 1 118 ASP 118 211 211 ASP ASP A . n 
A 1 119 MET 119 212 212 MET MET A . n 
A 1 120 THR 120 213 213 THR THR A . n 
A 1 121 PRO 121 214 214 PRO PRO A . n 
A 1 122 LYS 122 215 215 LYS LYS A . n 
A 1 123 SER 123 216 216 SER SER A . n 
A 1 124 LYS 124 217 217 LYS LYS A . n 
A 1 125 LEU 125 218 218 LEU LEU A . n 
A 1 126 GLY 126 219 219 GLY GLY A . n 
A 1 127 LEU 127 220 220 LEU LEU A . n 
A 1 128 ALA 128 221 221 ALA ALA A . n 
A 1 129 PRO 129 222 222 PRO PRO A . n 
A 1 130 ASN 130 223 223 ASN ASN A . n 
A 1 131 LYS 131 224 224 LYS LYS A . n 
A 1 132 PHE 132 225 225 PHE PHE A . n 
A 1 133 PHE 133 226 226 PHE PHE A . n 
A 1 134 MET 134 227 227 MET MET A . n 
A 1 135 ALA 135 228 228 ALA ALA A . n 
A 1 136 ILE 136 229 229 ILE ILE A . n 
A 1 137 PRO 137 230 230 PRO PRO A . n 
A 1 138 PHE 138 231 231 PHE PHE A . n 
A 1 139 ILE 139 232 232 ILE ILE A . n 
A 1 140 ARG 140 233 233 ARG ARG A . n 
A 1 141 PRO 141 234 234 PRO PRO A . n 
A 1 142 LEU 142 235 235 LEU LEU A . n 
A 1 143 ARG 143 236 236 ARG ARG A . n 
A 1 144 ASP 144 237 237 ASP ASP A . n 
A 1 145 TRP 145 238 238 TRP TRP A . n 
A 1 146 LEU 146 239 239 LEU LEU A . n 
A 1 147 SER 147 240 240 SER SER A . n 
A 1 148 ARG 148 241 241 ARG ARG A . n 
A 1 149 ARG 149 242 242 ARG ARG A . n 
A 1 150 PHE 150 243 243 PHE PHE A . n 
A 1 151 GLY 151 244 244 GLY GLY A . n 
A 1 152 ASP 152 245 ?   ?   ?   A . n 
A 1 153 SER 153 246 ?   ?   ?   A . n 
A 1 154 SER 154 247 ?   ?   ?   A . n 
A 1 155 ASP 155 248 ?   ?   ?   A . n 
A 1 156 SER 156 249 ?   ?   ?   A . n 
A 1 157 ASP 157 250 ?   ?   ?   A . n 
A 1 158 ASN 158 251 ?   ?   ?   A . n 
A 1 159 GLY 159 252 ?   ?   ?   A . n 
A 1 160 PHE 160 253 ?   ?   ?   A . n 
A 1 161 SER 161 254 ?   ?   ?   A . n 
A 1 162 SER 162 255 ?   ?   ?   A . n 
A 1 163 THR 163 256 ?   ?   ?   A . n 
A 1 164 GLY 164 257 ?   ?   ?   A . n 
A 1 165 SER 165 258 ?   ?   ?   A . n 
A 1 166 THR 166 259 ?   ?   ?   A . n 
A 1 167 PRO 167 260 ?   ?   ?   A . n 
# 
loop_
_pdbx_nonpoly_scheme.asym_id 
_pdbx_nonpoly_scheme.entity_id 
_pdbx_nonpoly_scheme.mon_id 
_pdbx_nonpoly_scheme.ndb_seq_num 
_pdbx_nonpoly_scheme.pdb_seq_num 
_pdbx_nonpoly_scheme.auth_seq_num 
_pdbx_nonpoly_scheme.pdb_mon_id 
_pdbx_nonpoly_scheme.auth_mon_id 
_pdbx_nonpoly_scheme.pdb_strand_id 
_pdbx_nonpoly_scheme.pdb_ins_code 
B 2 EDO 1  301 2   EDO EDO A . 
C 2 EDO 1  302 3   EDO EDO A . 
D 3 DMS 1  303 1   DMS DMS A . 
E 4 ACT 1  304 1   ACT ACT A . 
F 4 ACT 1  305 2   ACT ACT A . 
G 5 LDD 1  306 1   LDD LIG A . 
H 6 HOH 1  401 83  HOH HOH A . 
H 6 HOH 2  402 70  HOH HOH A . 
H 6 HOH 3  403 12  HOH HOH A . 
H 6 HOH 4  404 15  HOH HOH A . 
H 6 HOH 5  405 23  HOH HOH A . 
H 6 HOH 6  406 60  HOH HOH A . 
H 6 HOH 7  407 8   HOH HOH A . 
H 6 HOH 8  408 71  HOH HOH A . 
H 6 HOH 9  409 10  HOH HOH A . 
H 6 HOH 10 410 88  HOH HOH A . 
H 6 HOH 11 411 96  HOH HOH A . 
H 6 HOH 12 412 102 HOH HOH A . 
H 6 HOH 13 413 39  HOH HOH A . 
H 6 HOH 14 414 31  HOH HOH A . 
H 6 HOH 15 415 67  HOH HOH A . 
H 6 HOH 16 416 90  HOH HOH A . 
H 6 HOH 17 417 32  HOH HOH A . 
H 6 HOH 18 418 13  HOH HOH A . 
H 6 HOH 19 419 110 HOH HOH A . 
H 6 HOH 20 420 17  HOH HOH A . 
H 6 HOH 21 421 78  HOH HOH A . 
H 6 HOH 22 422 66  HOH HOH A . 
H 6 HOH 23 423 24  HOH HOH A . 
H 6 HOH 24 424 38  HOH HOH A . 
H 6 HOH 25 425 18  HOH HOH A . 
H 6 HOH 26 426 35  HOH HOH A . 
H 6 HOH 27 427 57  HOH HOH A . 
H 6 HOH 28 428 68  HOH HOH A . 
H 6 HOH 29 429 100 HOH HOH A . 
H 6 HOH 30 430 29  HOH HOH A . 
H 6 HOH 31 431 55  HOH HOH A . 
H 6 HOH 32 432 6   HOH HOH A . 
H 6 HOH 33 433 43  HOH HOH A . 
H 6 HOH 34 434 76  HOH HOH A . 
H 6 HOH 35 435 2   HOH HOH A . 
H 6 HOH 36 436 22  HOH HOH A . 
H 6 HOH 37 437 30  HOH HOH A . 
H 6 HOH 38 438 9   HOH HOH A . 
H 6 HOH 39 439 5   HOH HOH A . 
H 6 HOH 40 440 50  HOH HOH A . 
H 6 HOH 41 441 1   HOH HOH A . 
H 6 HOH 42 442 33  HOH HOH A . 
H 6 HOH 43 443 14  HOH HOH A . 
H 6 HOH 44 444 42  HOH HOH A . 
H 6 HOH 45 445 7   HOH HOH A . 
H 6 HOH 46 446 95  HOH HOH A . 
H 6 HOH 47 447 59  HOH HOH A . 
H 6 HOH 48 448 4   HOH HOH A . 
H 6 HOH 49 449 3   HOH HOH A . 
H 6 HOH 50 450 79  HOH HOH A . 
H 6 HOH 51 451 94  HOH HOH A . 
H 6 HOH 52 452 27  HOH HOH A . 
H 6 HOH 53 453 65  HOH HOH A . 
H 6 HOH 54 454 103 HOH HOH A . 
H 6 HOH 55 455 46  HOH HOH A . 
H 6 HOH 56 456 19  HOH HOH A . 
H 6 HOH 57 457 69  HOH HOH A . 
H 6 HOH 58 458 52  HOH HOH A . 
H 6 HOH 59 459 84  HOH HOH A . 
H 6 HOH 60 460 40  HOH HOH A . 
H 6 HOH 61 461 72  HOH HOH A . 
H 6 HOH 62 462 16  HOH HOH A . 
H 6 HOH 63 463 36  HOH HOH A . 
H 6 HOH 64 464 25  HOH HOH A . 
H 6 HOH 65 465 97  HOH HOH A . 
H 6 HOH 66 466 47  HOH HOH A . 
H 6 HOH 67 467 11  HOH HOH A . 
H 6 HOH 68 468 28  HOH HOH A . 
H 6 HOH 69 469 21  HOH HOH A . 
H 6 HOH 70 470 75  HOH HOH A . 
H 6 HOH 71 471 105 HOH HOH A . 
H 6 HOH 72 472 26  HOH HOH A . 
H 6 HOH 73 473 101 HOH HOH A . 
H 6 HOH 74 474 106 HOH HOH A . 
H 6 HOH 75 475 86  HOH HOH A . 
H 6 HOH 76 476 92  HOH HOH A . 
H 6 HOH 77 477 98  HOH HOH A . 
H 6 HOH 78 478 107 HOH HOH A . 
H 6 HOH 79 479 51  HOH HOH A . 
H 6 HOH 80 480 20  HOH HOH A . 
H 6 HOH 81 481 62  HOH HOH A . 
H 6 HOH 82 482 56  HOH HOH A . 
H 6 HOH 83 483 41  HOH HOH A . 
H 6 HOH 84 484 93  HOH HOH A . 
# 
loop_
_pdbx_unobs_or_zero_occ_atoms.id 
_pdbx_unobs_or_zero_occ_atoms.PDB_model_num 
_pdbx_unobs_or_zero_occ_atoms.polymer_flag 
_pdbx_unobs_or_zero_occ_atoms.occupancy_flag 
_pdbx_unobs_or_zero_occ_atoms.auth_asym_id 
_pdbx_unobs_or_zero_occ_atoms.auth_comp_id 
_pdbx_unobs_or_zero_occ_atoms.auth_seq_id 
_pdbx_unobs_or_zero_occ_atoms.PDB_ins_code 
_pdbx_unobs_or_zero_occ_atoms.auth_atom_id 
_pdbx_unobs_or_zero_occ_atoms.label_alt_id 
_pdbx_unobs_or_zero_occ_atoms.label_asym_id 
_pdbx_unobs_or_zero_occ_atoms.label_comp_id 
_pdbx_unobs_or_zero_occ_atoms.label_seq_id 
_pdbx_unobs_or_zero_occ_atoms.label_atom_id 
1  1 Y 1 A LYS 130 ? CE  ? A LYS 37  CE  
2  1 Y 1 A LYS 130 ? NZ  ? A LYS 37  NZ  
3  1 Y 1 A LYS 133 ? CG  ? A LYS 40  CG  
4  1 Y 1 A LYS 133 ? CD  ? A LYS 40  CD  
5  1 Y 1 A LYS 133 ? CE  ? A LYS 40  CE  
6  1 Y 1 A LYS 133 ? NZ  ? A LYS 40  NZ  
7  1 Y 1 A GLU 134 ? CG  ? A GLU 41  CG  
8  1 Y 1 A GLU 134 ? CD  ? A GLU 41  CD  
9  1 Y 1 A GLU 134 ? OE1 ? A GLU 41  OE1 
10 1 Y 1 A GLU 134 ? OE2 ? A GLU 41  OE2 
11 1 Y 1 A LYS 159 ? CD  ? A LYS 66  CD  
12 1 Y 1 A LYS 159 ? CE  ? A LYS 66  CE  
13 1 Y 1 A LYS 159 ? NZ  ? A LYS 66  NZ  
14 1 Y 1 A LYS 185 ? CE  ? A LYS 92  CE  
15 1 Y 1 A LYS 185 ? NZ  ? A LYS 92  NZ  
16 1 Y 1 A LYS 189 ? CG  ? A LYS 96  CG  
17 1 Y 1 A LYS 189 ? CD  ? A LYS 96  CD  
18 1 Y 1 A LYS 189 ? CE  ? A LYS 96  CE  
19 1 Y 1 A LYS 189 ? NZ  ? A LYS 96  NZ  
20 1 Y 1 A LYS 215 ? CD  ? A LYS 122 CD  
21 1 Y 1 A LYS 215 ? CE  ? A LYS 122 CE  
22 1 Y 1 A LYS 215 ? NZ  ? A LYS 122 NZ  
23 1 Y 1 A LYS 217 ? CE  ? A LYS 124 CE  
24 1 Y 1 A LYS 217 ? NZ  ? A LYS 124 NZ  
25 1 Y 1 A ARG 241 ? CD  ? A ARG 148 CD  
26 1 Y 1 A ARG 241 ? NE  ? A ARG 148 NE  
27 1 Y 1 A ARG 241 ? CZ  ? A ARG 148 CZ  
28 1 Y 1 A ARG 241 ? NH1 ? A ARG 148 NH1 
29 1 Y 1 A ARG 241 ? NH2 ? A ARG 148 NH2 
# 
loop_
_software.pdbx_ordinal 
_software.name 
_software.version 
_software.date 
_software.type 
_software.contact_author 
_software.contact_author_email 
_software.classification 
_software.location 
_software.language 
_software.citation_id 
1 REFMAC      5.8.0158 ?               program 'Garib N. Murshudov' garib@ysbl.york.ac.uk    refinement        
http://www.ccp4.ac.uk/dist/html/refmac5.html        Fortran_77 ? 
2 Aimless     0.5.31   12/12/16        program 'Phil Evans'         ?                        'data scaling'    
http://www.mrc-lmb.cam.ac.uk/harry/pre/aimless.html ?          ? 
3 PDB_EXTRACT 3.23     'SEP. 23, 2016' package PDB                  deposit@deposit.rcsb.org 'data extraction' 
http://sw-tools.pdb.org/apps/PDB_EXTRACT/           C++        ? 
4 XDS         .        ?               program ?                    ?                        'data reduction'  ? ?          ? 
5 REFMAC      .        ?               program ?                    ?                        phasing           ? ?          ? 
# 
_cell.entry_id           5QOP 
_cell.length_a           49.213 
_cell.length_b           61.097 
_cell.length_c           65.856 
_cell.angle_alpha        90.000 
_cell.angle_beta         90.000 
_cell.angle_gamma        90.000 
_cell.Z_PDB              4 
_cell.pdbx_unique_axis   ? 
# 
_symmetry.entry_id                         5QOP 
_symmetry.space_group_name_H-M             'P 21 21 21' 
_symmetry.pdbx_full_space_group_name_H-M   ? 
_symmetry.cell_setting                     ? 
_symmetry.Int_Tables_number                19 
# 
_exptl.crystals_number   1 
_exptl.entry_id          5QOP 
_exptl.method            'X-RAY DIFFRACTION' 
# 
_exptl_crystal.id                    1 
_exptl_crystal.pdbx_mosaicity        0.090 
_exptl_crystal.pdbx_mosaicity_esd    ? 
_exptl_crystal.density_Matthews      2.60 
_exptl_crystal.density_diffrn        ? 
_exptl_crystal.density_meas          ? 
_exptl_crystal.density_meas_temp     ? 
_exptl_crystal.density_percent_sol   52.61 
_exptl_crystal.size_max              ? 
_exptl_crystal.size_mid              ? 
_exptl_crystal.size_min              ? 
_exptl_crystal.size_rad              ? 
_exptl_crystal.description           ? 
# 
_exptl_crystal_grow.crystal_id      1 
_exptl_crystal_grow.method          'VAPOR DIFFUSION, SITTING DROP' 
_exptl_crystal_grow.pH              4.5 
_exptl_crystal_grow.temp            277 
_exptl_crystal_grow.pdbx_details    '0.1 M acetate, pH 4.5, 5-25% PEG3350' 
_exptl_crystal_grow.temp_details    ? 
_exptl_crystal_grow.pdbx_pH_range   ? 
# 
_diffrn.id                     1 
_diffrn.ambient_temp           ? 
_diffrn.crystal_id             1 
_diffrn.ambient_temp_details   ? 
# 
_diffrn_detector.detector               PIXEL 
_diffrn_detector.type                   'DECTRIS PILATUS 2M' 
_diffrn_detector.pdbx_collection_date   2017-05-25 
_diffrn_detector.diffrn_id              1 
_diffrn_detector.details                ? 
# 
_diffrn_radiation.diffrn_id                        1 
_diffrn_radiation.wavelength_id                    1 
_diffrn_radiation.pdbx_diffrn_protocol             'SINGLE WAVELENGTH' 
_diffrn_radiation.pdbx_monochromatic_or_laue_m_l   ? 
_diffrn_radiation.monochromator                    ? 
_diffrn_radiation.pdbx_scattering_type             x-ray 
# 
_diffrn_radiation_wavelength.id           1 
_diffrn_radiation_wavelength.wavelength   0.92819 
_diffrn_radiation_wavelength.wt           1.0 
# 
_diffrn_source.diffrn_id                   1 
_diffrn_source.source                      SYNCHROTRON 
_diffrn_source.type                        'DIAMOND BEAMLINE I04-1' 
_diffrn_source.pdbx_wavelength_list        0.92819 
_diffrn_source.pdbx_synchrotron_site       Diamond 
_diffrn_source.pdbx_synchrotron_beamline   I04-1 
_diffrn_source.pdbx_wavelength             ? 
# 
_reflns.entry_id                     5QOP 
_reflns.pdbx_diffrn_id               1 
_reflns.pdbx_ordinal                 1 
_reflns.observed_criterion_sigma_I   ? 
_reflns.observed_criterion_sigma_F   ? 
_reflns.d_resolution_low             28.990 
_reflns.d_resolution_high            1.860 
_reflns.number_obs                   16831 
_reflns.number_all                   ? 
_reflns.percent_possible_obs         98.000 
_reflns.pdbx_Rmerge_I_obs            0.065 
_reflns.pdbx_Rsym_value              ? 
_reflns.pdbx_netI_over_sigmaI        18.600 
_reflns.B_iso_Wilson_estimate        ? 
_reflns.pdbx_redundancy              6.700 
_reflns.pdbx_Rrim_I_all              0.071 
_reflns.pdbx_Rpim_I_all              0.027 
_reflns.pdbx_CC_half                 0.999 
_reflns.pdbx_netI_over_av_sigmaI     ? 
_reflns.pdbx_number_measured_all     111998 
_reflns.pdbx_scaling_rejects         0 
_reflns.pdbx_chi_squared             ? 
_reflns.Rmerge_F_all                 ? 
_reflns.Rmerge_F_obs                 ? 
_reflns.observed_criterion_F_max     ? 
_reflns.observed_criterion_F_min     ? 
_reflns.observed_criterion_I_max     ? 
_reflns.observed_criterion_I_min     ? 
_reflns.pdbx_d_res_high_opt          ? 
_reflns.pdbx_d_res_low_opt           ? 
_reflns.details                      ? 
# 
loop_
_reflns_shell.pdbx_diffrn_id 
_reflns_shell.pdbx_ordinal 
_reflns_shell.d_res_high 
_reflns_shell.d_res_low 
_reflns_shell.number_measured_obs 
_reflns_shell.number_measured_all 
_reflns_shell.number_unique_obs 
_reflns_shell.pdbx_rejects 
_reflns_shell.Rmerge_I_obs 
_reflns_shell.meanI_over_sigI_obs 
_reflns_shell.pdbx_Rsym_value 
_reflns_shell.pdbx_chi_squared 
_reflns_shell.pdbx_redundancy 
_reflns_shell.percent_possible_obs 
_reflns_shell.pdbx_netI_over_sigmaI_obs 
_reflns_shell.number_possible 
_reflns_shell.number_unique_all 
_reflns_shell.Rmerge_F_all 
_reflns_shell.Rmerge_F_obs 
_reflns_shell.Rmerge_I_all 
_reflns_shell.meanI_over_sigI_all 
_reflns_shell.percent_possible_all 
_reflns_shell.pdbx_Rrim_I_all 
_reflns_shell.pdbx_Rpim_I_all 
_reflns_shell.pdbx_CC_half 
1 1 1.860 1.910  ? 8448 ? ? 0.777 ? ? ? 7.000 ? 2.500  ? 1210 ? ? ? ? 95.900 0.839 0.314 0.839 
1 2 8.330 28.990 ? 1306 ? ? 0.017 ? ? ? 5.900 ? 75.900 ? 223  ? ? ? ? 96.100 0.018 0.007 1.000 
# 
_refine.entry_id                                 5QOP 
_refine.pdbx_refine_id                           'X-RAY DIFFRACTION' 
_refine.ls_d_res_high                            1.8600 
_refine.ls_d_res_low                             44.8300 
_refine.pdbx_ls_sigma_F                          0.000 
_refine.pdbx_data_cutoff_high_absF               ? 
_refine.pdbx_data_cutoff_low_absF                ? 
_refine.ls_percent_reflns_obs                    97.4200 
_refine.ls_number_reflns_obs                     15967 
_refine.ls_number_reflns_all                     ? 
_refine.pdbx_ls_cross_valid_method               THROUGHOUT 
_refine.ls_matrix_type                           ? 
_refine.pdbx_R_Free_selection_details            RANDOM 
_refine.details                                  
'HYDROGENS HAVE BEEN ADDED IN THE RIDING POSITIONS U VALUES : REFINED INDIVIDUALLY' 
_refine.ls_R_factor_all                          ? 
_refine.ls_R_factor_obs                          0.2009 
_refine.ls_R_factor_R_work                       0.1987 
_refine.ls_wR_factor_R_work                      ? 
_refine.ls_R_factor_R_free                       0.2473 
_refine.ls_wR_factor_R_free                      ? 
_refine.ls_percent_reflns_R_free                 4.8000 
_refine.ls_number_reflns_R_free                  802 
_refine.ls_number_reflns_R_work                  ? 
_refine.ls_R_factor_R_free_error                 ? 
_refine.B_iso_mean                               33.7690 
_refine.solvent_model_param_bsol                 ? 
_refine.solvent_model_param_ksol                 ? 
_refine.pdbx_isotropic_thermal_model             ? 
_refine.aniso_B[1][1]                            1.4500 
_refine.aniso_B[2][2]                            -1.5400 
_refine.aniso_B[3][3]                            0.0900 
_refine.aniso_B[1][2]                            0.0000 
_refine.aniso_B[1][3]                            -0.0000 
_refine.aniso_B[2][3]                            0.0000 
_refine.correlation_coeff_Fo_to_Fc               0.9570 
_refine.correlation_coeff_Fo_to_Fc_free          0.9200 
_refine.overall_SU_R_Cruickshank_DPI             ? 
_refine.pdbx_overall_SU_R_free_Cruickshank_DPI   ? 
_refine.pdbx_overall_SU_R_Blow_DPI               ? 
_refine.pdbx_overall_SU_R_free_Blow_DPI          ? 
_refine.overall_SU_R_free                        ? 
_refine.pdbx_overall_ESU_R                       0.1540 
_refine.pdbx_overall_ESU_R_Free                  0.1490 
_refine.overall_SU_ML                            0.1120 
_refine.overall_SU_B                             3.8490 
_refine.solvent_model_details                    MASK 
_refine.pdbx_solvent_vdw_probe_radii             1.2000 
_refine.pdbx_solvent_ion_probe_radii             0.8000 
_refine.pdbx_solvent_shrinkage_radii             0.8000 
_refine.ls_number_parameters                     ? 
_refine.ls_number_restraints                     ? 
_refine.pdbx_starting_model                      'PDB entry 5MP0' 
_refine.pdbx_method_to_determine_struct          'FOURIER SYNTHESIS' 
_refine.pdbx_stereochemistry_target_values       'MAXIMUM LIKELIHOOD' 
_refine.pdbx_stereochem_target_val_spec_case     ? 
_refine.overall_FOM_work_R_set                   ? 
_refine.B_iso_max                                88.500 
_refine.B_iso_min                                14.840 
_refine.pdbx_overall_phase_error                 ? 
_refine.occupancy_max                            ? 
_refine.occupancy_min                            ? 
_refine.pdbx_diffrn_id                           1 
_refine.pdbx_TLS_residual_ADP_flag               ? 
_refine.pdbx_ls_sigma_I                          ? 
_refine.pdbx_data_cutoff_high_rms_absF           ? 
_refine.ls_R_factor_R_free_error_details         ? 
# 
_refine_hist.cycle_id                         final 
_refine_hist.pdbx_refine_id                   'X-RAY DIFFRACTION' 
_refine_hist.d_res_high                       1.8600 
_refine_hist.d_res_low                        44.8300 
_refine_hist.pdbx_number_atoms_ligand         37 
_refine_hist.number_atoms_solvent             84 
_refine_hist.number_atoms_total               1312 
_refine_hist.pdbx_number_residues_total       149 
_refine_hist.pdbx_B_iso_mean_ligand           48.64 
_refine_hist.pdbx_B_iso_mean_solvent          38.44 
_refine_hist.pdbx_number_atoms_protein        1191 
_refine_hist.pdbx_number_atoms_nucleic_acid   0 
# 
loop_
_refine_ls_restr.pdbx_refine_id 
_refine_ls_restr.type 
_refine_ls_restr.number 
_refine_ls_restr.dev_ideal 
_refine_ls_restr.dev_ideal_target 
_refine_ls_restr.weight 
_refine_ls_restr.pdbx_restraint_function 
'X-RAY DIFFRACTION' r_bond_refined_d       1768 0.019  0.019  ? ? 
'X-RAY DIFFRACTION' r_bond_other_d         1430 0.002  0.020  ? ? 
'X-RAY DIFFRACTION' r_angle_refined_deg    2076 1.965  1.967  ? ? 
'X-RAY DIFFRACTION' r_angle_other_deg      3305 1.093  2.960  ? ? 
'X-RAY DIFFRACTION' r_dihedral_angle_1_deg 190  6.654  5.000  ? ? 
'X-RAY DIFFRACTION' r_dihedral_angle_2_deg 75   29.132 21.467 ? ? 
'X-RAY DIFFRACTION' r_dihedral_angle_3_deg 251  16.364 15.000 ? ? 
'X-RAY DIFFRACTION' r_dihedral_angle_4_deg 19   20.759 15.000 ? ? 
'X-RAY DIFFRACTION' r_chiral_restr         205  0.122  0.200  ? ? 
'X-RAY DIFFRACTION' r_gen_planes_refined   1770 0.011  0.021  ? ? 
'X-RAY DIFFRACTION' r_gen_planes_other     365  0.002  0.020  ? ? 
'X-RAY DIFFRACTION' r_mcbond_it            817  3.196  3.267  ? ? 
'X-RAY DIFFRACTION' r_mcbond_other         804  3.092  3.219  ? ? 
'X-RAY DIFFRACTION' r_mcangle_it           916  4.862  4.649  ? ? 
# 
_refine_ls_shell.d_res_high                       1.8620 
_refine_ls_shell.d_res_low                        1.9100 
_refine_ls_shell.pdbx_total_number_of_bins_used   20 
_refine_ls_shell.percent_reflns_obs               95.3400 
_refine_ls_shell.number_reflns_R_work             1153 
_refine_ls_shell.R_factor_all                     ? 
_refine_ls_shell.R_factor_R_work                  0.2660 
_refine_ls_shell.R_factor_R_free                  0.2810 
_refine_ls_shell.percent_reflns_R_free            ? 
_refine_ls_shell.number_reflns_R_free             54 
_refine_ls_shell.R_factor_R_free_error            ? 
_refine_ls_shell.number_reflns_all                1207 
_refine_ls_shell.number_reflns_obs                ? 
_refine_ls_shell.pdbx_refine_id                   'X-RAY DIFFRACTION' 
# 
_struct.entry_id                  5QOP 
_struct.title                     
'PanDDA analysis group deposition -- Crystal Structure of DCP2 (NUDT20) in complex with NUOOA000023a' 
_struct.pdbx_model_details        ? 
_struct.pdbx_CASP_flag            ? 
_struct.pdbx_model_type_details   ? 
# 
_struct_keywords.entry_id        5QOP 
_struct_keywords.text            'SGC - Diamond I04-1 fragment screening, PanDDA, XChemExplorer, HYDROLASE' 
_struct_keywords.pdbx_keywords   HYDROLASE 
# 
loop_
_struct_asym.id 
_struct_asym.pdbx_blank_PDB_chainid_flag 
_struct_asym.pdbx_modified 
_struct_asym.entity_id 
_struct_asym.details 
A N N 1 ? 
B N N 2 ? 
C N N 2 ? 
D N N 3 ? 
E N N 4 ? 
F N N 4 ? 
G N N 5 ? 
H N N 6 ? 
# 
_struct_ref.id                         1 
_struct_ref.db_name                    UNP 
_struct_ref.db_code                    DCP2_HUMAN 
_struct_ref.pdbx_db_accession          Q8IU60 
_struct_ref.pdbx_db_isoform            ? 
_struct_ref.entity_id                  1 
_struct_ref.pdbx_seq_one_letter_code   
;MGVPTYGAIILDETLENVLLVQGYLAKSGWGFPKGKVNKEEAPHDCAAREVFEETGFDIKDYICKDDYIELRINDQLARL
YIIPGIPKDTKFNPKTRREIRNIEWFSIEKLPCHRNDMTPKSKLGLAPNKFFMAIPFIRPLRDWLSRRFGDSSDSDNGFS
STGSTP
;
_struct_ref.pdbx_align_begin           95 
# 
_struct_ref_seq.align_id                      1 
_struct_ref_seq.ref_id                        1 
_struct_ref_seq.pdbx_PDB_id_code              5QOP 
_struct_ref_seq.pdbx_strand_id                A 
_struct_ref_seq.seq_align_beg                 2 
_struct_ref_seq.pdbx_seq_align_beg_ins_code   ? 
_struct_ref_seq.seq_align_end                 167 
_struct_ref_seq.pdbx_seq_align_end_ins_code   ? 
_struct_ref_seq.pdbx_db_accession             Q8IU60 
_struct_ref_seq.db_align_beg                  95 
_struct_ref_seq.pdbx_db_align_beg_ins_code    ? 
_struct_ref_seq.db_align_end                  260 
_struct_ref_seq.pdbx_db_align_end_ins_code    ? 
_struct_ref_seq.pdbx_auth_seq_align_beg       95 
_struct_ref_seq.pdbx_auth_seq_align_end       260 
# 
_struct_ref_seq_dif.align_id                     1 
_struct_ref_seq_dif.pdbx_pdb_id_code             5QOP 
_struct_ref_seq_dif.mon_id                       SER 
_struct_ref_seq_dif.pdbx_pdb_strand_id           A 
_struct_ref_seq_dif.seq_num                      1 
_struct_ref_seq_dif.pdbx_pdb_ins_code            ? 
_struct_ref_seq_dif.pdbx_seq_db_name             UNP 
_struct_ref_seq_dif.pdbx_seq_db_accession_code   Q8IU60 
_struct_ref_seq_dif.db_mon_id                    ? 
_struct_ref_seq_dif.pdbx_seq_db_seq_num          ? 
_struct_ref_seq_dif.details                      'expression tag' 
_struct_ref_seq_dif.pdbx_auth_seq_num            94 
_struct_ref_seq_dif.pdbx_ordinal                 1 
# 
_pdbx_struct_assembly.id                   1 
_pdbx_struct_assembly.details              author_and_software_defined_assembly 
_pdbx_struct_assembly.method_details       PISA 
_pdbx_struct_assembly.oligomeric_details   monomeric 
_pdbx_struct_assembly.oligomeric_count     1 
# 
loop_
_pdbx_struct_assembly_prop.biol_id 
_pdbx_struct_assembly_prop.type 
_pdbx_struct_assembly_prop.value 
_pdbx_struct_assembly_prop.details 
1 'ABSA (A^2)' 840  ? 
1 MORE         4    ? 
1 'SSA (A^2)'  8720 ? 
# 
_pdbx_struct_assembly_gen.assembly_id       1 
_pdbx_struct_assembly_gen.oper_expression   1 
_pdbx_struct_assembly_gen.asym_id_list      A,B,C,D,E,F,G,H 
# 
_pdbx_struct_oper_list.id                   1 
_pdbx_struct_oper_list.type                 'identity operation' 
_pdbx_struct_oper_list.name                 1_555 
_pdbx_struct_oper_list.symmetry_operation   x,y,z 
_pdbx_struct_oper_list.matrix[1][1]         1.0000000000 
_pdbx_struct_oper_list.matrix[1][2]         0.0000000000 
_pdbx_struct_oper_list.matrix[1][3]         0.0000000000 
_pdbx_struct_oper_list.vector[1]            0.0000000000 
_pdbx_struct_oper_list.matrix[2][1]         0.0000000000 
_pdbx_struct_oper_list.matrix[2][2]         1.0000000000 
_pdbx_struct_oper_list.matrix[2][3]         0.0000000000 
_pdbx_struct_oper_list.vector[2]            0.0000000000 
_pdbx_struct_oper_list.matrix[3][1]         0.0000000000 
_pdbx_struct_oper_list.matrix[3][2]         0.0000000000 
_pdbx_struct_oper_list.matrix[3][3]         1.0000000000 
_pdbx_struct_oper_list.vector[3]            0.0000000000 
# 
loop_
_struct_conf.conf_type_id 
_struct_conf.id 
_struct_conf.pdbx_PDB_helix_id 
_struct_conf.beg_label_comp_id 
_struct_conf.beg_label_asym_id 
_struct_conf.beg_label_seq_id 
_struct_conf.pdbx_beg_PDB_ins_code 
_struct_conf.end_label_comp_id 
_struct_conf.end_label_asym_id 
_struct_conf.end_label_seq_id 
_struct_conf.pdbx_end_PDB_ins_code 
_struct_conf.beg_auth_comp_id 
_struct_conf.beg_auth_asym_id 
_struct_conf.beg_auth_seq_id 
_struct_conf.end_auth_comp_id 
_struct_conf.end_auth_asym_id 
_struct_conf.end_auth_seq_id 
_struct_conf.pdbx_PDB_helix_class 
_struct_conf.details 
_struct_conf.pdbx_PDB_helix_length 
HELX_P HELX_P1 AA1 LEU A 26  ? SER A 29  ? LEU A 119 SER A 122 5 ? 4  
HELX_P HELX_P2 AA2 ALA A 43  ? GLY A 57  ? ALA A 136 GLY A 150 1 ? 15 
HELX_P HELX_P3 AA3 GLU A 110 ? LEU A 112 ? GLU A 203 LEU A 205 5 ? 3  
HELX_P HELX_P4 AA4 THR A 120 ? SER A 123 ? THR A 213 SER A 216 5 ? 4  
HELX_P HELX_P5 AA5 ALA A 135 ? PRO A 137 ? ALA A 228 PRO A 230 5 ? 3  
HELX_P HELX_P6 AA6 PHE A 138 ? GLY A 151 ? PHE A 231 GLY A 244 1 ? 14 
# 
_struct_conf_type.id          HELX_P 
_struct_conf_type.criteria    ? 
_struct_conf_type.reference   ? 
# 
loop_
_struct_sheet.id 
_struct_sheet.type 
_struct_sheet.number_strands 
_struct_sheet.details 
AA1 ? 4 ? 
AA2 ? 3 ? 
AA3 ? 2 ? 
# 
loop_
_struct_sheet_order.sheet_id 
_struct_sheet_order.range_id_1 
_struct_sheet_order.range_id_2 
_struct_sheet_order.offset 
_struct_sheet_order.sense 
AA1 1 2 ? anti-parallel 
AA1 2 3 ? parallel      
AA1 3 4 ? anti-parallel 
AA2 1 2 ? anti-parallel 
AA2 2 3 ? anti-parallel 
AA3 1 2 ? anti-parallel 
# 
loop_
_struct_sheet_range.sheet_id 
_struct_sheet_range.id 
_struct_sheet_range.beg_label_comp_id 
_struct_sheet_range.beg_label_asym_id 
_struct_sheet_range.beg_label_seq_id 
_struct_sheet_range.pdbx_beg_PDB_ins_code 
_struct_sheet_range.end_label_comp_id 
_struct_sheet_range.end_label_asym_id 
_struct_sheet_range.end_label_seq_id 
_struct_sheet_range.pdbx_end_PDB_ins_code 
_struct_sheet_range.beg_auth_comp_id 
_struct_sheet_range.beg_auth_asym_id 
_struct_sheet_range.beg_auth_seq_id 
_struct_sheet_range.end_auth_comp_id 
_struct_sheet_range.end_auth_asym_id 
_struct_sheet_range.end_auth_seq_id 
AA1 1 LYS A 35  ? LYS A 37  ? LYS A 128 LYS A 130 
AA1 2 THR A 6   ? ILE A 11  ? THR A 99  ILE A 104 
AA1 3 GLN A 77  ? ILE A 84  ? GLN A 170 ILE A 177 
AA1 4 TYR A 69  ? ILE A 74  ? TYR A 162 ILE A 167 
AA2 1 TRP A 31  ? GLY A 32  ? TRP A 124 GLY A 125 
AA2 2 ASN A 18  ? GLY A 24  ? ASN A 111 GLY A 117 
AA2 3 ILE A 101 ? SER A 108 ? ILE A 194 SER A 201 
AA3 1 ASP A 118 ? MET A 119 ? ASP A 211 MET A 212 
AA3 2 LYS A 124 ? LEU A 127 ? LYS A 217 LEU A 220 
# 
loop_
_pdbx_struct_sheet_hbond.sheet_id 
_pdbx_struct_sheet_hbond.range_id_1 
_pdbx_struct_sheet_hbond.range_id_2 
_pdbx_struct_sheet_hbond.range_1_label_atom_id 
_pdbx_struct_sheet_hbond.range_1_label_comp_id 
_pdbx_struct_sheet_hbond.range_1_label_asym_id 
_pdbx_struct_sheet_hbond.range_1_label_seq_id 
_pdbx_struct_sheet_hbond.range_1_PDB_ins_code 
_pdbx_struct_sheet_hbond.range_1_auth_atom_id 
_pdbx_struct_sheet_hbond.range_1_auth_comp_id 
_pdbx_struct_sheet_hbond.range_1_auth_asym_id 
_pdbx_struct_sheet_hbond.range_1_auth_seq_id 
_pdbx_struct_sheet_hbond.range_2_label_atom_id 
_pdbx_struct_sheet_hbond.range_2_label_comp_id 
_pdbx_struct_sheet_hbond.range_2_label_asym_id 
_pdbx_struct_sheet_hbond.range_2_label_seq_id 
_pdbx_struct_sheet_hbond.range_2_PDB_ins_code 
_pdbx_struct_sheet_hbond.range_2_auth_atom_id 
_pdbx_struct_sheet_hbond.range_2_auth_comp_id 
_pdbx_struct_sheet_hbond.range_2_auth_asym_id 
_pdbx_struct_sheet_hbond.range_2_auth_seq_id 
AA1 1 2 O GLY A 36  ? O GLY A 129 N TYR A 7   ? N TYR A 100 
AA1 2 3 N ILE A 10  ? N ILE A 103 O ILE A 84  ? O ILE A 177 
AA1 3 4 O LEU A 81  ? O LEU A 174 N ILE A 70  ? N ILE A 163 
AA2 1 2 O GLY A 32  ? O GLY A 125 N VAL A 22  ? N VAL A 115 
AA2 2 3 N LEU A 21  ? N LEU A 114 O GLU A 105 ? O GLU A 198 
AA3 1 2 O MET A 119 ? O MET A 212 N LYS A 124 ? N LYS A 217 
# 
loop_
_struct_site.id 
_struct_site.pdbx_evidence_code 
_struct_site.pdbx_auth_asym_id 
_struct_site.pdbx_auth_comp_id 
_struct_site.pdbx_auth_seq_id 
_struct_site.pdbx_auth_ins_code 
_struct_site.pdbx_num_residues 
_struct_site.details 
AC1 Software A EDO 301 ? 3 'binding site for residue EDO A 301' 
AC2 Software A EDO 302 ? 4 'binding site for residue EDO A 302' 
AC3 Software A DMS 303 ? 2 'binding site for residue DMS A 303' 
AC4 Software A ACT 304 ? 3 'binding site for residue ACT A 304' 
AC5 Software A ACT 305 ? 4 'binding site for residue ACT A 305' 
AC6 Software A LDD 306 ? 5 'binding site for residue LDD A 306' 
# 
loop_
_struct_site_gen.id 
_struct_site_gen.site_id 
_struct_site_gen.pdbx_num_res 
_struct_site_gen.label_comp_id 
_struct_site_gen.label_asym_id 
_struct_site_gen.label_seq_id 
_struct_site_gen.pdbx_auth_ins_code 
_struct_site_gen.auth_comp_id 
_struct_site_gen.auth_asym_id 
_struct_site_gen.auth_seq_id 
_struct_site_gen.label_atom_id 
_struct_site_gen.label_alt_id 
_struct_site_gen.symmetry 
_struct_site_gen.details 
1  AC1 3 PHE A 53  ? PHE A 146 . ? 1_555 ? 
2  AC1 3 ASP A 59  ? ASP A 152 . ? 1_555 ? 
3  AC1 3 LYS A 61  ? LYS A 154 . ? 1_555 ? 
4  AC2 4 ASN A 130 ? ASN A 223 . ? 1_555 ? 
5  AC2 4 LYS A 131 ? LYS A 224 . ? 1_555 ? 
6  AC2 4 ACT F .   ? ACT A 305 . ? 1_555 ? 
7  AC2 4 HOH H .   ? HOH A 456 . ? 1_555 ? 
8  AC3 2 ASN A 18  ? ASN A 111 . ? 1_555 ? 
9  AC3 2 TRP A 106 ? TRP A 199 . ? 1_555 ? 
10 AC4 3 SER A 29  ? SER A 122 . ? 1_555 ? 
11 AC4 3 TYR A 63  ? TYR A 156 . ? 3_357 ? 
12 AC4 3 HOH H .   ? HOH A 428 . ? 1_555 ? 
13 AC5 4 ARG A 116 ? ARG A 209 . ? 1_555 ? 
14 AC5 4 ASN A 130 ? ASN A 223 . ? 1_555 ? 
15 AC5 4 PHE A 133 ? PHE A 226 . ? 1_555 ? 
16 AC5 4 EDO C .   ? EDO A 302 . ? 1_555 ? 
17 AC6 5 LYS A 28  ? LYS A 121 . ? 1_555 ? 
18 AC6 5 LYS A 35  ? LYS A 128 . ? 1_555 ? 
19 AC6 5 GLU A 55  ? GLU A 148 . ? 1_555 ? 
20 AC6 5 GLN A 77  ? GLN A 170 . ? 1_555 ? 
21 AC6 5 HOH H .   ? HOH A 417 . ? 1_555 ? 
# 
loop_
_pdbx_validate_rmsd_angle.id 
_pdbx_validate_rmsd_angle.PDB_model_num 
_pdbx_validate_rmsd_angle.auth_atom_id_1 
_pdbx_validate_rmsd_angle.auth_asym_id_1 
_pdbx_validate_rmsd_angle.auth_comp_id_1 
_pdbx_validate_rmsd_angle.auth_seq_id_1 
_pdbx_validate_rmsd_angle.PDB_ins_code_1 
_pdbx_validate_rmsd_angle.label_alt_id_1 
_pdbx_validate_rmsd_angle.auth_atom_id_2 
_pdbx_validate_rmsd_angle.auth_asym_id_2 
_pdbx_validate_rmsd_angle.auth_comp_id_2 
_pdbx_validate_rmsd_angle.auth_seq_id_2 
_pdbx_validate_rmsd_angle.PDB_ins_code_2 
_pdbx_validate_rmsd_angle.label_alt_id_2 
_pdbx_validate_rmsd_angle.auth_atom_id_3 
_pdbx_validate_rmsd_angle.auth_asym_id_3 
_pdbx_validate_rmsd_angle.auth_comp_id_3 
_pdbx_validate_rmsd_angle.auth_seq_id_3 
_pdbx_validate_rmsd_angle.PDB_ins_code_3 
_pdbx_validate_rmsd_angle.label_alt_id_3 
_pdbx_validate_rmsd_angle.angle_value 
_pdbx_validate_rmsd_angle.angle_target_value 
_pdbx_validate_rmsd_angle.angle_deviation 
_pdbx_validate_rmsd_angle.angle_standard_deviation 
_pdbx_validate_rmsd_angle.linker_flag 
1 1 CB A ASP 152 ? ? CG A ASP 152 ? ? OD1 A ASP 152 ? ? 124.06 118.30 5.76 0.90 N 
2 1 NE A ARG 166 ? ? CZ A ARG 166 ? ? NH1 A ARG 166 ? ? 123.53 120.30 3.23 0.50 N 
3 1 CB A ASP 183 ? ? CG A ASP 183 ? ? OD1 A ASP 183 ? ? 124.54 118.30 6.24 0.90 N 
# 
_pdbx_validate_torsion.id              1 
_pdbx_validate_torsion.PDB_model_num   1 
_pdbx_validate_torsion.auth_comp_id    LEU 
_pdbx_validate_torsion.auth_asym_id    A 
_pdbx_validate_torsion.auth_seq_id     119 
_pdbx_validate_torsion.PDB_ins_code    ? 
_pdbx_validate_torsion.label_alt_id    ? 
_pdbx_validate_torsion.phi             63.37 
_pdbx_validate_torsion.psi             -110.85 
# 
_phasing.method   MR 
# 
loop_
_pdbx_unobs_or_zero_occ_residues.id 
_pdbx_unobs_or_zero_occ_residues.PDB_model_num 
_pdbx_unobs_or_zero_occ_residues.polymer_flag 
_pdbx_unobs_or_zero_occ_residues.occupancy_flag 
_pdbx_unobs_or_zero_occ_residues.auth_asym_id 
_pdbx_unobs_or_zero_occ_residues.auth_comp_id 
_pdbx_unobs_or_zero_occ_residues.auth_seq_id 
_pdbx_unobs_or_zero_occ_residues.PDB_ins_code 
_pdbx_unobs_or_zero_occ_residues.label_asym_id 
_pdbx_unobs_or_zero_occ_residues.label_comp_id 
_pdbx_unobs_or_zero_occ_residues.label_seq_id 
1  1 Y 1 A SER 94  ? A SER 1   
2  1 Y 1 A MET 95  ? A MET 2   
3  1 Y 1 A ASP 245 ? A ASP 152 
4  1 Y 1 A SER 246 ? A SER 153 
5  1 Y 1 A SER 247 ? A SER 154 
6  1 Y 1 A ASP 248 ? A ASP 155 
7  1 Y 1 A SER 249 ? A SER 156 
8  1 Y 1 A ASP 250 ? A ASP 157 
9  1 Y 1 A ASN 251 ? A ASN 158 
10 1 Y 1 A GLY 252 ? A GLY 159 
11 1 Y 1 A PHE 253 ? A PHE 160 
12 1 Y 1 A SER 254 ? A SER 161 
13 1 Y 1 A SER 255 ? A SER 162 
14 1 Y 1 A THR 256 ? A THR 163 
15 1 Y 1 A GLY 257 ? A GLY 164 
16 1 Y 1 A SER 258 ? A SER 165 
17 1 Y 1 A THR 259 ? A THR 166 
18 1 Y 1 A PRO 260 ? A PRO 167 
# 
loop_
_chem_comp_atom.comp_id 
_chem_comp_atom.atom_id 
_chem_comp_atom.type_symbol 
_chem_comp_atom.pdbx_aromatic_flag 
_chem_comp_atom.pdbx_stereo_config 
_chem_comp_atom.pdbx_ordinal 
ACT C    C N N 1   
ACT O    O N N 2   
ACT OXT  O N N 3   
ACT CH3  C N N 4   
ACT H1   H N N 5   
ACT H2   H N N 6   
ACT H3   H N N 7   
ALA N    N N N 8   
ALA CA   C N S 9   
ALA C    C N N 10  
ALA O    O N N 11  
ALA CB   C N N 12  
ALA OXT  O N N 13  
ALA H    H N N 14  
ALA H2   H N N 15  
ALA HA   H N N 16  
ALA HB1  H N N 17  
ALA HB2  H N N 18  
ALA HB3  H N N 19  
ALA HXT  H N N 20  
ARG N    N N N 21  
ARG CA   C N S 22  
ARG C    C N N 23  
ARG O    O N N 24  
ARG CB   C N N 25  
ARG CG   C N N 26  
ARG CD   C N N 27  
ARG NE   N N N 28  
ARG CZ   C N N 29  
ARG NH1  N N N 30  
ARG NH2  N N N 31  
ARG OXT  O N N 32  
ARG H    H N N 33  
ARG H2   H N N 34  
ARG HA   H N N 35  
ARG HB2  H N N 36  
ARG HB3  H N N 37  
ARG HG2  H N N 38  
ARG HG3  H N N 39  
ARG HD2  H N N 40  
ARG HD3  H N N 41  
ARG HE   H N N 42  
ARG HH11 H N N 43  
ARG HH12 H N N 44  
ARG HH21 H N N 45  
ARG HH22 H N N 46  
ARG HXT  H N N 47  
ASN N    N N N 48  
ASN CA   C N S 49  
ASN C    C N N 50  
ASN O    O N N 51  
ASN CB   C N N 52  
ASN CG   C N N 53  
ASN OD1  O N N 54  
ASN ND2  N N N 55  
ASN OXT  O N N 56  
ASN H    H N N 57  
ASN H2   H N N 58  
ASN HA   H N N 59  
ASN HB2  H N N 60  
ASN HB3  H N N 61  
ASN HD21 H N N 62  
ASN HD22 H N N 63  
ASN HXT  H N N 64  
ASP N    N N N 65  
ASP CA   C N S 66  
ASP C    C N N 67  
ASP O    O N N 68  
ASP CB   C N N 69  
ASP CG   C N N 70  
ASP OD1  O N N 71  
ASP OD2  O N N 72  
ASP OXT  O N N 73  
ASP H    H N N 74  
ASP H2   H N N 75  
ASP HA   H N N 76  
ASP HB2  H N N 77  
ASP HB3  H N N 78  
ASP HD2  H N N 79  
ASP HXT  H N N 80  
CYS N    N N N 81  
CYS CA   C N R 82  
CYS C    C N N 83  
CYS O    O N N 84  
CYS CB   C N N 85  
CYS SG   S N N 86  
CYS OXT  O N N 87  
CYS H    H N N 88  
CYS H2   H N N 89  
CYS HA   H N N 90  
CYS HB2  H N N 91  
CYS HB3  H N N 92  
CYS HG   H N N 93  
CYS HXT  H N N 94  
DMS S    S N N 95  
DMS O    O N N 96  
DMS C1   C N N 97  
DMS C2   C N N 98  
DMS H11  H N N 99  
DMS H12  H N N 100 
DMS H13  H N N 101 
DMS H21  H N N 102 
DMS H22  H N N 103 
DMS H23  H N N 104 
EDO C1   C N N 105 
EDO O1   O N N 106 
EDO C2   C N N 107 
EDO O2   O N N 108 
EDO H11  H N N 109 
EDO H12  H N N 110 
EDO HO1  H N N 111 
EDO H21  H N N 112 
EDO H22  H N N 113 
EDO HO2  H N N 114 
GLN N    N N N 115 
GLN CA   C N S 116 
GLN C    C N N 117 
GLN O    O N N 118 
GLN CB   C N N 119 
GLN CG   C N N 120 
GLN CD   C N N 121 
GLN OE1  O N N 122 
GLN NE2  N N N 123 
GLN OXT  O N N 124 
GLN H    H N N 125 
GLN H2   H N N 126 
GLN HA   H N N 127 
GLN HB2  H N N 128 
GLN HB3  H N N 129 
GLN HG2  H N N 130 
GLN HG3  H N N 131 
GLN HE21 H N N 132 
GLN HE22 H N N 133 
GLN HXT  H N N 134 
GLU N    N N N 135 
GLU CA   C N S 136 
GLU C    C N N 137 
GLU O    O N N 138 
GLU CB   C N N 139 
GLU CG   C N N 140 
GLU CD   C N N 141 
GLU OE1  O N N 142 
GLU OE2  O N N 143 
GLU OXT  O N N 144 
GLU H    H N N 145 
GLU H2   H N N 146 
GLU HA   H N N 147 
GLU HB2  H N N 148 
GLU HB3  H N N 149 
GLU HG2  H N N 150 
GLU HG3  H N N 151 
GLU HE2  H N N 152 
GLU HXT  H N N 153 
GLY N    N N N 154 
GLY CA   C N N 155 
GLY C    C N N 156 
GLY O    O N N 157 
GLY OXT  O N N 158 
GLY H    H N N 159 
GLY H2   H N N 160 
GLY HA2  H N N 161 
GLY HA3  H N N 162 
GLY HXT  H N N 163 
HIS N    N N N 164 
HIS CA   C N S 165 
HIS C    C N N 166 
HIS O    O N N 167 
HIS CB   C N N 168 
HIS CG   C Y N 169 
HIS ND1  N Y N 170 
HIS CD2  C Y N 171 
HIS CE1  C Y N 172 
HIS NE2  N Y N 173 
HIS OXT  O N N 174 
HIS H    H N N 175 
HIS H2   H N N 176 
HIS HA   H N N 177 
HIS HB2  H N N 178 
HIS HB3  H N N 179 
HIS HD1  H N N 180 
HIS HD2  H N N 181 
HIS HE1  H N N 182 
HIS HE2  H N N 183 
HIS HXT  H N N 184 
HOH O    O N N 185 
HOH H1   H N N 186 
HOH H2   H N N 187 
ILE N    N N N 188 
ILE CA   C N S 189 
ILE C    C N N 190 
ILE O    O N N 191 
ILE CB   C N S 192 
ILE CG1  C N N 193 
ILE CG2  C N N 194 
ILE CD1  C N N 195 
ILE OXT  O N N 196 
ILE H    H N N 197 
ILE H2   H N N 198 
ILE HA   H N N 199 
ILE HB   H N N 200 
ILE HG12 H N N 201 
ILE HG13 H N N 202 
ILE HG21 H N N 203 
ILE HG22 H N N 204 
ILE HG23 H N N 205 
ILE HD11 H N N 206 
ILE HD12 H N N 207 
ILE HD13 H N N 208 
ILE HXT  H N N 209 
LDD N1   N N N 210 
LDD C4   C Y N 211 
LDD C5   C Y N 212 
LDD C6   C Y N 213 
LDD C7   C Y N 214 
LDD C8   C N N 215 
LDD C10  C N N 216 
LDD C13  C N N 217 
LDD C1   C N N 218 
LDD C11  C N N 219 
LDD C12  C N N 220 
LDD C14  C N N 221 
LDD C2   C Y N 222 
LDD C3   C Y N 223 
LDD C9   C N N 224 
LDD O1   O N N 225 
LDD O2   O N N 226 
LDD H1   H N N 227 
LDD H2   H N N 228 
LDD H3   H N N 229 
LDD H4   H N N 230 
LDD H5   H N N 231 
LDD H6   H N N 232 
LDD H7   H N N 233 
LDD H8   H N N 234 
LDD H9   H N N 235 
LDD H10  H N N 236 
LDD H11  H N N 237 
LDD H12  H N N 238 
LDD H13  H N N 239 
LDD H14  H N N 240 
LDD H15  H N N 241 
LDD H16  H N N 242 
LDD H17  H N N 243 
LDD H18  H N N 244 
LDD H19  H N N 245 
LEU N    N N N 246 
LEU CA   C N S 247 
LEU C    C N N 248 
LEU O    O N N 249 
LEU CB   C N N 250 
LEU CG   C N N 251 
LEU CD1  C N N 252 
LEU CD2  C N N 253 
LEU OXT  O N N 254 
LEU H    H N N 255 
LEU H2   H N N 256 
LEU HA   H N N 257 
LEU HB2  H N N 258 
LEU HB3  H N N 259 
LEU HG   H N N 260 
LEU HD11 H N N 261 
LEU HD12 H N N 262 
LEU HD13 H N N 263 
LEU HD21 H N N 264 
LEU HD22 H N N 265 
LEU HD23 H N N 266 
LEU HXT  H N N 267 
LYS N    N N N 268 
LYS CA   C N S 269 
LYS C    C N N 270 
LYS O    O N N 271 
LYS CB   C N N 272 
LYS CG   C N N 273 
LYS CD   C N N 274 
LYS CE   C N N 275 
LYS NZ   N N N 276 
LYS OXT  O N N 277 
LYS H    H N N 278 
LYS H2   H N N 279 
LYS HA   H N N 280 
LYS HB2  H N N 281 
LYS HB3  H N N 282 
LYS HG2  H N N 283 
LYS HG3  H N N 284 
LYS HD2  H N N 285 
LYS HD3  H N N 286 
LYS HE2  H N N 287 
LYS HE3  H N N 288 
LYS HZ1  H N N 289 
LYS HZ2  H N N 290 
LYS HZ3  H N N 291 
LYS HXT  H N N 292 
MET N    N N N 293 
MET CA   C N S 294 
MET C    C N N 295 
MET O    O N N 296 
MET CB   C N N 297 
MET CG   C N N 298 
MET SD   S N N 299 
MET CE   C N N 300 
MET OXT  O N N 301 
MET H    H N N 302 
MET H2   H N N 303 
MET HA   H N N 304 
MET HB2  H N N 305 
MET HB3  H N N 306 
MET HG2  H N N 307 
MET HG3  H N N 308 
MET HE1  H N N 309 
MET HE2  H N N 310 
MET HE3  H N N 311 
MET HXT  H N N 312 
PHE N    N N N 313 
PHE CA   C N S 314 
PHE C    C N N 315 
PHE O    O N N 316 
PHE CB   C N N 317 
PHE CG   C Y N 318 
PHE CD1  C Y N 319 
PHE CD2  C Y N 320 
PHE CE1  C Y N 321 
PHE CE2  C Y N 322 
PHE CZ   C Y N 323 
PHE OXT  O N N 324 
PHE H    H N N 325 
PHE H2   H N N 326 
PHE HA   H N N 327 
PHE HB2  H N N 328 
PHE HB3  H N N 329 
PHE HD1  H N N 330 
PHE HD2  H N N 331 
PHE HE1  H N N 332 
PHE HE2  H N N 333 
PHE HZ   H N N 334 
PHE HXT  H N N 335 
PRO N    N N N 336 
PRO CA   C N S 337 
PRO C    C N N 338 
PRO O    O N N 339 
PRO CB   C N N 340 
PRO CG   C N N 341 
PRO CD   C N N 342 
PRO OXT  O N N 343 
PRO H    H N N 344 
PRO HA   H N N 345 
PRO HB2  H N N 346 
PRO HB3  H N N 347 
PRO HG2  H N N 348 
PRO HG3  H N N 349 
PRO HD2  H N N 350 
PRO HD3  H N N 351 
PRO HXT  H N N 352 
SER N    N N N 353 
SER CA   C N S 354 
SER C    C N N 355 
SER O    O N N 356 
SER CB   C N N 357 
SER OG   O N N 358 
SER OXT  O N N 359 
SER H    H N N 360 
SER H2   H N N 361 
SER HA   H N N 362 
SER HB2  H N N 363 
SER HB3  H N N 364 
SER HG   H N N 365 
SER HXT  H N N 366 
THR N    N N N 367 
THR CA   C N S 368 
THR C    C N N 369 
THR O    O N N 370 
THR CB   C N R 371 
THR OG1  O N N 372 
THR CG2  C N N 373 
THR OXT  O N N 374 
THR H    H N N 375 
THR H2   H N N 376 
THR HA   H N N 377 
THR HB   H N N 378 
THR HG1  H N N 379 
THR HG21 H N N 380 
THR HG22 H N N 381 
THR HG23 H N N 382 
THR HXT  H N N 383 
TRP N    N N N 384 
TRP CA   C N S 385 
TRP C    C N N 386 
TRP O    O N N 387 
TRP CB   C N N 388 
TRP CG   C Y N 389 
TRP CD1  C Y N 390 
TRP CD2  C Y N 391 
TRP NE1  N Y N 392 
TRP CE2  C Y N 393 
TRP CE3  C Y N 394 
TRP CZ2  C Y N 395 
TRP CZ3  C Y N 396 
TRP CH2  C Y N 397 
TRP OXT  O N N 398 
TRP H    H N N 399 
TRP H2   H N N 400 
TRP HA   H N N 401 
TRP HB2  H N N 402 
TRP HB3  H N N 403 
TRP HD1  H N N 404 
TRP HE1  H N N 405 
TRP HE3  H N N 406 
TRP HZ2  H N N 407 
TRP HZ3  H N N 408 
TRP HH2  H N N 409 
TRP HXT  H N N 410 
TYR N    N N N 411 
TYR CA   C N S 412 
TYR C    C N N 413 
TYR O    O N N 414 
TYR CB   C N N 415 
TYR CG   C Y N 416 
TYR CD1  C Y N 417 
TYR CD2  C Y N 418 
TYR CE1  C Y N 419 
TYR CE2  C Y N 420 
TYR CZ   C Y N 421 
TYR OH   O N N 422 
TYR OXT  O N N 423 
TYR H    H N N 424 
TYR H2   H N N 425 
TYR HA   H N N 426 
TYR HB2  H N N 427 
TYR HB3  H N N 428 
TYR HD1  H N N 429 
TYR HD2  H N N 430 
TYR HE1  H N N 431 
TYR HE2  H N N 432 
TYR HH   H N N 433 
TYR HXT  H N N 434 
VAL N    N N N 435 
VAL CA   C N S 436 
VAL C    C N N 437 
VAL O    O N N 438 
VAL CB   C N N 439 
VAL CG1  C N N 440 
VAL CG2  C N N 441 
VAL OXT  O N N 442 
VAL H    H N N 443 
VAL H2   H N N 444 
VAL HA   H N N 445 
VAL HB   H N N 446 
VAL HG11 H N N 447 
VAL HG12 H N N 448 
VAL HG13 H N N 449 
VAL HG21 H N N 450 
VAL HG22 H N N 451 
VAL HG23 H N N 452 
VAL HXT  H N N 453 
# 
loop_
_chem_comp_bond.comp_id 
_chem_comp_bond.atom_id_1 
_chem_comp_bond.atom_id_2 
_chem_comp_bond.value_order 
_chem_comp_bond.pdbx_aromatic_flag 
_chem_comp_bond.pdbx_stereo_config 
_chem_comp_bond.pdbx_ordinal 
ACT C   O    doub N N 1   
ACT C   OXT  sing N N 2   
ACT C   CH3  sing N N 3   
ACT CH3 H1   sing N N 4   
ACT CH3 H2   sing N N 5   
ACT CH3 H3   sing N N 6   
ALA N   CA   sing N N 7   
ALA N   H    sing N N 8   
ALA N   H2   sing N N 9   
ALA CA  C    sing N N 10  
ALA CA  CB   sing N N 11  
ALA CA  HA   sing N N 12  
ALA C   O    doub N N 13  
ALA C   OXT  sing N N 14  
ALA CB  HB1  sing N N 15  
ALA CB  HB2  sing N N 16  
ALA CB  HB3  sing N N 17  
ALA OXT HXT  sing N N 18  
ARG N   CA   sing N N 19  
ARG N   H    sing N N 20  
ARG N   H2   sing N N 21  
ARG CA  C    sing N N 22  
ARG CA  CB   sing N N 23  
ARG CA  HA   sing N N 24  
ARG C   O    doub N N 25  
ARG C   OXT  sing N N 26  
ARG CB  CG   sing N N 27  
ARG CB  HB2  sing N N 28  
ARG CB  HB3  sing N N 29  
ARG CG  CD   sing N N 30  
ARG CG  HG2  sing N N 31  
ARG CG  HG3  sing N N 32  
ARG CD  NE   sing N N 33  
ARG CD  HD2  sing N N 34  
ARG CD  HD3  sing N N 35  
ARG NE  CZ   sing N N 36  
ARG NE  HE   sing N N 37  
ARG CZ  NH1  sing N N 38  
ARG CZ  NH2  doub N N 39  
ARG NH1 HH11 sing N N 40  
ARG NH1 HH12 sing N N 41  
ARG NH2 HH21 sing N N 42  
ARG NH2 HH22 sing N N 43  
ARG OXT HXT  sing N N 44  
ASN N   CA   sing N N 45  
ASN N   H    sing N N 46  
ASN N   H2   sing N N 47  
ASN CA  C    sing N N 48  
ASN CA  CB   sing N N 49  
ASN CA  HA   sing N N 50  
ASN C   O    doub N N 51  
ASN C   OXT  sing N N 52  
ASN CB  CG   sing N N 53  
ASN CB  HB2  sing N N 54  
ASN CB  HB3  sing N N 55  
ASN CG  OD1  doub N N 56  
ASN CG  ND2  sing N N 57  
ASN ND2 HD21 sing N N 58  
ASN ND2 HD22 sing N N 59  
ASN OXT HXT  sing N N 60  
ASP N   CA   sing N N 61  
ASP N   H    sing N N 62  
ASP N   H2   sing N N 63  
ASP CA  C    sing N N 64  
ASP CA  CB   sing N N 65  
ASP CA  HA   sing N N 66  
ASP C   O    doub N N 67  
ASP C   OXT  sing N N 68  
ASP CB  CG   sing N N 69  
ASP CB  HB2  sing N N 70  
ASP CB  HB3  sing N N 71  
ASP CG  OD1  doub N N 72  
ASP CG  OD2  sing N N 73  
ASP OD2 HD2  sing N N 74  
ASP OXT HXT  sing N N 75  
CYS N   CA   sing N N 76  
CYS N   H    sing N N 77  
CYS N   H2   sing N N 78  
CYS CA  C    sing N N 79  
CYS CA  CB   sing N N 80  
CYS CA  HA   sing N N 81  
CYS C   O    doub N N 82  
CYS C   OXT  sing N N 83  
CYS CB  SG   sing N N 84  
CYS CB  HB2  sing N N 85  
CYS CB  HB3  sing N N 86  
CYS SG  HG   sing N N 87  
CYS OXT HXT  sing N N 88  
DMS S   O    doub N N 89  
DMS S   C1   sing N N 90  
DMS S   C2   sing N N 91  
DMS C1  H11  sing N N 92  
DMS C1  H12  sing N N 93  
DMS C1  H13  sing N N 94  
DMS C2  H21  sing N N 95  
DMS C2  H22  sing N N 96  
DMS C2  H23  sing N N 97  
EDO C1  O1   sing N N 98  
EDO C1  C2   sing N N 99  
EDO C1  H11  sing N N 100 
EDO C1  H12  sing N N 101 
EDO O1  HO1  sing N N 102 
EDO C2  O2   sing N N 103 
EDO C2  H21  sing N N 104 
EDO C2  H22  sing N N 105 
EDO O2  HO2  sing N N 106 
GLN N   CA   sing N N 107 
GLN N   H    sing N N 108 
GLN N   H2   sing N N 109 
GLN CA  C    sing N N 110 
GLN CA  CB   sing N N 111 
GLN CA  HA   sing N N 112 
GLN C   O    doub N N 113 
GLN C   OXT  sing N N 114 
GLN CB  CG   sing N N 115 
GLN CB  HB2  sing N N 116 
GLN CB  HB3  sing N N 117 
GLN CG  CD   sing N N 118 
GLN CG  HG2  sing N N 119 
GLN CG  HG3  sing N N 120 
GLN CD  OE1  doub N N 121 
GLN CD  NE2  sing N N 122 
GLN NE2 HE21 sing N N 123 
GLN NE2 HE22 sing N N 124 
GLN OXT HXT  sing N N 125 
GLU N   CA   sing N N 126 
GLU N   H    sing N N 127 
GLU N   H2   sing N N 128 
GLU CA  C    sing N N 129 
GLU CA  CB   sing N N 130 
GLU CA  HA   sing N N 131 
GLU C   O    doub N N 132 
GLU C   OXT  sing N N 133 
GLU CB  CG   sing N N 134 
GLU CB  HB2  sing N N 135 
GLU CB  HB3  sing N N 136 
GLU CG  CD   sing N N 137 
GLU CG  HG2  sing N N 138 
GLU CG  HG3  sing N N 139 
GLU CD  OE1  doub N N 140 
GLU CD  OE2  sing N N 141 
GLU OE2 HE2  sing N N 142 
GLU OXT HXT  sing N N 143 
GLY N   CA   sing N N 144 
GLY N   H    sing N N 145 
GLY N   H2   sing N N 146 
GLY CA  C    sing N N 147 
GLY CA  HA2  sing N N 148 
GLY CA  HA3  sing N N 149 
GLY C   O    doub N N 150 
GLY C   OXT  sing N N 151 
GLY OXT HXT  sing N N 152 
HIS N   CA   sing N N 153 
HIS N   H    sing N N 154 
HIS N   H2   sing N N 155 
HIS CA  C    sing N N 156 
HIS CA  CB   sing N N 157 
HIS CA  HA   sing N N 158 
HIS C   O    doub N N 159 
HIS C   OXT  sing N N 160 
HIS CB  CG   sing N N 161 
HIS CB  HB2  sing N N 162 
HIS CB  HB3  sing N N 163 
HIS CG  ND1  sing Y N 164 
HIS CG  CD2  doub Y N 165 
HIS ND1 CE1  doub Y N 166 
HIS ND1 HD1  sing N N 167 
HIS CD2 NE2  sing Y N 168 
HIS CD2 HD2  sing N N 169 
HIS CE1 NE2  sing Y N 170 
HIS CE1 HE1  sing N N 171 
HIS NE2 HE2  sing N N 172 
HIS OXT HXT  sing N N 173 
HOH O   H1   sing N N 174 
HOH O   H2   sing N N 175 
ILE N   CA   sing N N 176 
ILE N   H    sing N N 177 
ILE N   H2   sing N N 178 
ILE CA  C    sing N N 179 
ILE CA  CB   sing N N 180 
ILE CA  HA   sing N N 181 
ILE C   O    doub N N 182 
ILE C   OXT  sing N N 183 
ILE CB  CG1  sing N N 184 
ILE CB  CG2  sing N N 185 
ILE CB  HB   sing N N 186 
ILE CG1 CD1  sing N N 187 
ILE CG1 HG12 sing N N 188 
ILE CG1 HG13 sing N N 189 
ILE CG2 HG21 sing N N 190 
ILE CG2 HG22 sing N N 191 
ILE CG2 HG23 sing N N 192 
ILE CD1 HD11 sing N N 193 
ILE CD1 HD12 sing N N 194 
ILE CD1 HD13 sing N N 195 
ILE OXT HXT  sing N N 196 
LDD O2  C8   doub N N 197 
LDD C4  C3   doub Y N 198 
LDD C4  C5   sing Y N 199 
LDD C3  C2   sing Y N 200 
LDD C13 C14  sing N N 201 
LDD C13 C12  sing N N 202 
LDD C8  C5   sing N N 203 
LDD C8  N1   sing N N 204 
LDD C1  O1   sing N N 205 
LDD C5  C6   doub Y N 206 
LDD C14 N1   sing N N 207 
LDD C2  O1   sing N N 208 
LDD C2  C7   doub Y N 209 
LDD C12 C11  sing N N 210 
LDD N1  C9   sing N N 211 
LDD C6  C7   sing Y N 212 
LDD C11 C10  sing N N 213 
LDD C9  C10  sing N N 214 
LDD C4  H1   sing N N 215 
LDD C6  H2   sing N N 216 
LDD C7  H3   sing N N 217 
LDD C10 H4   sing N N 218 
LDD C10 H5   sing N N 219 
LDD C13 H6   sing N N 220 
LDD C13 H7   sing N N 221 
LDD C1  H8   sing N N 222 
LDD C1  H9   sing N N 223 
LDD C1  H10  sing N N 224 
LDD C11 H11  sing N N 225 
LDD C11 H12  sing N N 226 
LDD C12 H13  sing N N 227 
LDD C12 H14  sing N N 228 
LDD C14 H15  sing N N 229 
LDD C14 H16  sing N N 230 
LDD C3  H17  sing N N 231 
LDD C9  H18  sing N N 232 
LDD C9  H19  sing N N 233 
LEU N   CA   sing N N 234 
LEU N   H    sing N N 235 
LEU N   H2   sing N N 236 
LEU CA  C    sing N N 237 
LEU CA  CB   sing N N 238 
LEU CA  HA   sing N N 239 
LEU C   O    doub N N 240 
LEU C   OXT  sing N N 241 
LEU CB  CG   sing N N 242 
LEU CB  HB2  sing N N 243 
LEU CB  HB3  sing N N 244 
LEU CG  CD1  sing N N 245 
LEU CG  CD2  sing N N 246 
LEU CG  HG   sing N N 247 
LEU CD1 HD11 sing N N 248 
LEU CD1 HD12 sing N N 249 
LEU CD1 HD13 sing N N 250 
LEU CD2 HD21 sing N N 251 
LEU CD2 HD22 sing N N 252 
LEU CD2 HD23 sing N N 253 
LEU OXT HXT  sing N N 254 
LYS N   CA   sing N N 255 
LYS N   H    sing N N 256 
LYS N   H2   sing N N 257 
LYS CA  C    sing N N 258 
LYS CA  CB   sing N N 259 
LYS CA  HA   sing N N 260 
LYS C   O    doub N N 261 
LYS C   OXT  sing N N 262 
LYS CB  CG   sing N N 263 
LYS CB  HB2  sing N N 264 
LYS CB  HB3  sing N N 265 
LYS CG  CD   sing N N 266 
LYS CG  HG2  sing N N 267 
LYS CG  HG3  sing N N 268 
LYS CD  CE   sing N N 269 
LYS CD  HD2  sing N N 270 
LYS CD  HD3  sing N N 271 
LYS CE  NZ   sing N N 272 
LYS CE  HE2  sing N N 273 
LYS CE  HE3  sing N N 274 
LYS NZ  HZ1  sing N N 275 
LYS NZ  HZ2  sing N N 276 
LYS NZ  HZ3  sing N N 277 
LYS OXT HXT  sing N N 278 
MET N   CA   sing N N 279 
MET N   H    sing N N 280 
MET N   H2   sing N N 281 
MET CA  C    sing N N 282 
MET CA  CB   sing N N 283 
MET CA  HA   sing N N 284 
MET C   O    doub N N 285 
MET C   OXT  sing N N 286 
MET CB  CG   sing N N 287 
MET CB  HB2  sing N N 288 
MET CB  HB3  sing N N 289 
MET CG  SD   sing N N 290 
MET CG  HG2  sing N N 291 
MET CG  HG3  sing N N 292 
MET SD  CE   sing N N 293 
MET CE  HE1  sing N N 294 
MET CE  HE2  sing N N 295 
MET CE  HE3  sing N N 296 
MET OXT HXT  sing N N 297 
PHE N   CA   sing N N 298 
PHE N   H    sing N N 299 
PHE N   H2   sing N N 300 
PHE CA  C    sing N N 301 
PHE CA  CB   sing N N 302 
PHE CA  HA   sing N N 303 
PHE C   O    doub N N 304 
PHE C   OXT  sing N N 305 
PHE CB  CG   sing N N 306 
PHE CB  HB2  sing N N 307 
PHE CB  HB3  sing N N 308 
PHE CG  CD1  doub Y N 309 
PHE CG  CD2  sing Y N 310 
PHE CD1 CE1  sing Y N 311 
PHE CD1 HD1  sing N N 312 
PHE CD2 CE2  doub Y N 313 
PHE CD2 HD2  sing N N 314 
PHE CE1 CZ   doub Y N 315 
PHE CE1 HE1  sing N N 316 
PHE CE2 CZ   sing Y N 317 
PHE CE2 HE2  sing N N 318 
PHE CZ  HZ   sing N N 319 
PHE OXT HXT  sing N N 320 
PRO N   CA   sing N N 321 
PRO N   CD   sing N N 322 
PRO N   H    sing N N 323 
PRO CA  C    sing N N 324 
PRO CA  CB   sing N N 325 
PRO CA  HA   sing N N 326 
PRO C   O    doub N N 327 
PRO C   OXT  sing N N 328 
PRO CB  CG   sing N N 329 
PRO CB  HB2  sing N N 330 
PRO CB  HB3  sing N N 331 
PRO CG  CD   sing N N 332 
PRO CG  HG2  sing N N 333 
PRO CG  HG3  sing N N 334 
PRO CD  HD2  sing N N 335 
PRO CD  HD3  sing N N 336 
PRO OXT HXT  sing N N 337 
SER N   CA   sing N N 338 
SER N   H    sing N N 339 
SER N   H2   sing N N 340 
SER CA  C    sing N N 341 
SER CA  CB   sing N N 342 
SER CA  HA   sing N N 343 
SER C   O    doub N N 344 
SER C   OXT  sing N N 345 
SER CB  OG   sing N N 346 
SER CB  HB2  sing N N 347 
SER CB  HB3  sing N N 348 
SER OG  HG   sing N N 349 
SER OXT HXT  sing N N 350 
THR N   CA   sing N N 351 
THR N   H    sing N N 352 
THR N   H2   sing N N 353 
THR CA  C    sing N N 354 
THR CA  CB   sing N N 355 
THR CA  HA   sing N N 356 
THR C   O    doub N N 357 
THR C   OXT  sing N N 358 
THR CB  OG1  sing N N 359 
THR CB  CG2  sing N N 360 
THR CB  HB   sing N N 361 
THR OG1 HG1  sing N N 362 
THR CG2 HG21 sing N N 363 
THR CG2 HG22 sing N N 364 
THR CG2 HG23 sing N N 365 
THR OXT HXT  sing N N 366 
TRP N   CA   sing N N 367 
TRP N   H    sing N N 368 
TRP N   H2   sing N N 369 
TRP CA  C    sing N N 370 
TRP CA  CB   sing N N 371 
TRP CA  HA   sing N N 372 
TRP C   O    doub N N 373 
TRP C   OXT  sing N N 374 
TRP CB  CG   sing N N 375 
TRP CB  HB2  sing N N 376 
TRP CB  HB3  sing N N 377 
TRP CG  CD1  doub Y N 378 
TRP CG  CD2  sing Y N 379 
TRP CD1 NE1  sing Y N 380 
TRP CD1 HD1  sing N N 381 
TRP CD2 CE2  doub Y N 382 
TRP CD2 CE3  sing Y N 383 
TRP NE1 CE2  sing Y N 384 
TRP NE1 HE1  sing N N 385 
TRP CE2 CZ2  sing Y N 386 
TRP CE3 CZ3  doub Y N 387 
TRP CE3 HE3  sing N N 388 
TRP CZ2 CH2  doub Y N 389 
TRP CZ2 HZ2  sing N N 390 
TRP CZ3 CH2  sing Y N 391 
TRP CZ3 HZ3  sing N N 392 
TRP CH2 HH2  sing N N 393 
TRP OXT HXT  sing N N 394 
TYR N   CA   sing N N 395 
TYR N   H    sing N N 396 
TYR N   H2   sing N N 397 
TYR CA  C    sing N N 398 
TYR CA  CB   sing N N 399 
TYR CA  HA   sing N N 400 
TYR C   O    doub N N 401 
TYR C   OXT  sing N N 402 
TYR CB  CG   sing N N 403 
TYR CB  HB2  sing N N 404 
TYR CB  HB3  sing N N 405 
TYR CG  CD1  doub Y N 406 
TYR CG  CD2  sing Y N 407 
TYR CD1 CE1  sing Y N 408 
TYR CD1 HD1  sing N N 409 
TYR CD2 CE2  doub Y N 410 
TYR CD2 HD2  sing N N 411 
TYR CE1 CZ   doub Y N 412 
TYR CE1 HE1  sing N N 413 
TYR CE2 CZ   sing Y N 414 
TYR CE2 HE2  sing N N 415 
TYR CZ  OH   sing N N 416 
TYR OH  HH   sing N N 417 
TYR OXT HXT  sing N N 418 
VAL N   CA   sing N N 419 
VAL N   H    sing N N 420 
VAL N   H2   sing N N 421 
VAL CA  C    sing N N 422 
VAL CA  CB   sing N N 423 
VAL CA  HA   sing N N 424 
VAL C   O    doub N N 425 
VAL C   OXT  sing N N 426 
VAL CB  CG1  sing N N 427 
VAL CB  CG2  sing N N 428 
VAL CB  HB   sing N N 429 
VAL CG1 HG11 sing N N 430 
VAL CG1 HG12 sing N N 431 
VAL CG1 HG13 sing N N 432 
VAL CG2 HG21 sing N N 433 
VAL CG2 HG22 sing N N 434 
VAL CG2 HG23 sing N N 435 
VAL OXT HXT  sing N N 436 
# 
_pdbx_deposit_group.group_id            G_1002061 
_pdbx_deposit_group.group_description   
;XDomainX of XOrganismX DCP2 (NUDT20) screened against the XXX Fragment Library by X-ray Crystallography at the XChem facility of Diamond Light Source beamline I04-1
;
_pdbx_deposit_group.group_title         'PanDDA analysis group deposition' 
_pdbx_deposit_group.group_type          'changed state' 
# 
_pdbx_related_exp_data_set.ordinal              1 
_pdbx_related_exp_data_set.data_reference       10.5281/zenodo.1437589 
_pdbx_related_exp_data_set.metadata_reference   10.5281/zenodo.1437589 
_pdbx_related_exp_data_set.data_set_type        'other data' 
_pdbx_related_exp_data_set.details              'Complete PanDDA analysis' 
# 
_atom_sites.entry_id                    5QOP 
_atom_sites.fract_transf_matrix[1][1]   0.00319319 
_atom_sites.fract_transf_matrix[1][2]   0.01843576 
_atom_sites.fract_transf_matrix[1][3]   0.00792646 
_atom_sites.fract_transf_matrix[2][1]   0.01356948 
_atom_sites.fract_transf_matrix[2][2]   -0.00549628 
_atom_sites.fract_transf_matrix[2][3]   0.00731702 
_atom_sites.fract_transf_matrix[3][1]   0.00814826 
_atom_sites.fract_transf_matrix[3][2]   0.00384414 
_atom_sites.fract_transf_matrix[3][3]   -0.01222345 
_atom_sites.fract_transf_vector[1]      -0.887721 
_atom_sites.fract_transf_vector[2]      0.225817 
_atom_sites.fract_transf_vector[3]      1.164459 
# 
loop_
_atom_type.symbol 
C 
N 
O 
S 
# 
loop_
_atom_site.group_PDB 
_atom_site.id 
_atom_site.type_symbol 
_atom_site.label_atom_id 
_atom_site.label_alt_id 
_atom_site.label_comp_id 
_atom_site.label_asym_id 
_atom_site.label_entity_id 
_atom_site.label_seq_id 
_atom_site.pdbx_PDB_ins_code 
_atom_site.Cartn_x 
_atom_site.Cartn_y 
_atom_site.Cartn_z 
_atom_site.occupancy 
_atom_site.B_iso_or_equiv 
_atom_site.pdbx_formal_charge 
_atom_site.auth_seq_id 
_atom_site.auth_comp_id 
_atom_site.auth_asym_id 
_atom_site.auth_atom_id 
_atom_site.pdbx_PDB_model_num 
ATOM   1    N N   . GLY A 1 3   ? 4.950   17.412  7.108   1.00 73.87 ? 96  GLY A N   1 
ATOM   2    C CA  . GLY A 1 3   ? 5.223   16.383  6.043   1.00 67.90 ? 96  GLY A CA  1 
ATOM   3    C C   . GLY A 1 3   ? 4.710   16.759  4.647   1.00 59.92 ? 96  GLY A C   1 
ATOM   4    O O   . GLY A 1 3   ? 3.608   17.314  4.473   1.00 63.93 ? 96  GLY A O   1 
ATOM   5    N N   . VAL A 1 4   ? 5.526   16.491  3.634   1.00 55.91 ? 97  VAL A N   1 
ATOM   6    C CA  . VAL A 1 4   ? 5.101   16.619  2.227   1.00 48.92 ? 97  VAL A CA  1 
ATOM   7    C C   . VAL A 1 4   ? 4.153   15.416  1.960   1.00 38.19 ? 97  VAL A C   1 
ATOM   8    O O   . VAL A 1 4   ? 4.496   14.355  2.372   1.00 30.72 ? 97  VAL A O   1 
ATOM   9    C CB  . VAL A 1 4   ? 6.341   16.517  1.305   1.00 58.51 ? 97  VAL A CB  1 
ATOM   10   C CG1 . VAL A 1 4   ? 5.934   16.231  -0.131  1.00 56.56 ? 97  VAL A CG1 1 
ATOM   11   C CG2 . VAL A 1 4   ? 7.197   17.796  1.406   1.00 60.74 ? 97  VAL A CG2 1 
ATOM   12   N N   . PRO A 1 5   ? 2.976   15.612  1.329   1.00 36.57 ? 98  PRO A N   1 
ATOM   13   C CA  . PRO A 1 5   ? 2.040   14.453  1.161   1.00 34.36 ? 98  PRO A CA  1 
ATOM   14   C C   . PRO A 1 5   ? 2.637   13.335  0.334   1.00 31.48 ? 98  PRO A C   1 
ATOM   15   O O   . PRO A 1 5   ? 3.536   13.590  -0.481  1.00 31.20 ? 98  PRO A O   1 
ATOM   16   C CB  . PRO A 1 5   ? 0.780   15.065  0.546   1.00 38.46 ? 98  PRO A CB  1 
ATOM   17   C CG  . PRO A 1 5   ? 0.970   16.550  0.618   1.00 37.88 ? 98  PRO A CG  1 
ATOM   18   C CD  . PRO A 1 5   ? 2.271   16.894  1.252   1.00 35.73 ? 98  PRO A CD  1 
ATOM   19   N N   . THR A 1 6   ? 2.219   12.091  0.606   1.00 28.89 ? 99  THR A N   1 
ATOM   20   C CA  . THR A 1 6   ? 2.589   10.904  -0.260  1.00 29.35 ? 99  THR A CA  1 
ATOM   21   C C   . THR A 1 6   ? 1.357   10.342  -0.984  1.00 24.99 ? 99  THR A C   1 
ATOM   22   O O   . THR A 1 6   ? 0.217   10.432  -0.466  1.00 25.92 ? 99  THR A O   1 
ATOM   23   C CB  . THR A 1 6   ? 3.284   9.774   0.576   1.00 30.37 ? 99  THR A CB  1 
ATOM   24   O OG1 . THR A 1 6   ? 2.482   9.417   1.734   1.00 25.13 ? 99  THR A OG1 1 
ATOM   25   C CG2 . THR A 1 6   ? 4.595   10.295  1.097   1.00 29.16 ? 99  THR A CG2 1 
ATOM   26   N N   . TYR A 1 7   ? 1.603   9.775   -2.175  1.00 23.51 ? 100 TYR A N   1 
ATOM   27   C CA  . TYR A 1 7   ? 0.625   9.210   -3.070  1.00 24.02 ? 100 TYR A CA  1 
ATOM   28   C C   . TYR A 1 7   ? 1.102   7.858   -3.613  1.00 19.68 ? 100 TYR A C   1 
ATOM   29   O O   . TYR A 1 7   ? 2.273   7.689   -3.923  1.00 23.01 ? 100 TYR A O   1 
ATOM   30   C CB  . TYR A 1 7   ? 0.271   10.170  -4.251  1.00 24.72 ? 100 TYR A CB  1 
ATOM   31   C CG  . TYR A 1 7   ? -0.292  11.505  -3.750  1.00 23.48 ? 100 TYR A CG  1 
ATOM   32   C CD1 . TYR A 1 7   ? -1.624  11.643  -3.362  1.00 26.09 ? 100 TYR A CD1 1 
ATOM   33   C CD2 . TYR A 1 7   ? 0.547   12.601  -3.636  1.00 30.74 ? 100 TYR A CD2 1 
ATOM   34   C CE1 . TYR A 1 7   ? -2.128  12.824  -2.853  1.00 29.74 ? 100 TYR A CE1 1 
ATOM   35   C CE2 . TYR A 1 7   ? 0.061   13.816  -3.200  1.00 28.94 ? 100 TYR A CE2 1 
ATOM   36   C CZ  . TYR A 1 7   ? -1.259  13.922  -2.802  1.00 31.96 ? 100 TYR A CZ  1 
ATOM   37   O OH  . TYR A 1 7   ? -1.655  15.117  -2.351  1.00 33.82 ? 100 TYR A OH  1 
ATOM   38   N N   . GLY A 1 8   ? 0.168   6.936   -3.752  1.00 19.72 ? 101 GLY A N   1 
ATOM   39   C CA  . GLY A 1 8   ? 0.427   5.620   -4.299  1.00 19.69 ? 101 GLY A CA  1 
ATOM   40   C C   . GLY A 1 8   ? -0.878  4.827   -4.582  1.00 19.72 ? 101 GLY A C   1 
ATOM   41   O O   . GLY A 1 8   ? -1.941  5.375   -4.908  1.00 20.26 ? 101 GLY A O   1 
ATOM   42   N N   . ALA A 1 9   ? -0.796  3.499   -4.509  1.00 19.17 ? 102 ALA A N   1 
ATOM   43   C CA  . ALA A 1 9   ? -1.952  2.624   -4.860  1.00 18.23 ? 102 ALA A CA  1 
ATOM   44   C C   . ALA A 1 9   ? -2.023  1.343   -4.069  1.00 19.09 ? 102 ALA A C   1 
ATOM   45   O O   . ALA A 1 9   ? -1.004  0.782   -3.652  1.00 18.72 ? 102 ALA A O   1 
ATOM   46   C CB  . ALA A 1 9   ? -1.941  2.259   -6.396  1.00 18.60 ? 102 ALA A CB  1 
ATOM   47   N N   . ILE A 1 10  ? -3.269  0.919   -3.875  1.00 17.46 ? 103 ILE A N   1 
ATOM   48   C CA  . ILE A 1 10  ? -3.667  -0.429  -3.480  1.00 18.95 ? 103 ILE A CA  1 
ATOM   49   C C   . ILE A 1 10  ? -4.161  -1.139  -4.728  1.00 18.31 ? 103 ILE A C   1 
ATOM   50   O O   . ILE A 1 10  ? -5.291  -0.859  -5.238  1.00 16.99 ? 103 ILE A O   1 
ATOM   51   C CB  . ILE A 1 10  ? -4.782  -0.421  -2.381  1.00 19.15 ? 103 ILE A CB  1 
ATOM   52   C CG1 . ILE A 1 10  ? -4.311  0.299   -1.108  1.00 21.46 ? 103 ILE A CG1 1 
ATOM   53   C CG2 . ILE A 1 10  ? -5.253  -1.866  -2.057  1.00 22.22 ? 103 ILE A CG2 1 
ATOM   54   C CD1 . ILE A 1 10  ? -5.400  0.644   -0.081  1.00 24.10 ? 103 ILE A CD1 1 
ATOM   55   N N   . ILE A 1 11  ? -3.351  -2.056  -5.216  1.00 18.76 ? 104 ILE A N   1 
ATOM   56   C CA  . ILE A 1 11  ? -3.630  -2.871  -6.393  1.00 17.69 ? 104 ILE A CA  1 
ATOM   57   C C   . ILE A 1 11  ? -4.161  -4.193  -5.919  1.00 18.33 ? 104 ILE A C   1 
ATOM   58   O O   . ILE A 1 11  ? -3.516  -4.880  -5.110  1.00 19.13 ? 104 ILE A O   1 
ATOM   59   C CB  . ILE A 1 11  ? -2.382  -3.051  -7.341  1.00 17.76 ? 104 ILE A CB  1 
ATOM   60   C CG1 . ILE A 1 11  ? -1.942  -1.712  -7.918  1.00 19.35 ? 104 ILE A CG1 1 
ATOM   61   C CG2 . ILE A 1 11  ? -2.548  -4.064  -8.440  1.00 19.90 ? 104 ILE A CG2 1 
ATOM   62   C CD1 . ILE A 1 11  ? -0.504  -1.719  -8.419  1.00 21.30 ? 104 ILE A CD1 1 
ATOM   63   N N   . LEU A 1 12  ? -5.353  -4.526  -6.412  1.00 18.28 ? 105 LEU A N   1 
ATOM   64   C CA  . LEU A 1 12  ? -5.933  -5.857  -6.234  1.00 19.33 ? 105 LEU A CA  1 
ATOM   65   C C   . LEU A 1 12  ? -6.027  -6.673  -7.529  1.00 18.78 ? 105 LEU A C   1 
ATOM   66   O O   . LEU A 1 12  ? -6.168  -6.133  -8.630  1.00 18.28 ? 105 LEU A O   1 
ATOM   67   C CB  . LEU A 1 12  ? -7.341  -5.780  -5.619  1.00 20.42 ? 105 LEU A CB  1 
ATOM   68   C CG  . LEU A 1 12  ? -7.484  -4.987  -4.297  1.00 23.94 ? 105 LEU A CG  1 
ATOM   69   C CD1 . LEU A 1 12  ? -7.987  -3.606  -4.626  1.00 28.58 ? 105 LEU A CD1 1 
ATOM   70   C CD2 . LEU A 1 12  ? -8.441  -5.644  -3.361  1.00 28.54 ? 105 LEU A CD2 1 
ATOM   71   N N   . ASP A 1 13  ? -6.126  -8.022  -7.347  1.00 18.93 ? 106 ASP A N   1 
ATOM   72   C CA  . ASP A 1 13  ? -6.249  -8.960  -8.480  1.00 22.27 ? 106 ASP A CA  1 
ATOM   73   C C   . ASP A 1 13  ? -7.692  -9.047  -8.917  1.00 21.64 ? 106 ASP A C   1 
ATOM   74   O O   . ASP A 1 13  ? -8.558  -8.286  -8.429  1.00 21.99 ? 106 ASP A O   1 
ATOM   75   C CB  . ASP A 1 13  ? -5.644  -10.316 -8.102  1.00 23.62 ? 106 ASP A CB  1 
ATOM   76   C CG  . ASP A 1 13  ? -6.430  -11.050 -7.054  1.00 26.64 ? 106 ASP A CG  1 
ATOM   77   O OD1 . ASP A 1 13  ? -7.133  -10.465 -6.184  1.00 28.53 ? 106 ASP A OD1 1 
ATOM   78   O OD2 . ASP A 1 13  ? -6.191  -12.258 -7.025  1.00 34.03 ? 106 ASP A OD2 1 
ATOM   79   N N   . GLU A 1 14  ? -7.951  -9.990  -9.794  1.00 24.26 ? 107 GLU A N   1 
ATOM   80   C CA  . GLU A 1 14  ? -9.299  -10.182 -10.363 1.00 25.81 ? 107 GLU A CA  1 
ATOM   81   C C   . GLU A 1 14  ? -10.319 -10.769 -9.387  1.00 25.57 ? 107 GLU A C   1 
ATOM   82   O O   . GLU A 1 14  ? -11.528 -10.515 -9.525  1.00 24.49 ? 107 GLU A O   1 
ATOM   83   C CB  . GLU A 1 14  ? -9.232  -10.983 -11.692 1.00 32.19 ? 107 GLU A CB  1 
ATOM   84   C CG  . GLU A 1 14  ? -8.652  -12.417 -11.614 1.00 39.13 ? 107 GLU A CG  1 
ATOM   85   C CD  . GLU A 1 14  ? -7.152  -12.481 -11.911 1.00 49.83 ? 107 GLU A CD  1 
ATOM   86   O OE1 . GLU A 1 14  ? -6.347  -11.867 -11.173 1.00 36.59 ? 107 GLU A OE1 1 
ATOM   87   O OE2 . GLU A 1 14  ? -6.756  -13.130 -12.919 1.00 66.36 ? 107 GLU A OE2 1 
ATOM   88   N N   . THR A 1 15  ? -9.845  -11.522 -8.379  1.00 24.44 ? 108 THR A N   1 
ATOM   89   C CA  . THR A 1 15  ? -10.704 -12.196 -7.436  1.00 24.66 ? 108 THR A CA  1 
ATOM   90   C C   . THR A 1 15  ? -11.054 -11.266 -6.292  1.00 24.50 ? 108 THR A C   1 
ATOM   91   O O   . THR A 1 15  ? -11.964 -11.567 -5.489  1.00 29.23 ? 108 THR A O   1 
ATOM   92   C CB  . THR A 1 15  ? -10.030 -13.450 -6.836  1.00 29.91 ? 108 THR A CB  1 
ATOM   93   O OG1 . THR A 1 15  ? -9.031  -13.068 -5.898  1.00 27.25 ? 108 THR A OG1 1 
ATOM   94   C CG2 . THR A 1 15  ? -9.365  -14.331 -7.895  1.00 33.43 ? 108 THR A CG2 1 
ATOM   95   N N   . LEU A 1 16  ? -10.317 -10.144 -6.172  1.00 24.56 ? 109 LEU A N   1 
ATOM   96   C CA  . LEU A 1 16  ? -10.390 -9.268  -5.009  1.00 24.83 ? 109 LEU A CA  1 
ATOM   97   C C   . LEU A 1 16  ? -9.888  -9.838  -3.644  1.00 24.36 ? 109 LEU A C   1 
ATOM   98   O O   . LEU A 1 16  ? -10.147 -9.195  -2.607  1.00 30.83 ? 109 LEU A O   1 
ATOM   99   C CB  . LEU A 1 16  ? -11.804 -8.661  -4.770  1.00 28.38 ? 109 LEU A CB  1 
ATOM   100  C CG  . LEU A 1 16  ? -12.541 -8.028  -5.946  1.00 29.77 ? 109 LEU A CG  1 
ATOM   101  C CD1 . LEU A 1 16  ? -13.977 -7.698  -5.633  1.00 34.42 ? 109 LEU A CD1 1 
ATOM   102  C CD2 . LEU A 1 16  ? -11.725 -6.782  -6.396  1.00 32.79 ? 109 LEU A CD2 1 
ATOM   103  N N   A GLU A 1 17  ? -9.212  -10.988 -3.699  0.25 26.49 ? 110 GLU A N   1 
ATOM   104  N N   B GLU A 1 17  ? -9.207  -10.960 -3.619  0.25 26.57 ? 110 GLU A N   1 
ATOM   105  C CA  A GLU A 1 17  ? -8.659  -11.718 -2.539  0.25 26.31 ? 110 GLU A CA  1 
ATOM   106  C CA  B GLU A 1 17  ? -8.735  -11.507 -2.345  0.25 26.25 ? 110 GLU A CA  1 
ATOM   107  C C   A GLU A 1 17  ? -7.276  -11.165 -2.143  0.25 25.38 ? 110 GLU A C   1 
ATOM   108  C C   B GLU A 1 17  ? -7.194  -11.392 -2.207  0.25 24.64 ? 110 GLU A C   1 
ATOM   109  O O   A GLU A 1 17  ? -6.914  -11.121 -0.942  0.25 23.01 ? 110 GLU A O   1 
ATOM   110  O O   B GLU A 1 17  ? -6.624  -11.899 -1.231  0.25 20.85 ? 110 GLU A O   1 
ATOM   111  C CB  A GLU A 1 17  ? -8.426  -13.217 -2.879  0.25 28.00 ? 110 GLU A CB  1 
ATOM   112  C CB  B GLU A 1 17  ? -9.202  -12.957 -2.201  0.25 29.04 ? 110 GLU A CB  1 
ATOM   113  C CG  A GLU A 1 17  ? -9.646  -14.126 -3.041  0.25 28.52 ? 110 GLU A CG  1 
ATOM   114  C CG  B GLU A 1 17  ? -10.694 -13.179 -2.453  0.25 30.33 ? 110 GLU A CG  1 
ATOM   115  C CD  A GLU A 1 17  ? -9.307  -15.511 -3.608  0.25 31.33 ? 110 GLU A CD  1 
ATOM   116  C CD  B GLU A 1 17  ? -11.490 -13.448 -1.198  0.25 32.30 ? 110 GLU A CD  1 
ATOM   117  O OE1 A GLU A 1 17  ? -8.775  -15.613 -4.741  0.25 32.50 ? 110 GLU A OE1 1 
ATOM   118  O OE1 B GLU A 1 17  ? -10.967 -13.249 -0.076  0.25 36.23 ? 110 GLU A OE1 1 
ATOM   119  O OE2 A GLU A 1 17  ? -9.594  -16.519 -2.920  0.25 28.38 ? 110 GLU A OE2 1 
ATOM   120  O OE2 B GLU A 1 17  ? -12.654 -13.867 -1.332  0.25 34.20 ? 110 GLU A OE2 1 
ATOM   121  N N   . ASN A 1 18  ? -6.521  -10.736 -3.162  1.00 22.89 ? 111 ASN A N   1 
ATOM   122  C CA  . ASN A 1 18  ? -5.058  -10.459 -3.037  1.00 23.56 ? 111 ASN A CA  1 
ATOM   123  C C   . ASN A 1 18  ? -4.728  -8.991  -3.337  1.00 22.98 ? 111 ASN A C   1 
ATOM   124  O O   . ASN A 1 18  ? -5.382  -8.378  -4.199  1.00 19.22 ? 111 ASN A O   1 
ATOM   125  C CB  . ASN A 1 18  ? -4.288  -11.381 -3.966  1.00 25.22 ? 111 ASN A CB  1 
ATOM   126  C CG  . ASN A 1 18  ? -4.566  -12.880 -3.652  1.00 33.10 ? 111 ASN A CG  1 
ATOM   127  O OD1 . ASN A 1 18  ? -4.203  -13.357 -2.591  1.00 34.10 ? 111 ASN A OD1 1 
ATOM   128  N ND2 . ASN A 1 18  ? -5.247  -13.560 -4.527  1.00 31.03 ? 111 ASN A ND2 1 
ATOM   129  N N   . VAL A 1 19  ? -3.727  -8.479  -2.628  1.00 21.61 ? 112 VAL A N   1 
ATOM   130  C CA  . VAL A 1 19  ? -3.175  -7.158  -2.804  1.00 19.14 ? 112 VAL A CA  1 
ATOM   131  C C   . VAL A 1 19  ? -1.688  -7.218  -3.083  1.00 19.18 ? 112 VAL A C   1 
ATOM   132  O O   . VAL A 1 19  ? -0.961  -8.109  -2.602  1.00 17.87 ? 112 VAL A O   1 
ATOM   133  C CB  . VAL A 1 19  ? -3.450  -6.235  -1.564  1.00 20.41 ? 112 VAL A CB  1 
ATOM   134  C CG1 . VAL A 1 19  ? -4.900  -5.931  -1.356  1.00 24.78 ? 112 VAL A CG1 1 
ATOM   135  C CG2 . VAL A 1 19  ? -2.798  -6.776  -0.281  1.00 21.30 ? 112 VAL A CG2 1 
ATOM   136  N N   . LEU A 1 20  ? -1.169  -6.180  -3.728  1.00 16.43 ? 113 LEU A N   1 
ATOM   137  C CA  . LEU A 1 20  ? 0.234   -6.116  -4.147  1.00 18.77 ? 113 LEU A CA  1 
ATOM   138  C C   . LEU A 1 20  ? 1.021   -5.264  -3.163  1.00 18.50 ? 113 LEU A C   1 
ATOM   139  O O   . LEU A 1 20  ? 0.753   -4.078  -2.996  1.00 18.22 ? 113 LEU A O   1 
ATOM   140  C CB  . LEU A 1 20  ? 0.408   -5.563  -5.581  1.00 18.79 ? 113 LEU A CB  1 
ATOM   141  C CG  . LEU A 1 20  ? 1.818   -5.763  -6.240  1.00 21.16 ? 113 LEU A CG  1 
ATOM   142  C CD1 . LEU A 1 20  ? 1.926   -7.244  -6.693  1.00 21.73 ? 113 LEU A CD1 1 
ATOM   143  C CD2 . LEU A 1 20  ? 2.011   -4.856  -7.435  1.00 22.25 ? 113 LEU A CD2 1 
ATOM   144  N N   . LEU A 1 21  ? 1.980   -5.891  -2.493  1.00 21.03 ? 114 LEU A N   1 
ATOM   145  C CA  . LEU A 1 21  ? 2.885   -5.150  -1.650  1.00 17.99 ? 114 LEU A CA  1 
ATOM   146  C C   . LEU A 1 21  ? 4.350   -5.138  -2.129  1.00 18.46 ? 114 LEU A C   1 
ATOM   147  O O   . LEU A 1 21  ? 4.798   -5.980  -2.906  1.00 20.27 ? 114 LEU A O   1 
ATOM   148  C CB  . LEU A 1 21  ? 2.844   -5.647  -0.195  1.00 20.34 ? 114 LEU A CB  1 
ATOM   149  C CG  . LEU A 1 21  ? 1.490   -5.683  0.572   1.00 20.78 ? 114 LEU A CG  1 
ATOM   150  C CD1 . LEU A 1 21  ? 1.721   -6.241  1.963   1.00 21.58 ? 114 LEU A CD1 1 
ATOM   151  C CD2 . LEU A 1 21  ? 0.830   -4.320  0.678   1.00 22.46 ? 114 LEU A CD2 1 
ATOM   152  N N   . VAL A 1 22  ? 5.070   -4.114  -1.672  1.00 14.84 ? 115 VAL A N   1 
ATOM   153  C CA  . VAL A 1 22  ? 6.505   -3.999  -1.982  1.00 17.33 ? 115 VAL A CA  1 
ATOM   154  C C   . VAL A 1 22  ? 7.326   -3.986  -0.710  1.00 19.04 ? 115 VAL A C   1 
ATOM   155  O O   . VAL A 1 22  ? 6.832   -3.536  0.361   1.00 19.35 ? 115 VAL A O   1 
ATOM   156  C CB  . VAL A 1 22  ? 6.864   -2.799  -2.882  1.00 17.73 ? 115 VAL A CB  1 
ATOM   157  C CG1 . VAL A 1 22  ? 6.167   -2.868  -4.208  1.00 18.45 ? 115 VAL A CG1 1 
ATOM   158  C CG2 . VAL A 1 22  ? 6.501   -1.504  -2.246  1.00 17.83 ? 115 VAL A CG2 1 
ATOM   159  N N   . GLN A 1 23  ? 8.585   -4.446  -0.822  1.00 18.91 ? 116 GLN A N   1 
ATOM   160  C CA  . GLN A 1 23  ? 9.493   -4.546  0.345   1.00 17.67 ? 116 GLN A CA  1 
ATOM   161  C C   . GLN A 1 23  ? 10.644  -3.611  0.110   1.00 20.50 ? 116 GLN A C   1 
ATOM   162  O O   . GLN A 1 23  ? 11.308  -3.713  -0.920  1.00 21.34 ? 116 GLN A O   1 
ATOM   163  C CB  . GLN A 1 23  ? 9.983   -5.975  0.563   1.00 18.97 ? 116 GLN A CB  1 
ATOM   164  C CG  . GLN A 1 23  ? 10.891  -6.186  1.782   1.00 19.36 ? 116 GLN A CG  1 
ATOM   165  C CD  . GLN A 1 23  ? 11.327  -7.632  1.926   1.00 23.08 ? 116 GLN A CD  1 
ATOM   166  O OE1 . GLN A 1 23  ? 11.512  -8.339  0.909   1.00 22.10 ? 116 GLN A OE1 1 
ATOM   167  N NE2 . GLN A 1 23  ? 11.460  -8.097  3.169   1.00 24.95 ? 116 GLN A NE2 1 
ATOM   168  N N   . GLY A 1 24  ? 10.916  -2.716  1.043   1.00 23.70 ? 117 GLY A N   1 
ATOM   169  C CA  . GLY A 1 24  ? 12.086  -1.859  0.868   1.00 24.48 ? 117 GLY A CA  1 
ATOM   170  C C   . GLY A 1 24  ? 13.314  -2.357  1.648   1.00 25.92 ? 117 GLY A C   1 
ATOM   171  O O   . GLY A 1 24  ? 13.393  -3.532  2.053   1.00 25.47 ? 117 GLY A O   1 
ATOM   172  N N   . TYR A 1 25  ? 14.230  -1.420  1.852   1.00 23.56 ? 118 TYR A N   1 
ATOM   173  C CA  . TYR A 1 25  ? 15.468  -1.631  2.605   1.00 25.11 ? 118 TYR A CA  1 
ATOM   174  C C   . TYR A 1 25  ? 15.616  -0.689  3.841   1.00 27.68 ? 118 TYR A C   1 
ATOM   175  O O   . TYR A 1 25  ? 14.991  0.379   3.889   1.00 27.04 ? 118 TYR A O   1 
ATOM   176  C CB  . TYR A 1 25  ? 16.652  -1.328  1.700   1.00 25.87 ? 118 TYR A CB  1 
ATOM   177  C CG  . TYR A 1 25  ? 16.869  -2.305  0.507   1.00 24.11 ? 118 TYR A CG  1 
ATOM   178  C CD1 . TYR A 1 25  ? 17.298  -3.574  0.729   1.00 24.69 ? 118 TYR A CD1 1 
ATOM   179  C CD2 . TYR A 1 25  ? 16.643  -1.904  -0.828  1.00 23.76 ? 118 TYR A CD2 1 
ATOM   180  C CE1 . TYR A 1 25  ? 17.536  -4.465  -0.378  1.00 24.81 ? 118 TYR A CE1 1 
ATOM   181  C CE2 . TYR A 1 25  ? 16.844  -2.801  -1.892  1.00 28.13 ? 118 TYR A CE2 1 
ATOM   182  C CZ  . TYR A 1 25  ? 17.248  -4.071  -1.645  1.00 24.90 ? 118 TYR A CZ  1 
ATOM   183  O OH  . TYR A 1 25  ? 17.480  -5.021  -2.648  1.00 30.29 ? 118 TYR A OH  1 
ATOM   184  N N   . LEU A 1 26  ? 16.428  -1.151  4.810   1.00 28.16 ? 119 LEU A N   1 
ATOM   185  C CA  . LEU A 1 26  ? 16.917  -0.402  5.977   1.00 32.40 ? 119 LEU A CA  1 
ATOM   186  C C   . LEU A 1 26  ? 15.759  0.011   6.886   1.00 31.02 ? 119 LEU A C   1 
ATOM   187  O O   . LEU A 1 26  ? 15.129  -0.846  7.503   1.00 34.93 ? 119 LEU A O   1 
ATOM   188  C CB  . LEU A 1 26  ? 17.784  0.800   5.474   1.00 35.59 ? 119 LEU A CB  1 
ATOM   189  C CG  . LEU A 1 26  ? 19.053  0.399   4.670   1.00 43.29 ? 119 LEU A CG  1 
ATOM   190  C CD1 . LEU A 1 26  ? 19.738  1.610   4.004   1.00 39.42 ? 119 LEU A CD1 1 
ATOM   191  C CD2 . LEU A 1 26  ? 20.007  -0.412  5.559   1.00 42.72 ? 119 LEU A CD2 1 
ATOM   192  N N   . ALA A 1 27  ? 15.464  1.316   6.947   1.00 33.70 ? 120 ALA A N   1 
ATOM   193  C CA  . ALA A 1 27  ? 14.379  1.831   7.781   1.00 34.81 ? 120 ALA A CA  1 
ATOM   194  C C   . ALA A 1 27  ? 13.000  1.427   7.192   1.00 38.41 ? 120 ALA A C   1 
ATOM   195  O O   . ALA A 1 27  ? 12.012  1.304   7.935   1.00 30.70 ? 120 ALA A O   1 
ATOM   196  C CB  . ALA A 1 27  ? 14.487  3.362   7.898   1.00 40.67 ? 120 ALA A CB  1 
ATOM   197  N N   . LYS A 1 28  ? 12.970  1.204   5.868   1.00 34.90 ? 121 LYS A N   1 
ATOM   198  C CA  . LYS A 1 28  ? 11.802  0.709   5.131   1.00 32.64 ? 121 LYS A CA  1 
ATOM   199  C C   . LYS A 1 28  ? 11.909  -0.803  4.775   1.00 31.03 ? 121 LYS A C   1 
ATOM   200  O O   . LYS A 1 28  ? 11.406  -1.246  3.758   1.00 32.11 ? 121 LYS A O   1 
ATOM   201  C CB  . LYS A 1 28  ? 11.635  1.590   3.895   1.00 35.86 ? 121 LYS A CB  1 
ATOM   202  C CG  . LYS A 1 28  ? 11.352  3.047   4.251   1.00 42.10 ? 121 LYS A CG  1 
ATOM   203  C CD  . LYS A 1 28  ? 11.014  3.880   3.028   1.00 52.01 ? 121 LYS A CD  1 
ATOM   204  C CE  . LYS A 1 28  ? 11.459  5.361   3.159   1.00 58.57 ? 121 LYS A CE  1 
ATOM   205  N NZ  . LYS A 1 28  ? 11.508  6.008   1.799   1.00 52.96 ? 121 LYS A NZ  1 
ATOM   206  N N   . SER A 1 29  ? 12.515  -1.572  5.676   1.00 29.81 ? 122 SER A N   1 
ATOM   207  C CA  . SER A 1 29  ? 12.853  -2.981  5.444   1.00 35.39 ? 122 SER A CA  1 
ATOM   208  C C   . SER A 1 29  ? 11.651  -3.989  5.436   1.00 36.28 ? 122 SER A C   1 
ATOM   209  O O   . SER A 1 29  ? 11.827  -5.180  5.052   1.00 51.61 ? 122 SER A O   1 
ATOM   210  C CB  . SER A 1 29  ? 13.882  -3.378  6.457   1.00 36.08 ? 122 SER A CB  1 
ATOM   211  O OG  . SER A 1 29  ? 14.145  -4.721  6.323   1.00 40.68 ? 122 SER A OG  1 
ATOM   212  N N   . GLY A 1 30  ? 10.450  -3.541  5.756   1.00 27.79 ? 123 GLY A N   1 
ATOM   213  C CA  . GLY A 1 30  ? 9.227   -4.405  5.766   1.00 25.52 ? 123 GLY A CA  1 
ATOM   214  C C   . GLY A 1 30  ? 8.391   -4.181  4.502   1.00 25.65 ? 123 GLY A C   1 
ATOM   215  O O   . GLY A 1 30  ? 8.883   -3.606  3.478   1.00 22.44 ? 123 GLY A O   1 
ATOM   216  N N   . TRP A 1 31  ? 7.165   -4.709  4.545   1.00 23.51 ? 124 TRP A N   1 
ATOM   217  C CA  . TRP A 1 31  ? 6.265   -4.699  3.431   1.00 19.71 ? 124 TRP A CA  1 
ATOM   218  C C   . TRP A 1 31  ? 5.222   -3.548  3.526   1.00 20.56 ? 124 TRP A C   1 
ATOM   219  O O   . TRP A 1 31  ? 4.730   -3.299  4.617   1.00 26.77 ? 124 TRP A O   1 
ATOM   220  C CB  . TRP A 1 31  ? 5.532   -6.048  3.357   1.00 20.52 ? 124 TRP A CB  1 
ATOM   221  C CG  . TRP A 1 31  ? 6.380   -7.230  2.974   1.00 21.89 ? 124 TRP A CG  1 
ATOM   222  C CD1 . TRP A 1 31  ? 7.052   -8.071  3.843   1.00 23.40 ? 124 TRP A CD1 1 
ATOM   223  C CD2 . TRP A 1 31  ? 6.756   -7.606  1.668   1.00 20.93 ? 124 TRP A CD2 1 
ATOM   224  N NE1 . TRP A 1 31  ? 7.757   -8.989  3.102   1.00 23.27 ? 124 TRP A NE1 1 
ATOM   225  C CE2 . TRP A 1 31  ? 7.594   -8.710  1.769   1.00 22.20 ? 124 TRP A CE2 1 
ATOM   226  C CE3 . TRP A 1 31  ? 6.381   -7.171  0.361   1.00 19.72 ? 124 TRP A CE3 1 
ATOM   227  C CZ2 . TRP A 1 31  ? 8.138   -9.344  0.619   1.00 21.53 ? 124 TRP A CZ2 1 
ATOM   228  C CZ3 . TRP A 1 31  ? 6.896   -7.848  -0.763  1.00 20.73 ? 124 TRP A CZ3 1 
ATOM   229  C CH2 . TRP A 1 31  ? 7.753   -8.888  -0.624  1.00 22.26 ? 124 TRP A CH2 1 
ATOM   230  N N   . GLY A 1 32  ? 4.939   -2.806  2.406   1.00 19.09 ? 125 GLY A N   1 
ATOM   231  C CA  . GLY A 1 32  ? 3.976   -1.720  2.384   1.00 18.17 ? 125 GLY A CA  1 
ATOM   232  C C   . GLY A 1 32  ? 3.353   -1.565  1.005   1.00 18.81 ? 125 GLY A C   1 
ATOM   233  O O   . GLY A 1 32  ? 3.809   -2.212  0.027   1.00 17.33 ? 125 GLY A O   1 
ATOM   234  N N   . PHE A 1 33  ? 2.274   -0.782  0.932   1.00 19.85 ? 126 PHE A N   1 
ATOM   235  C CA  . PHE A 1 33  ? 1.729   -0.313  -0.373  1.00 19.27 ? 126 PHE A CA  1 
ATOM   236  C C   . PHE A 1 33  ? 2.726   0.601   -1.068  1.00 20.33 ? 126 PHE A C   1 
ATOM   237  O O   . PHE A 1 33  ? 3.427   1.394   -0.409  1.00 17.97 ? 126 PHE A O   1 
ATOM   238  C CB  . PHE A 1 33  ? 0.350   0.329   -0.206  1.00 17.82 ? 126 PHE A CB  1 
ATOM   239  C CG  . PHE A 1 33  ? -0.642  -0.654  0.355   1.00 19.02 ? 126 PHE A CG  1 
ATOM   240  C CD1 . PHE A 1 33  ? -1.131  -1.675  -0.413  1.00 18.81 ? 126 PHE A CD1 1 
ATOM   241  C CD2 . PHE A 1 33  ? -1.000  -0.574  1.719   1.00 20.35 ? 126 PHE A CD2 1 
ATOM   242  C CE1 . PHE A 1 33  ? -2.047  -2.588  0.105   1.00 20.56 ? 126 PHE A CE1 1 
ATOM   243  C CE2 . PHE A 1 33  ? -1.939  -1.493  2.277   1.00 21.30 ? 126 PHE A CE2 1 
ATOM   244  C CZ  . PHE A 1 33  ? -2.439  -2.518  1.450   1.00 20.33 ? 126 PHE A CZ  1 
ATOM   245  N N   . PRO A 1 34  ? 2.848   0.473   -2.413  1.00 17.82 ? 127 PRO A N   1 
ATOM   246  C CA  . PRO A 1 34  ? 3.725   1.381   -3.106  1.00 19.94 ? 127 PRO A CA  1 
ATOM   247  C C   . PRO A 1 34  ? 3.243   2.847   -3.115  1.00 21.19 ? 127 PRO A C   1 
ATOM   248  O O   . PRO A 1 34  ? 2.071   3.113   -3.391  1.00 20.98 ? 127 PRO A O   1 
ATOM   249  C CB  . PRO A 1 34  ? 3.816   0.755   -4.533  1.00 19.00 ? 127 PRO A CB  1 
ATOM   250  C CG  . PRO A 1 34  ? 2.495   0.111   -4.692  1.00 20.81 ? 127 PRO A CG  1 
ATOM   251  C CD  . PRO A 1 34  ? 2.199   -0.463  -3.339  1.00 18.54 ? 127 PRO A CD  1 
ATOM   252  N N   . LYS A 1 35  ? 4.155   3.769   -2.799  1.00 20.64 ? 128 LYS A N   1 
ATOM   253  C CA  . LYS A 1 35  ? 3.843   5.186   -2.628  1.00 21.58 ? 128 LYS A CA  1 
ATOM   254  C C   . LYS A 1 35  ? 5.175   5.966   -2.465  1.00 23.98 ? 128 LYS A C   1 
ATOM   255  O O   . LYS A 1 35  ? 6.254   5.348   -2.230  1.00 25.68 ? 128 LYS A O   1 
ATOM   256  C CB  . LYS A 1 35  ? 2.939   5.444   -1.401  1.00 20.32 ? 128 LYS A CB  1 
ATOM   257  C CG  . LYS A 1 35  ? 3.519   5.106   -0.054  1.00 20.20 ? 128 LYS A CG  1 
ATOM   258  C CD  . LYS A 1 35  ? 2.561   5.604   0.998   1.00 24.83 ? 128 LYS A CD  1 
ATOM   259  C CE  . LYS A 1 35  ? 2.670   4.869   2.326   1.00 29.42 ? 128 LYS A CE  1 
ATOM   260  N NZ  . LYS A 1 35  ? 3.958   5.252   2.912   1.00 27.48 ? 128 LYS A NZ  1 
ATOM   261  N N   . GLY A 1 36  ? 5.043   7.289   -2.542  1.00 24.46 ? 129 GLY A N   1 
ATOM   262  C CA  . GLY A 1 36  ? 6.188   8.217   -2.387  1.00 22.51 ? 129 GLY A CA  1 
ATOM   263  C C   . GLY A 1 36  ? 5.726   9.676   -2.357  1.00 24.14 ? 129 GLY A C   1 
ATOM   264  O O   . GLY A 1 36  ? 4.557   9.999   -2.602  1.00 24.76 ? 129 GLY A O   1 
ATOM   265  N N   . LYS A 1 37  ? 6.705   10.566  -2.154  1.00 25.76 ? 130 LYS A N   1 
ATOM   266  C CA  . LYS A 1 37  ? 6.536   11.975  -1.938  1.00 28.01 ? 130 LYS A CA  1 
ATOM   267  C C   . LYS A 1 37  ? 6.189   12.778  -3.265  1.00 28.43 ? 130 LYS A C   1 
ATOM   268  O O   . LYS A 1 37  ? 6.821   12.572  -4.342  1.00 30.54 ? 130 LYS A O   1 
ATOM   269  C CB  . LYS A 1 37  ? 7.846   12.521  -1.290  1.00 31.95 ? 130 LYS A CB  1 
ATOM   270  C CG  . LYS A 1 37  ? 7.925   12.410  0.271   1.00 33.86 ? 130 LYS A CG  1 
ATOM   271  C CD  . LYS A 1 37  ? 9.119   13.219  0.890   1.00 36.53 ? 130 LYS A CD  1 
ATOM   272  N N   . VAL A 1 38  ? 5.223   13.679  -3.143  1.00 30.25 ? 131 VAL A N   1 
ATOM   273  C CA  . VAL A 1 38  ? 4.801   14.540  -4.243  1.00 32.76 ? 131 VAL A CA  1 
ATOM   274  C C   . VAL A 1 38  ? 5.946   15.565  -4.551  1.00 30.22 ? 131 VAL A C   1 
ATOM   275  O O   . VAL A 1 38  ? 6.530   16.185  -3.608  1.00 34.12 ? 131 VAL A O   1 
ATOM   276  C CB  . VAL A 1 38  ? 3.434   15.238  -3.942  1.00 34.28 ? 131 VAL A CB  1 
ATOM   277  C CG1 . VAL A 1 38  ? 3.509   16.275  -2.799  1.00 34.74 ? 131 VAL A CG1 1 
ATOM   278  C CG2 . VAL A 1 38  ? 2.870   15.855  -5.232  1.00 32.98 ? 131 VAL A CG2 1 
ATOM   279  N N   . ASN A 1 39  ? 6.238   15.722  -5.829  1.00 34.35 ? 132 ASN A N   1 
ATOM   280  C CA  . ASN A 1 39  ? 7.088   16.857  -6.353  1.00 34.48 ? 132 ASN A CA  1 
ATOM   281  C C   . ASN A 1 39  ? 6.317   18.229  -6.358  1.00 37.75 ? 132 ASN A C   1 
ATOM   282  O O   . ASN A 1 39  ? 5.060   18.268  -6.378  1.00 33.81 ? 132 ASN A O   1 
ATOM   283  C CB  . ASN A 1 39  ? 7.578   16.517  -7.770  1.00 35.59 ? 132 ASN A CB  1 
ATOM   284  C CG  . ASN A 1 39  ? 8.489   15.333  -7.806  1.00 34.77 ? 132 ASN A CG  1 
ATOM   285  O OD1 . ASN A 1 39  ? 9.254   15.068  -6.876  1.00 37.30 ? 132 ASN A OD1 1 
ATOM   286  N ND2 . ASN A 1 39  ? 8.433   14.612  -8.871  1.00 35.59 ? 132 ASN A ND2 1 
ATOM   287  N N   . LYS A 1 40  ? 7.047   19.369  -6.304  1.00 43.51 ? 133 LYS A N   1 
ATOM   288  C CA  . LYS A 1 40  ? 6.431   20.715  -6.535  1.00 41.57 ? 133 LYS A CA  1 
ATOM   289  C C   . LYS A 1 40  ? 5.597   20.777  -7.840  1.00 37.87 ? 133 LYS A C   1 
ATOM   290  O O   . LYS A 1 40  ? 6.022   20.309  -8.914  1.00 45.16 ? 133 LYS A O   1 
ATOM   291  C CB  . LYS A 1 40  ? 7.511   21.834  -6.555  1.00 44.14 ? 133 LYS A CB  1 
ATOM   292  N N   . GLU A 1 41  ? 4.394   21.315  -7.749  1.00 44.73 ? 134 GLU A N   1 
ATOM   293  C CA  . GLU A 1 41  ? 3.507   21.492  -8.926  1.00 48.26 ? 134 GLU A CA  1 
ATOM   294  C C   . GLU A 1 41  ? 2.870   20.185  -9.484  1.00 48.40 ? 134 GLU A C   1 
ATOM   295  O O   . GLU A 1 41  ? 2.093   20.261  -10.427 1.00 49.40 ? 134 GLU A O   1 
ATOM   296  C CB  . GLU A 1 41  ? 4.203   22.297  -10.049 1.00 53.51 ? 134 GLU A CB  1 
ATOM   297  N N   . GLU A 1 42  ? 3.105   19.017  -8.854  1.00 41.67 ? 135 GLU A N   1 
ATOM   298  C CA  . GLU A 1 42  ? 2.685   17.707  -9.409  1.00 35.22 ? 135 GLU A CA  1 
ATOM   299  C C   . GLU A 1 42  ? 1.310   17.393  -8.840  1.00 34.18 ? 135 GLU A C   1 
ATOM   300  O O   . GLU A 1 42  ? 1.090   17.540  -7.635  1.00 31.91 ? 135 GLU A O   1 
ATOM   301  C CB  . GLU A 1 42  ? 3.715   16.623  -9.062  1.00 36.38 ? 135 GLU A CB  1 
ATOM   302  C CG  . GLU A 1 42  ? 3.355   15.201  -9.486  1.00 35.01 ? 135 GLU A CG  1 
ATOM   303  C CD  . GLU A 1 42  ? 4.432   14.179  -9.174  1.00 32.26 ? 135 GLU A CD  1 
ATOM   304  O OE1 . GLU A 1 42  ? 4.975   14.254  -8.037  1.00 35.06 ? 135 GLU A OE1 1 
ATOM   305  O OE2 . GLU A 1 42  ? 4.691   13.310  -10.060 1.00 32.42 ? 135 GLU A OE2 1 
ATOM   306  N N   . ALA A 1 43  ? 0.351   17.045  -9.708  1.00 34.78 ? 136 ALA A N   1 
ATOM   307  C CA  . ALA A 1 43  ? -1.013  16.734  -9.249  1.00 36.68 ? 136 ALA A CA  1 
ATOM   308  C C   . ALA A 1 43  ? -1.032  15.323  -8.580  1.00 33.06 ? 136 ALA A C   1 
ATOM   309  O O   . ALA A 1 43  ? -0.273  14.422  -8.998  1.00 29.92 ? 136 ALA A O   1 
ATOM   310  C CB  . ALA A 1 43  ? -2.018  16.787  -10.385 1.00 35.58 ? 136 ALA A CB  1 
ATOM   311  N N   . PRO A 1 44  ? -1.926  15.143  -7.607  1.00 34.54 ? 137 PRO A N   1 
ATOM   312  C CA  . PRO A 1 44  ? -2.000  13.853  -6.890  1.00 35.09 ? 137 PRO A CA  1 
ATOM   313  C C   . PRO A 1 44  ? -2.036  12.619  -7.793  1.00 34.19 ? 137 PRO A C   1 
ATOM   314  O O   . PRO A 1 44  ? -1.262  11.696  -7.567  1.00 30.40 ? 137 PRO A O   1 
ATOM   315  C CB  . PRO A 1 44  ? -3.271  13.988  -6.060  1.00 38.07 ? 137 PRO A CB  1 
ATOM   316  C CG  . PRO A 1 44  ? -3.432  15.497  -5.828  1.00 37.06 ? 137 PRO A CG  1 
ATOM   317  C CD  . PRO A 1 44  ? -2.928  16.129  -7.102  1.00 34.05 ? 137 PRO A CD  1 
ATOM   318  N N   . HIS A 1 45  ? -2.866  12.598  -8.832  1.00 34.49 ? 138 HIS A N   1 
ATOM   319  C CA  . HIS A 1 45  ? -2.964  11.361  -9.666  1.00 32.87 ? 138 HIS A CA  1 
ATOM   320  C C   . HIS A 1 45  ? -1.669  11.073  -10.390 1.00 26.81 ? 138 HIS A C   1 
ATOM   321  O O   . HIS A 1 45  ? -1.319  9.924   -10.588 1.00 24.08 ? 138 HIS A O   1 
ATOM   322  C CB  . HIS A 1 45  ? -4.199  11.385  -10.607 1.00 37.98 ? 138 HIS A CB  1 
ATOM   323  C CG  . HIS A 1 45  ? -4.068  12.343  -11.751 1.00 46.58 ? 138 HIS A CG  1 
ATOM   324  N ND1 . HIS A 1 45  ? -4.474  13.669  -11.667 1.00 59.90 ? 138 HIS A ND1 1 
ATOM   325  C CD2 . HIS A 1 45  ? -3.571  12.179  -13.004 1.00 45.66 ? 138 HIS A CD2 1 
ATOM   326  C CE1 . HIS A 1 45  ? -4.249  14.272  -12.827 1.00 53.41 ? 138 HIS A CE1 1 
ATOM   327  N NE2 . HIS A 1 45  ? -3.698  13.392  -13.653 1.00 57.44 ? 138 HIS A NE2 1 
ATOM   328  N N   . ASP A 1 46  ? -0.937  12.135  -10.798 1.00 27.71 ? 139 ASP A N   1 
ATOM   329  C CA  . ASP A 1 46  ? 0.343   12.009  -11.481 1.00 28.34 ? 139 ASP A CA  1 
ATOM   330  C C   . ASP A 1 46  ? 1.469   11.455  -10.543 1.00 25.45 ? 139 ASP A C   1 
ATOM   331  O O   . ASP A 1 46  ? 2.288   10.596  -10.953 1.00 25.75 ? 139 ASP A O   1 
ATOM   332  C CB  . ASP A 1 46  ? 0.789   13.382  -12.052 1.00 30.48 ? 139 ASP A CB  1 
ATOM   333  C CG  . ASP A 1 46  ? -0.021  13.819  -13.267 1.00 36.49 ? 139 ASP A CG  1 
ATOM   334  O OD1 . ASP A 1 46  ? -0.495  12.994  -14.016 1.00 31.77 ? 139 ASP A OD1 1 
ATOM   335  O OD2 . ASP A 1 46  ? -0.178  15.027  -13.481 1.00 36.31 ? 139 ASP A OD2 1 
ATOM   336  N N   . CYS A 1 47  ? 1.497   11.959  -9.310  1.00 23.51 ? 140 CYS A N   1 
ATOM   337  C CA  . CYS A 1 47  ? 2.428   11.437  -8.308  1.00 24.56 ? 140 CYS A CA  1 
ATOM   338  C C   . CYS A 1 47  ? 2.186   9.920   -8.019  1.00 22.85 ? 140 CYS A C   1 
ATOM   339  O O   . CYS A 1 47  ? 3.149   9.104   -8.118  1.00 20.50 ? 140 CYS A O   1 
ATOM   340  C CB  . CYS A 1 47  ? 2.323   12.237  -7.002  1.00 25.59 ? 140 CYS A CB  1 
ATOM   341  S SG  . CYS A 1 47  ? 3.367   11.516  -5.685  1.00 27.66 ? 140 CYS A SG  1 
ATOM   342  N N   . ALA A 1 48  ? 0.903   9.561   -7.849  1.00 23.75 ? 141 ALA A N   1 
ATOM   343  C CA  . ALA A 1 48  ? 0.539   8.127   -7.550  1.00 22.15 ? 141 ALA A CA  1 
ATOM   344  C C   . ALA A 1 48  ? 1.039   7.236   -8.709  1.00 19.87 ? 141 ALA A C   1 
ATOM   345  O O   . ALA A 1 48  ? 1.751   6.237   -8.510  1.00 21.06 ? 141 ALA A O   1 
ATOM   346  C CB  . ALA A 1 48  ? -0.960  7.977   -7.335  1.00 19.36 ? 141 ALA A CB  1 
ATOM   347  N N   . ALA A 1 49  ? 0.714   7.590   -9.957  1.00 20.55 ? 142 ALA A N   1 
ATOM   348  C CA  . ALA A 1 49  ? 1.247   6.842   -11.125 1.00 21.08 ? 142 ALA A CA  1 
ATOM   349  C C   . ALA A 1 49  ? 2.743   6.783   -11.279 1.00 20.77 ? 142 ALA A C   1 
ATOM   350  O O   . ALA A 1 49  ? 3.293   5.702   -11.541 1.00 21.07 ? 142 ALA A O   1 
ATOM   351  C CB  . ALA A 1 49  ? 0.651   7.376   -12.428 1.00 25.86 ? 142 ALA A CB  1 
ATOM   352  N N   . ARG A 1 50  ? 3.434   7.889   -11.046 1.00 21.24 ? 143 ARG A N   1 
ATOM   353  C CA  . ARG A 1 50  ? 4.853   7.864   -11.163 1.00 22.72 ? 143 ARG A CA  1 
ATOM   354  C C   . ARG A 1 50  ? 5.468   7.002   -10.061 1.00 21.68 ? 143 ARG A C   1 
ATOM   355  O O   . ARG A 1 50  ? 6.368   6.284   -10.311 1.00 24.26 ? 143 ARG A O   1 
ATOM   356  C CB  . ARG A 1 50  ? 5.379   9.292   -11.126 1.00 25.05 ? 143 ARG A CB  1 
ATOM   357  C CG  . ARG A 1 50  ? 6.905   9.481   -11.077 1.00 30.45 ? 143 ARG A CG  1 
ATOM   358  C CD  . ARG A 1 50  ? 7.348   10.948  -10.865 1.00 27.28 ? 143 ARG A CD  1 
ATOM   359  N NE  . ARG A 1 50  ? 6.883   11.622  -9.634  1.00 30.10 ? 143 ARG A NE  1 
ATOM   360  C CZ  . ARG A 1 50  ? 7.410   11.471  -8.387  1.00 30.74 ? 143 ARG A CZ  1 
ATOM   361  N NH1 . ARG A 1 50  ? 8.488   10.751  -8.157  1.00 33.92 ? 143 ARG A NH1 1 
ATOM   362  N NH2 . ARG A 1 50  ? 6.855   12.058  -7.359  1.00 26.76 ? 143 ARG A NH2 1 
ATOM   363  N N   . GLU A 1 51  ? 5.029   7.124   -8.815  1.00 25.32 ? 144 GLU A N   1 
ATOM   364  C CA  . GLU A 1 51  ? 5.688   6.313   -7.738  1.00 23.02 ? 144 GLU A CA  1 
ATOM   365  C C   . GLU A 1 51  ? 5.417   4.831   -7.956  1.00 23.89 ? 144 GLU A C   1 
ATOM   366  O O   . GLU A 1 51  ? 6.289   3.988   -7.753  1.00 21.71 ? 144 GLU A O   1 
ATOM   367  C CB  . GLU A 1 51  ? 5.190   6.718   -6.379  1.00 25.84 ? 144 GLU A CB  1 
ATOM   368  C CG  . GLU A 1 51  ? 5.549   8.118   -5.978  1.00 24.32 ? 144 GLU A CG  1 
ATOM   369  C CD  . GLU A 1 51  ? 6.986   8.307   -5.534  1.00 33.84 ? 144 GLU A CD  1 
ATOM   370  O OE1 . GLU A 1 51  ? 7.686   7.315   -5.398  1.00 27.89 ? 144 GLU A OE1 1 
ATOM   371  O OE2 . GLU A 1 51  ? 7.425   9.477   -5.296  1.00 30.25 ? 144 GLU A OE2 1 
ATOM   372  N N   . VAL A 1 52  ? 4.184   4.496   -8.332  1.00 22.78 ? 145 VAL A N   1 
ATOM   373  C CA  . VAL A 1 52  ? 3.832   3.100   -8.531  1.00 21.25 ? 145 VAL A CA  1 
ATOM   374  C C   . VAL A 1 52  ? 4.630   2.515   -9.727  1.00 20.43 ? 145 VAL A C   1 
ATOM   375  O O   . VAL A 1 52  ? 5.101   1.328   -9.639  1.00 18.38 ? 145 VAL A O   1 
ATOM   376  C CB  . VAL A 1 52  ? 2.298   2.896   -8.654  1.00 21.54 ? 145 VAL A CB  1 
ATOM   377  C CG1 . VAL A 1 52  ? 1.989   1.481   -9.101  1.00 23.67 ? 145 VAL A CG1 1 
ATOM   378  C CG2 . VAL A 1 52  ? 1.607   3.213   -7.365  1.00 21.71 ? 145 VAL A CG2 1 
ATOM   379  N N   . PHE A 1 53  ? 4.821   3.290   -10.795 1.00 21.28 ? 146 PHE A N   1 
ATOM   380  C CA  . PHE A 1 53  ? 5.606   2.824   -11.956 1.00 21.30 ? 146 PHE A CA  1 
ATOM   381  C C   . PHE A 1 53  ? 7.095   2.659   -11.547 1.00 21.38 ? 146 PHE A C   1 
ATOM   382  O O   . PHE A 1 53  ? 7.736   1.682   -11.897 1.00 23.42 ? 146 PHE A O   1 
ATOM   383  C CB  . PHE A 1 53  ? 5.458   3.772   -13.191 1.00 23.54 ? 146 PHE A CB  1 
ATOM   384  C CG  . PHE A 1 53  ? 6.111   3.209   -14.435 1.00 28.98 ? 146 PHE A CG  1 
ATOM   385  C CD1 . PHE A 1 53  ? 5.514   2.187   -15.146 1.00 32.28 ? 146 PHE A CD1 1 
ATOM   386  C CD2 . PHE A 1 53  ? 7.415   3.589   -14.789 1.00 39.24 ? 146 PHE A CD2 1 
ATOM   387  C CE1 . PHE A 1 53  ? 6.115   1.593   -16.250 1.00 33.21 ? 146 PHE A CE1 1 
ATOM   388  C CE2 . PHE A 1 53  ? 8.047   3.002   -15.897 1.00 40.17 ? 146 PHE A CE2 1 
ATOM   389  C CZ  . PHE A 1 53  ? 7.389   2.000   -16.626 1.00 37.79 ? 146 PHE A CZ  1 
ATOM   390  N N   . GLU A 1 54  ? 7.654   3.609   -10.819 1.00 23.47 ? 147 GLU A N   1 
ATOM   391  C CA  . GLU A 1 54  ? 9.095   3.444   -10.342 1.00 26.25 ? 147 GLU A CA  1 
ATOM   392  C C   . GLU A 1 54  ? 9.309   2.238   -9.453  1.00 26.95 ? 147 GLU A C   1 
ATOM   393  O O   . GLU A 1 54  ? 10.352  1.555   -9.478  1.00 29.63 ? 147 GLU A O   1 
ATOM   394  C CB  . GLU A 1 54  ? 9.458   4.662   -9.501  1.00 30.92 ? 147 GLU A CB  1 
ATOM   395  C CG  . GLU A 1 54  ? 9.727   5.926   -10.328 1.00 40.24 ? 147 GLU A CG  1 
ATOM   396  C CD  . GLU A 1 54  ? 9.952   7.204   -9.443  1.00 45.05 ? 147 GLU A CD  1 
ATOM   397  O OE1 . GLU A 1 54  ? 9.849   7.124   -8.174  1.00 54.71 ? 147 GLU A OE1 1 
ATOM   398  O OE2 . GLU A 1 54  ? 10.237  8.323   -10.007 1.00 53.54 ? 147 GLU A OE2 1 
ATOM   399  N N   . GLU A 1 55  ? 8.323   2.009   -8.583  1.00 25.34 ? 148 GLU A N   1 
ATOM   400  C CA  . GLU A 1 55  ? 8.477   0.898   -7.582  1.00 27.42 ? 148 GLU A CA  1 
ATOM   401  C C   . GLU A 1 55  ? 8.025   -0.497  -8.031  1.00 23.49 ? 148 GLU A C   1 
ATOM   402  O O   . GLU A 1 55  ? 8.459   -1.474  -7.403  1.00 26.30 ? 148 GLU A O   1 
ATOM   403  C CB  . GLU A 1 55  ? 7.842   1.282   -6.222  1.00 24.07 ? 148 GLU A CB  1 
ATOM   404  C CG  . GLU A 1 55  ? 8.417   2.532   -5.616  1.00 23.63 ? 148 GLU A CG  1 
ATOM   405  C CD  . GLU A 1 55  ? 7.676   3.051   -4.389  1.00 25.24 ? 148 GLU A CD  1 
ATOM   406  O OE1 . GLU A 1 55  ? 6.819   2.330   -3.830  1.00 22.43 ? 148 GLU A OE1 1 
ATOM   407  O OE2 . GLU A 1 55  ? 7.948   4.241   -4.052  1.00 30.61 ? 148 GLU A OE2 1 
ATOM   408  N N   . THR A 1 56  ? 7.173   -0.601  -9.090  1.00 23.67 ? 149 THR A N   1 
ATOM   409  C CA  . THR A 1 56  ? 6.595   -1.861  -9.559  1.00 25.53 ? 149 THR A CA  1 
ATOM   410  C C   . THR A 1 56  ? 6.792   -2.193  -11.035 1.00 22.97 ? 149 THR A C   1 
ATOM   411  O O   . THR A 1 56  ? 6.538   -3.304  -11.437 1.00 30.12 ? 149 THR A O   1 
ATOM   412  C CB  . THR A 1 56  ? 5.069   -1.947  -9.265  1.00 23.27 ? 149 THR A CB  1 
ATOM   413  O OG1 . THR A 1 56  ? 4.330   -1.021  -10.095 1.00 23.73 ? 149 THR A OG1 1 
ATOM   414  C CG2 . THR A 1 56  ? 4.772   -1.593  -7.756  1.00 22.41 ? 149 THR A CG2 1 
ATOM   415  N N   . GLY A 1 57  ? 7.058   -1.193  -11.846 1.00 25.83 ? 150 GLY A N   1 
ATOM   416  C CA  . GLY A 1 57  ? 7.042   -1.359  -13.296 1.00 28.38 ? 150 GLY A CA  1 
ATOM   417  C C   . GLY A 1 57  ? 5.673   -1.337  -13.981 1.00 28.60 ? 150 GLY A C   1 
ATOM   418  O O   . GLY A 1 57  ? 5.597   -1.543  -15.163 1.00 31.27 ? 150 GLY A O   1 
ATOM   419  N N   . PHE A 1 58  ? 4.593   -1.139  -13.250 1.00 22.28 ? 151 PHE A N   1 
ATOM   420  C CA  . PHE A 1 58  ? 3.241   -1.259  -13.800 1.00 22.38 ? 151 PHE A CA  1 
ATOM   421  C C   . PHE A 1 58  ? 2.646   0.113   -13.846 1.00 23.33 ? 151 PHE A C   1 
ATOM   422  O O   . PHE A 1 58  ? 2.708   0.854   -12.863 1.00 25.34 ? 151 PHE A O   1 
ATOM   423  C CB  . PHE A 1 58  ? 2.388   -2.199  -12.995 1.00 23.19 ? 151 PHE A CB  1 
ATOM   424  C CG  . PHE A 1 58  ? 0.954   -2.334  -13.526 1.00 22.65 ? 151 PHE A CG  1 
ATOM   425  C CD1 . PHE A 1 58  ? 0.682   -3.234  -14.588 1.00 24.96 ? 151 PHE A CD1 1 
ATOM   426  C CD2 . PHE A 1 58  ? -0.089  -1.690  -12.938 1.00 26.88 ? 151 PHE A CD2 1 
ATOM   427  C CE1 . PHE A 1 58  ? -0.593  -3.333  -15.129 1.00 25.62 ? 151 PHE A CE1 1 
ATOM   428  C CE2 . PHE A 1 58  ? -1.403  -1.838  -13.421 1.00 26.25 ? 151 PHE A CE2 1 
ATOM   429  C CZ  . PHE A 1 58  ? -1.649  -2.648  -14.539 1.00 25.39 ? 151 PHE A CZ  1 
ATOM   430  N N   . ASP A 1 59  ? 2.022   0.469   -14.967 1.00 24.86 ? 152 ASP A N   1 
ATOM   431  C CA  . ASP A 1 59  ? 1.492   1.812   -15.120 1.00 28.17 ? 152 ASP A CA  1 
ATOM   432  C C   . ASP A 1 59  ? 0.006   1.855   -14.866 1.00 25.38 ? 152 ASP A C   1 
ATOM   433  O O   . ASP A 1 59  ? -0.760  1.266   -15.653 1.00 27.08 ? 152 ASP A O   1 
ATOM   434  C CB  . ASP A 1 59  ? 1.798   2.281   -16.545 1.00 28.56 ? 152 ASP A CB  1 
ATOM   435  C CG  . ASP A 1 59  ? 1.252   3.715   -16.856 1.00 31.30 ? 152 ASP A CG  1 
ATOM   436  O OD1 . ASP A 1 59  ? 0.749   4.484   -15.989 1.00 32.03 ? 152 ASP A OD1 1 
ATOM   437  O OD2 . ASP A 1 59  ? 1.364   4.075   -18.043 1.00 41.08 ? 152 ASP A OD2 1 
ATOM   438  N N   . ILE A 1 60  ? -0.406  2.600   -13.858 1.00 22.30 ? 153 ILE A N   1 
ATOM   439  C CA  . ILE A 1 60  ? -1.843  2.632   -13.444 1.00 26.85 ? 153 ILE A CA  1 
ATOM   440  C C   . ILE A 1 60  ? -2.640  3.805   -14.033 1.00 24.24 ? 153 ILE A C   1 
ATOM   441  O O   . ILE A 1 60  ? -3.806  4.031   -13.723 1.00 24.87 ? 153 ILE A O   1 
ATOM   442  C CB  . ILE A 1 60  ? -2.007  2.666   -11.894 1.00 25.92 ? 153 ILE A CB  1 
ATOM   443  C CG1 . ILE A 1 60  ? -1.396  3.928   -11.279 1.00 24.90 ? 153 ILE A CG1 1 
ATOM   444  C CG2 . ILE A 1 60  ? -1.365  1.461   -11.267 1.00 27.95 ? 153 ILE A CG2 1 
ATOM   445  C CD1 . ILE A 1 60  ? -1.859  4.278   -9.855  1.00 26.01 ? 153 ILE A CD1 1 
ATOM   446  N N   . LYS A 1 61  ? -2.001  4.621   -14.848 1.00 26.61 ? 154 LYS A N   1 
ATOM   447  C CA  . LYS A 1 61  ? -2.588  5.903   -15.157 1.00 31.63 ? 154 LYS A CA  1 
ATOM   448  C C   . LYS A 1 61  ? -3.998  5.747   -15.791 1.00 28.10 ? 154 LYS A C   1 
ATOM   449  O O   . LYS A 1 61  ? -4.963  6.431   -15.400 1.00 31.01 ? 154 LYS A O   1 
ATOM   450  C CB  . LYS A 1 61  ? -1.619  6.680   -16.080 1.00 36.59 ? 154 LYS A CB  1 
ATOM   451  C CG  . LYS A 1 61  ? -2.225  7.796   -16.929 1.00 48.11 ? 154 LYS A CG  1 
ATOM   452  C CD  . LYS A 1 61  ? -1.246  8.499   -17.930 1.00 56.03 ? 154 LYS A CD  1 
ATOM   453  C CE  . LYS A 1 61  ? -0.183  7.610   -18.641 1.00 58.45 ? 154 LYS A CE  1 
ATOM   454  N NZ  . LYS A 1 61  ? -0.671  6.637   -19.679 1.00 61.61 ? 154 LYS A NZ  1 
ATOM   455  N N   . ASP A 1 62  ? -4.124  4.801   -16.670 1.00 26.41 ? 155 ASP A N   1 
ATOM   456  C CA  . ASP A 1 62  ? -5.471  4.567   -17.366 1.00 29.00 ? 155 ASP A CA  1 
ATOM   457  C C   . ASP A 1 62  ? -6.535  3.981   -16.476 1.00 29.96 ? 155 ASP A C   1 
ATOM   458  O O   . ASP A 1 62  ? -7.709  3.979   -16.893 1.00 29.43 ? 155 ASP A O   1 
ATOM   459  C CB  . ASP A 1 62  ? -5.286  3.601   -18.539 1.00 32.25 ? 155 ASP A CB  1 
ATOM   460  C CG  . ASP A 1 62  ? -4.517  4.195   -19.698 1.00 39.47 ? 155 ASP A CG  1 
ATOM   461  O OD1 . ASP A 1 62  ? -4.327  5.445   -19.785 1.00 38.32 ? 155 ASP A OD1 1 
ATOM   462  O OD2 . ASP A 1 62  ? -4.150  3.381   -20.556 1.00 41.49 ? 155 ASP A OD2 1 
ATOM   463  N N   . TYR A 1 63  ? -6.152  3.490   -15.254 1.00 25.53 ? 156 TYR A N   1 
ATOM   464  C CA  . TYR A 1 63  ? -7.093  2.832   -14.321 1.00 27.70 ? 156 TYR A CA  1 
ATOM   465  C C   . TYR A 1 63  ? -7.490  3.633   -13.075 1.00 28.73 ? 156 TYR A C   1 
ATOM   466  O O   . TYR A 1 63  ? -8.474  3.344   -12.427 1.00 31.43 ? 156 TYR A O   1 
ATOM   467  C CB  . TYR A 1 63  ? -6.485  1.508   -13.900 1.00 27.34 ? 156 TYR A CB  1 
ATOM   468  C CG  . TYR A 1 63  ? -6.058  0.688   -15.053 1.00 27.11 ? 156 TYR A CG  1 
ATOM   469  C CD1 . TYR A 1 63  ? -6.968  0.436   -16.112 1.00 34.95 ? 156 TYR A CD1 1 
ATOM   470  C CD2 . TYR A 1 63  ? -4.762  0.314   -15.217 1.00 29.89 ? 156 TYR A CD2 1 
ATOM   471  C CE1 . TYR A 1 63  ? -6.566  -0.233  -17.247 1.00 32.44 ? 156 TYR A CE1 1 
ATOM   472  C CE2 . TYR A 1 63  ? -4.304  -0.346  -16.362 1.00 29.99 ? 156 TYR A CE2 1 
ATOM   473  C CZ  . TYR A 1 63  ? -5.226  -0.657  -17.352 1.00 36.59 ? 156 TYR A CZ  1 
ATOM   474  O OH  . TYR A 1 63  ? -4.764  -1.345  -18.422 1.00 42.38 ? 156 TYR A OH  1 
ATOM   475  N N   . ILE A 1 64  ? -6.746  4.670   -12.752 1.00 26.52 ? 157 ILE A N   1 
ATOM   476  C CA  . ILE A 1 64  ? -7.092  5.512   -11.577 1.00 29.66 ? 157 ILE A CA  1 
ATOM   477  C C   . ILE A 1 64  ? -8.443  6.094   -11.679 1.00 30.81 ? 157 ILE A C   1 
ATOM   478  O O   . ILE A 1 64  ? -8.770  6.689   -12.712 1.00 33.23 ? 157 ILE A O   1 
ATOM   479  C CB  . ILE A 1 64  ? -6.148  6.711   -11.404 1.00 32.39 ? 157 ILE A CB  1 
ATOM   480  C CG1 . ILE A 1 64  ? -4.810  6.241   -10.885 1.00 37.50 ? 157 ILE A CG1 1 
ATOM   481  C CG2 . ILE A 1 64  ? -6.674  7.763   -10.406 1.00 34.63 ? 157 ILE A CG2 1 
ATOM   482  C CD1 . ILE A 1 64  ? -3.741  7.332   -10.916 1.00 36.09 ? 157 ILE A CD1 1 
ATOM   483  N N   A CYS A 1 65  ? -9.258  5.892   -10.645 0.25 28.20 ? 158 CYS A N   1 
ATOM   484  N N   B CYS A 1 65  ? -9.230  5.956   -10.618 0.25 32.51 ? 158 CYS A N   1 
ATOM   485  C CA  A CYS A 1 65  ? -10.534 6.574   -10.487 0.25 27.31 ? 158 CYS A CA  1 
ATOM   486  C CA  B CYS A 1 65  ? -10.536 6.569   -10.521 0.25 34.06 ? 158 CYS A CA  1 
ATOM   487  C C   A CYS A 1 65  ? -10.435 7.644   -9.406  0.25 29.90 ? 158 CYS A C   1 
ATOM   488  C C   B CYS A 1 65  ? -10.567 7.605   -9.383  0.25 33.83 ? 158 CYS A C   1 
ATOM   489  O O   A CYS A 1 65  ? -9.986  7.375   -8.279  0.25 27.45 ? 158 CYS A O   1 
ATOM   490  O O   B CYS A 1 65  ? -10.360 7.268   -8.208  0.25 31.31 ? 158 CYS A O   1 
ATOM   491  C CB  A CYS A 1 65  ? -11.627 5.583   -10.122 0.25 26.01 ? 158 CYS A CB  1 
ATOM   492  C CB  B CYS A 1 65  ? -11.580 5.480   -10.332 0.25 36.93 ? 158 CYS A CB  1 
ATOM   493  S SG  A CYS A 1 65  ? -12.019 4.387   -11.399 0.25 23.14 ? 158 CYS A SG  1 
ATOM   494  S SG  B CYS A 1 65  ? -13.220 6.128   -9.996  0.25 46.84 ? 158 CYS A SG  1 
ATOM   495  N N   . LYS A 1 66  ? -10.871 8.856   -9.742  1.00 33.25 ? 159 LYS A N   1 
ATOM   496  C CA  . LYS A 1 66  ? -10.589 10.039  -8.917  1.00 35.32 ? 159 LYS A CA  1 
ATOM   497  C C   . LYS A 1 66  ? -11.152 10.035  -7.514  1.00 30.70 ? 159 LYS A C   1 
ATOM   498  O O   . LYS A 1 66  ? -10.472 10.517  -6.586  1.00 33.69 ? 159 LYS A O   1 
ATOM   499  C CB  . LYS A 1 66  ? -11.032 11.344  -9.633  1.00 38.94 ? 159 LYS A CB  1 
ATOM   500  C CG  . LYS A 1 66  ? -12.527 11.615  -9.558  1.00 44.32 ? 159 LYS A CG  1 
ATOM   501  N N   . ASP A 1 67  ? -12.336 9.466   -7.329  1.00 28.70 ? 160 ASP A N   1 
ATOM   502  C CA  . ASP A 1 67  ? -12.908 9.395   -5.992  1.00 36.35 ? 160 ASP A CA  1 
ATOM   503  C C   . ASP A 1 67  ? -12.667 8.082   -5.250  1.00 34.30 ? 160 ASP A C   1 
ATOM   504  O O   . ASP A 1 67  ? -13.152 7.974   -4.102  1.00 32.08 ? 160 ASP A O   1 
ATOM   505  C CB  . ASP A 1 67  ? -14.404 9.703   -6.050  1.00 44.79 ? 160 ASP A CB  1 
ATOM   506  C CG  . ASP A 1 67  ? -14.668 11.099  -6.623  1.00 50.51 ? 160 ASP A CG  1 
ATOM   507  O OD1 . ASP A 1 67  ? -14.143 12.090  -6.064  1.00 57.66 ? 160 ASP A OD1 1 
ATOM   508  O OD2 . ASP A 1 67  ? -15.325 11.168  -7.665  1.00 56.26 ? 160 ASP A OD2 1 
ATOM   509  N N   . ASP A 1 68  ? -11.918 7.133   -5.838  1.00 27.42 ? 161 ASP A N   1 
ATOM   510  C CA  . ASP A 1 68  ? -11.744 5.789   -5.205  1.00 28.19 ? 161 ASP A CA  1 
ATOM   511  C C   . ASP A 1 68  ? -10.349 5.707   -4.566  1.00 27.18 ? 161 ASP A C   1 
ATOM   512  O O   . ASP A 1 68  ? -9.376  5.394   -5.251  1.00 24.08 ? 161 ASP A O   1 
ATOM   513  C CB  . ASP A 1 68  ? -11.817 4.665   -6.257  1.00 28.52 ? 161 ASP A CB  1 
ATOM   514  C CG  . ASP A 1 68  ? -13.230 4.482   -6.876  1.00 32.54 ? 161 ASP A CG  1 
ATOM   515  O OD1 . ASP A 1 68  ? -14.174 5.079   -6.375  1.00 30.39 ? 161 ASP A OD1 1 
ATOM   516  O OD2 . ASP A 1 68  ? -13.400 3.660   -7.828  1.00 27.99 ? 161 ASP A OD2 1 
ATOM   517  N N   . TYR A 1 69  ? -10.241 6.063   -3.300  1.00 26.31 ? 162 TYR A N   1 
ATOM   518  C CA  . TYR A 1 69  ? -8.928  6.017   -2.592  1.00 24.97 ? 162 TYR A CA  1 
ATOM   519  C C   . TYR A 1 69  ? -9.188  5.926   -1.107  1.00 26.87 ? 162 TYR A C   1 
ATOM   520  O O   . TYR A 1 69  ? -10.372 6.136   -0.684  1.00 26.76 ? 162 TYR A O   1 
ATOM   521  C CB  . TYR A 1 69  ? -8.082  7.265   -2.936  1.00 23.28 ? 162 TYR A CB  1 
ATOM   522  C CG  . TYR A 1 69  ? -8.726  8.617   -2.603  1.00 27.87 ? 162 TYR A CG  1 
ATOM   523  C CD1 . TYR A 1 69  ? -8.760  9.099   -1.277  1.00 31.97 ? 162 TYR A CD1 1 
ATOM   524  C CD2 . TYR A 1 69  ? -9.346  9.375   -3.588  1.00 30.27 ? 162 TYR A CD2 1 
ATOM   525  C CE1 . TYR A 1 69  ? -9.342  10.289  -0.957  1.00 34.14 ? 162 TYR A CE1 1 
ATOM   526  C CE2 . TYR A 1 69  ? -9.948  10.623  -3.259  1.00 33.01 ? 162 TYR A CE2 1 
ATOM   527  C CZ  . TYR A 1 69  ? -9.930  11.059  -1.967  1.00 35.28 ? 162 TYR A CZ  1 
ATOM   528  O OH  . TYR A 1 69  ? -10.497 12.272  -1.644  1.00 38.90 ? 162 TYR A OH  1 
ATOM   529  N N   . ILE A 1 70  ? -8.145  5.578   -0.344  1.00 24.58 ? 163 ILE A N   1 
ATOM   530  C CA  . ILE A 1 70  ? -8.134  5.622   1.133   1.00 27.71 ? 163 ILE A CA  1 
ATOM   531  C C   . ILE A 1 70  ? -7.030  6.544   1.570   1.00 27.23 ? 163 ILE A C   1 
ATOM   532  O O   . ILE A 1 70  ? -5.939  6.488   1.060   1.00 23.81 ? 163 ILE A O   1 
ATOM   533  C CB  . ILE A 1 70  ? -7.949  4.190   1.694   1.00 30.57 ? 163 ILE A CB  1 
ATOM   534  C CG1 . ILE A 1 70  ? -9.298  3.500   1.541   1.00 36.35 ? 163 ILE A CG1 1 
ATOM   535  C CG2 . ILE A 1 70  ? -7.586  4.185   3.181   1.00 36.26 ? 163 ILE A CG2 1 
ATOM   536  C CD1 . ILE A 1 70  ? -9.210  1.997   1.608   1.00 44.00 ? 163 ILE A CD1 1 
ATOM   537  N N   . GLU A 1 71  ? -7.343  7.449   2.518   1.00 24.83 ? 164 GLU A N   1 
ATOM   538  C CA  . GLU A 1 71  ? -6.401  8.498   2.916   1.00 28.23 ? 164 GLU A CA  1 
ATOM   539  C C   . GLU A 1 71  ? -6.293  8.507   4.438   1.00 28.24 ? 164 GLU A C   1 
ATOM   540  O O   . GLU A 1 71  ? -7.300  8.378   5.089   1.00 29.45 ? 164 GLU A O   1 
ATOM   541  C CB  . GLU A 1 71  ? -6.917  9.817   2.368   1.00 29.86 ? 164 GLU A CB  1 
ATOM   542  C CG  . GLU A 1 71  ? -6.255  11.093  2.763   1.00 38.85 ? 164 GLU A CG  1 
ATOM   543  C CD  . GLU A 1 71  ? -6.928  12.247  2.021   1.00 41.83 ? 164 GLU A CD  1 
ATOM   544  O OE1 . GLU A 1 71  ? -8.033  12.662  2.449   1.00 56.56 ? 164 GLU A OE1 1 
ATOM   545  O OE2 . GLU A 1 71  ? -6.403  12.657  0.977   1.00 38.34 ? 164 GLU A OE2 1 
ATOM   546  N N   . LEU A 1 72  ? -5.071  8.609   4.956   1.00 25.48 ? 165 LEU A N   1 
ATOM   547  C CA  . LEU A 1 72  ? -4.802  8.609   6.337   1.00 26.04 ? 165 LEU A CA  1 
ATOM   548  C C   . LEU A 1 72  ? -3.731  9.687   6.731   1.00 27.61 ? 165 LEU A C   1 
ATOM   549  O O   . LEU A 1 72  ? -2.756  9.928   6.027   1.00 31.09 ? 165 LEU A O   1 
ATOM   550  C CB  . LEU A 1 72  ? -4.273  7.286   6.788   1.00 25.71 ? 165 LEU A CB  1 
ATOM   551  C CG  . LEU A 1 72  ? -5.171  6.073   6.699   1.00 31.01 ? 165 LEU A CG  1 
ATOM   552  C CD1 . LEU A 1 72  ? -4.297  4.861   7.070   1.00 32.74 ? 165 LEU A CD1 1 
ATOM   553  C CD2 . LEU A 1 72  ? -6.351  6.209   7.653   1.00 32.60 ? 165 LEU A CD2 1 
ATOM   554  N N   . ARG A 1 73  ? -3.889  10.272  7.910   1.00 31.92 ? 166 ARG A N   1 
ATOM   555  C CA  . ARG A 1 73  ? -2.872  11.180  8.433   1.00 34.02 ? 166 ARG A CA  1 
ATOM   556  C C   . ARG A 1 73  ? -2.225  10.525  9.638   1.00 31.87 ? 166 ARG A C   1 
ATOM   557  O O   . ARG A 1 73  ? -2.898  10.145  10.619  1.00 34.77 ? 166 ARG A O   1 
ATOM   558  C CB  . ARG A 1 73  ? -3.439  12.588  8.738   1.00 35.43 ? 166 ARG A CB  1 
ATOM   559  C CG  . ARG A 1 73  ? -2.357  13.627  9.019   1.00 45.40 ? 166 ARG A CG  1 
ATOM   560  C CD  . ARG A 1 73  ? -2.962  14.910  9.614   1.00 53.73 ? 166 ARG A CD  1 
ATOM   561  N NE  . ARG A 1 73  ? -3.448  14.692  11.000  1.00 56.52 ? 166 ARG A NE  1 
ATOM   562  C CZ  . ARG A 1 73  ? -4.616  15.116  11.504  1.00 65.94 ? 166 ARG A CZ  1 
ATOM   563  N NH1 . ARG A 1 73  ? -5.512  15.827  10.803  1.00 64.45 ? 166 ARG A NH1 1 
ATOM   564  N NH2 . ARG A 1 73  ? -4.896  14.845  12.766  1.00 73.51 ? 166 ARG A NH2 1 
ATOM   565  N N   . ILE A 1 74  ? -0.916  10.370  9.536   1.00 26.16 ? 167 ILE A N   1 
ATOM   566  C CA  . ILE A 1 74  ? -0.127  9.690   10.502  1.00 33.82 ? 167 ILE A CA  1 
ATOM   567  C C   . ILE A 1 74  ? 1.018   10.587  10.932  1.00 38.31 ? 167 ILE A C   1 
ATOM   568  O O   . ILE A 1 74  ? 1.885   10.982  10.118  1.00 38.50 ? 167 ILE A O   1 
ATOM   569  C CB  . ILE A 1 74  ? 0.408   8.360   9.985   1.00 38.19 ? 167 ILE A CB  1 
ATOM   570  C CG1 . ILE A 1 74  ? -0.773  7.373   9.735   1.00 41.88 ? 167 ILE A CG1 1 
ATOM   571  C CG2 . ILE A 1 74  ? 1.391   7.771   11.032  1.00 41.23 ? 167 ILE A CG2 1 
ATOM   572  C CD1 . ILE A 1 74  ? -0.433  6.238   8.812   1.00 39.78 ? 167 ILE A CD1 1 
ATOM   573  N N   . ASN A 1 75  ? 0.997   10.953  12.210  1.00 34.32 ? 168 ASN A N   1 
ATOM   574  C CA  . ASN A 1 75  ? 1.959   11.908  12.735  1.00 37.25 ? 168 ASN A CA  1 
ATOM   575  C C   . ASN A 1 75  ? 2.176   13.095  11.860  1.00 33.09 ? 168 ASN A C   1 
ATOM   576  O O   . ASN A 1 75  ? 3.302   13.454  11.513  1.00 39.85 ? 168 ASN A O   1 
ATOM   577  C CB  . ASN A 1 75  ? 3.285   11.203  12.970  1.00 38.84 ? 168 ASN A CB  1 
ATOM   578  C CG  . ASN A 1 75  ? 3.216   10.324  14.144  1.00 41.81 ? 168 ASN A CG  1 
ATOM   579  O OD1 . ASN A 1 75  ? 2.497   10.613  15.138  1.00 39.38 ? 168 ASN A OD1 1 
ATOM   580  N ND2 . ASN A 1 75  ? 3.923   9.229   14.070  1.00 39.75 ? 168 ASN A ND2 1 
ATOM   581  N N   . ASP A 1 76  ? 1.074   13.686  11.503  1.00 33.20 ? 169 ASP A N   1 
ATOM   582  C CA  . ASP A 1 76  ? 1.021   14.834  10.697  1.00 41.95 ? 169 ASP A CA  1 
ATOM   583  C C   . ASP A 1 76  ? 1.488   14.715  9.186   1.00 45.88 ? 169 ASP A C   1 
ATOM   584  O O   . ASP A 1 76  ? 1.620   15.756  8.571   1.00 51.35 ? 169 ASP A O   1 
ATOM   585  C CB  . ASP A 1 76  ? 1.717   15.988  11.418  1.00 49.33 ? 169 ASP A CB  1 
ATOM   586  C CG  . ASP A 1 76  ? 0.840   17.206  11.501  1.00 56.27 ? 169 ASP A CG  1 
ATOM   587  O OD1 . ASP A 1 76  ? -0.263  17.163  12.176  1.00 75.67 ? 169 ASP A OD1 1 
ATOM   588  O OD2 . ASP A 1 76  ? 1.291   18.204  10.933  1.00 57.03 ? 169 ASP A OD2 1 
ATOM   589  N N   . GLN A 1 77  ? 1.713   13.516  8.613   1.00 46.04 ? 170 GLN A N   1 
ATOM   590  C CA  . GLN A 1 77  ? 1.925   13.367  7.118   1.00 42.27 ? 170 GLN A CA  1 
ATOM   591  C C   . GLN A 1 77  ? 0.712   12.691  6.487   1.00 36.52 ? 170 GLN A C   1 
ATOM   592  O O   . GLN A 1 77  ? 0.261   11.682  6.987   1.00 38.34 ? 170 GLN A O   1 
ATOM   593  C CB  . GLN A 1 77  ? 3.147   12.545  6.799   1.00 52.77 ? 170 GLN A CB  1 
ATOM   594  C CG  . GLN A 1 77  ? 3.541   12.612  5.311   1.00 64.24 ? 170 GLN A CG  1 
ATOM   595  C CD  . GLN A 1 77  ? 5.002   12.292  5.066   1.00 59.03 ? 170 GLN A CD  1 
ATOM   596  O OE1 . GLN A 1 77  ? 5.339   11.165  4.701   1.00 84.98 ? 170 GLN A OE1 1 
ATOM   597  N NE2 . GLN A 1 77  ? 5.871   13.277  5.238   1.00 69.50 ? 170 GLN A NE2 1 
ATOM   598  N N   . LEU A 1 78  ? 0.191   13.263  5.407   1.00 33.83 ? 171 LEU A N   1 
ATOM   599  C CA  . LEU A 1 78  ? -0.917  12.688  4.706   1.00 35.83 ? 171 LEU A CA  1 
ATOM   600  C C   . LEU A 1 78  ? -0.465  11.645  3.702   1.00 30.39 ? 171 LEU A C   1 
ATOM   601  O O   . LEU A 1 78  ? 0.419   11.934  2.945   1.00 33.76 ? 171 LEU A O   1 
ATOM   602  C CB  . LEU A 1 78  ? -1.663  13.776  3.988   1.00 40.96 ? 171 LEU A CB  1 
ATOM   603  C CG  . LEU A 1 78  ? -3.082  13.461  3.570   1.00 51.33 ? 171 LEU A CG  1 
ATOM   604  C CD1 . LEU A 1 78  ? -4.067  13.949  4.647   1.00 62.06 ? 171 LEU A CD1 1 
ATOM   605  C CD2 . LEU A 1 78  ? -3.352  14.088  2.179   1.00 55.60 ? 171 LEU A CD2 1 
ATOM   606  N N   . ALA A 1 79  ? -1.111  10.466  3.680   1.00 25.78 ? 172 ALA A N   1 
ATOM   607  C CA  . ALA A 1 79  ? -0.851  9.400   2.656   1.00 24.74 ? 172 ALA A CA  1 
ATOM   608  C C   . ALA A 1 79  ? -2.192  8.999   2.021   1.00 25.22 ? 172 ALA A C   1 
ATOM   609  O O   . ALA A 1 79  ? -3.201  8.673   2.716   1.00 25.15 ? 172 ALA A O   1 
ATOM   610  C CB  . ALA A 1 79  ? -0.080  8.190   3.250   1.00 25.72 ? 172 ALA A CB  1 
ATOM   611  N N   . ARG A 1 80  ? -2.231  9.095   0.678   1.00 21.37 ? 173 ARG A N   1 
ATOM   612  C CA  . ARG A 1 80  ? -3.416  8.747   -0.092  1.00 21.00 ? 173 ARG A CA  1 
ATOM   613  C C   . ARG A 1 80  ? -3.047  7.634   -1.078  1.00 21.74 ? 173 ARG A C   1 
ATOM   614  O O   . ARG A 1 80  ? -2.094  7.775   -1.901  1.00 23.60 ? 173 ARG A O   1 
ATOM   615  C CB  . ARG A 1 80  ? -4.003  9.958   -0.846  1.00 24.81 ? 173 ARG A CB  1 
ATOM   616  C CG  . ARG A 1 80  ? -5.186  9.544   -1.771  1.00 25.17 ? 173 ARG A CG  1 
ATOM   617  C CD  . ARG A 1 80  ? -5.553  10.680  -2.733  1.00 27.95 ? 173 ARG A CD  1 
ATOM   618  N NE  . ARG A 1 80  ? -6.057  11.821  -1.949  1.00 33.63 ? 173 ARG A NE  1 
ATOM   619  C CZ  . ARG A 1 80  ? -6.435  13.011  -2.467  1.00 38.54 ? 173 ARG A CZ  1 
ATOM   620  N NH1 . ARG A 1 80  ? -6.402  13.253  -3.771  1.00 35.62 ? 173 ARG A NH1 1 
ATOM   621  N NH2 . ARG A 1 80  ? -6.843  13.968  -1.664  1.00 42.85 ? 173 ARG A NH2 1 
ATOM   622  N N   . LEU A 1 81  ? -3.834  6.536   -1.015  1.00 21.16 ? 174 LEU A N   1 
ATOM   623  C CA  . LEU A 1 81  ? -3.650  5.368   -1.862  1.00 19.26 ? 174 LEU A CA  1 
ATOM   624  C C   . LEU A 1 81  ? -4.917  5.204   -2.713  1.00 21.15 ? 174 LEU A C   1 
ATOM   625  O O   . LEU A 1 81  ? -5.962  4.868   -2.169  1.00 21.83 ? 174 LEU A O   1 
ATOM   626  C CB  . LEU A 1 81  ? -3.419  4.097   -1.031  1.00 20.22 ? 174 LEU A CB  1 
ATOM   627  C CG  . LEU A 1 81  ? -2.199  4.068   -0.089  1.00 19.56 ? 174 LEU A CG  1 
ATOM   628  C CD1 . LEU A 1 81  ? -2.062  2.784   0.765   1.00 22.28 ? 174 LEU A CD1 1 
ATOM   629  C CD2 . LEU A 1 81  ? -0.863  4.440   -0.849  1.00 23.61 ? 174 LEU A CD2 1 
ATOM   630  N N   . TYR A 1 82  ? -4.784  5.336   -4.035  1.00 18.91 ? 175 TYR A N   1 
ATOM   631  C CA  . TYR A 1 82  ? -5.854  5.066   -5.010  1.00 19.43 ? 175 TYR A CA  1 
ATOM   632  C C   . TYR A 1 82  ? -6.131  3.565   -5.144  1.00 20.87 ? 175 TYR A C   1 
ATOM   633  O O   . TYR A 1 82  ? -5.208  2.761   -5.197  1.00 20.44 ? 175 TYR A O   1 
ATOM   634  C CB  . TYR A 1 82  ? -5.488  5.645   -6.351  1.00 21.61 ? 175 TYR A CB  1 
ATOM   635  C CG  . TYR A 1 82  ? -5.551  7.114   -6.341  1.00 21.47 ? 175 TYR A CG  1 
ATOM   636  C CD1 . TYR A 1 82  ? -6.779  7.791   -6.448  1.00 23.50 ? 175 TYR A CD1 1 
ATOM   637  C CD2 . TYR A 1 82  ? -4.422  7.873   -6.129  1.00 23.97 ? 175 TYR A CD2 1 
ATOM   638  C CE1 . TYR A 1 82  ? -6.845  9.187   -6.421  1.00 26.94 ? 175 TYR A CE1 1 
ATOM   639  C CE2 . TYR A 1 82  ? -4.541  9.263   -5.984  1.00 27.23 ? 175 TYR A CE2 1 
ATOM   640  C CZ  . TYR A 1 82  ? -5.741  9.891   -6.174  1.00 28.40 ? 175 TYR A CZ  1 
ATOM   641  O OH  . TYR A 1 82  ? -5.839  11.250  -6.093  1.00 29.40 ? 175 TYR A OH  1 
ATOM   642  N N   . ILE A 1 83  ? -7.403  3.166   -5.107  1.00 19.55 ? 176 ILE A N   1 
ATOM   643  C CA  . ILE A 1 83  ? -7.734  1.746   -5.224  1.00 20.29 ? 176 ILE A CA  1 
ATOM   644  C C   . ILE A 1 83  ? -7.853  1.339   -6.656  1.00 18.11 ? 176 ILE A C   1 
ATOM   645  O O   . ILE A 1 83  ? -8.659  1.899   -7.378  1.00 21.69 ? 176 ILE A O   1 
ATOM   646  C CB  . ILE A 1 83  ? -8.981  1.493   -4.403  1.00 23.50 ? 176 ILE A CB  1 
ATOM   647  C CG1 . ILE A 1 83  ? -8.613  1.875   -2.968  1.00 27.34 ? 176 ILE A CG1 1 
ATOM   648  C CG2 . ILE A 1 83  ? -9.449  0.054   -4.413  1.00 23.32 ? 176 ILE A CG2 1 
ATOM   649  C CD1 . ILE A 1 83  ? -9.816  1.796   -2.068  1.00 38.41 ? 176 ILE A CD1 1 
ATOM   650  N N   . ILE A 1 84  ? -7.125  0.275   -7.029  1.00 19.42 ? 177 ILE A N   1 
ATOM   651  C CA  . ILE A 1 84  ? -7.005  -0.208  -8.418  1.00 18.65 ? 177 ILE A CA  1 
ATOM   652  C C   . ILE A 1 84  ? -7.310  -1.734  -8.511  1.00 18.93 ? 177 ILE A C   1 
ATOM   653  O O   . ILE A 1 84  ? -6.404  -2.536  -8.457  1.00 20.12 ? 177 ILE A O   1 
ATOM   654  C CB  . ILE A 1 84  ? -5.604  0.008   -9.003  1.00 21.70 ? 177 ILE A CB  1 
ATOM   655  C CG1 . ILE A 1 84  ? -5.065  1.441   -8.776  1.00 23.58 ? 177 ILE A CG1 1 
ATOM   656  C CG2 . ILE A 1 84  ? -5.563  -0.315  -10.475 1.00 21.70 ? 177 ILE A CG2 1 
ATOM   657  C CD1 . ILE A 1 84  ? -5.718  2.489   -9.623  1.00 25.09 ? 177 ILE A CD1 1 
ATOM   658  N N   . PRO A 1 85  ? -8.585  -2.120  -8.636  1.00 20.10 ? 178 PRO A N   1 
ATOM   659  C CA  . PRO A 1 85  ? -8.990  -3.542  -8.670  1.00 19.90 ? 178 PRO A CA  1 
ATOM   660  C C   . PRO A 1 85  ? -8.767  -4.165  -10.029 1.00 20.57 ? 178 PRO A C   1 
ATOM   661  O O   . PRO A 1 85  ? -8.572  -3.470  -11.072 1.00 20.70 ? 178 PRO A O   1 
ATOM   662  C CB  . PRO A 1 85  ? -10.490 -3.543  -8.393  1.00 24.62 ? 178 PRO A CB  1 
ATOM   663  C CG  . PRO A 1 85  ? -10.775 -2.166  -8.002  1.00 23.30 ? 178 PRO A CG  1 
ATOM   664  C CD  . PRO A 1 85  ? -9.756  -1.223  -8.534  1.00 22.29 ? 178 PRO A CD  1 
ATOM   665  N N   . GLY A 1 86  ? -8.785  -5.477  -10.021 1.00 22.64 ? 179 GLY A N   1 
ATOM   666  C CA  . GLY A 1 86  ? -8.788  -6.216  -11.250 1.00 22.38 ? 179 GLY A CA  1 
ATOM   667  C C   . GLY A 1 86  ? -7.534  -6.367  -12.076 1.00 24.51 ? 179 GLY A C   1 
ATOM   668  O O   . GLY A 1 86  ? -7.610  -6.512  -13.325 1.00 25.75 ? 179 GLY A O   1 
ATOM   669  N N   . ILE A 1 87  ? -6.359  -6.323  -11.462 1.00 23.21 ? 180 ILE A N   1 
ATOM   670  C CA  . ILE A 1 87  ? -5.112  -6.435  -12.212 1.00 24.06 ? 180 ILE A CA  1 
ATOM   671  C C   . ILE A 1 87  ? -4.677  -7.909  -12.181 1.00 23.90 ? 180 ILE A C   1 
ATOM   672  O O   . ILE A 1 87  ? -4.578  -8.488  -11.094 1.00 23.88 ? 180 ILE A O   1 
ATOM   673  C CB  . ILE A 1 87  ? -3.994  -5.551  -11.624 1.00 22.39 ? 180 ILE A CB  1 
ATOM   674  C CG1 . ILE A 1 87  ? -4.472  -4.075  -11.621 1.00 21.17 ? 180 ILE A CG1 1 
ATOM   675  C CG2 . ILE A 1 87  ? -2.716  -5.753  -12.413 1.00 24.15 ? 180 ILE A CG2 1 
ATOM   676  C CD1 . ILE A 1 87  ? -5.009  -3.528  -12.949 1.00 22.44 ? 180 ILE A CD1 1 
ATOM   677  N N   . PRO A 1 88  ? -4.451  -8.542  -13.371 1.00 28.74 ? 181 PRO A N   1 
ATOM   678  C CA  . PRO A 1 88  ? -4.175  -10.012 -13.360 1.00 28.58 ? 181 PRO A CA  1 
ATOM   679  C C   . PRO A 1 88  ? -2.950  -10.417 -12.555 1.00 30.29 ? 181 PRO A C   1 
ATOM   680  O O   . PRO A 1 88  ? -1.915  -9.697  -12.515 1.00 25.87 ? 181 PRO A O   1 
ATOM   681  C CB  . PRO A 1 88  ? -4.061  -10.388 -14.870 1.00 34.39 ? 181 PRO A CB  1 
ATOM   682  C CG  . PRO A 1 88  ? -4.782  -9.337  -15.602 1.00 36.34 ? 181 PRO A CG  1 
ATOM   683  C CD  . PRO A 1 88  ? -4.656  -8.052  -14.747 1.00 34.06 ? 181 PRO A CD  1 
ATOM   684  N N   . LYS A 1 89  ? -3.112  -11.525 -11.843 1.00 29.95 ? 182 LYS A N   1 
ATOM   685  C CA  . LYS A 1 89  ? -2.088  -12.094 -11.021 1.00 35.18 ? 182 LYS A CA  1 
ATOM   686  C C   . LYS A 1 89  ? -0.880  -12.530 -11.805 1.00 33.66 ? 182 LYS A C   1 
ATOM   687  O O   . LYS A 1 89  ? 0.200   -12.522 -11.263 1.00 38.72 ? 182 LYS A O   1 
ATOM   688  C CB  . LYS A 1 89  ? -2.653  -13.244 -10.145 1.00 44.13 ? 182 LYS A CB  1 
ATOM   689  C CG  . LYS A 1 89  ? -2.812  -12.843 -8.673  1.00 49.83 ? 182 LYS A CG  1 
ATOM   690  C CD  . LYS A 1 89  ? -2.759  -14.030 -7.729  1.00 61.84 ? 182 LYS A CD  1 
ATOM   691  C CE  . LYS A 1 89  ? -3.801  -15.088 -8.085  1.00 66.93 ? 182 LYS A CE  1 
ATOM   692  N NZ  . LYS A 1 89  ? -5.215  -14.562 -8.223  1.00 66.52 ? 182 LYS A NZ  1 
ATOM   693  N N   . ASP A 1 90  ? -1.014  -12.860 -13.083 1.00 33.00 ? 183 ASP A N   1 
ATOM   694  C CA  . ASP A 1 90  ? 0.186   -13.131 -13.891 1.00 34.41 ? 183 ASP A CA  1 
ATOM   695  C C   . ASP A 1 90  ? 0.905   -11.881 -14.460 1.00 35.97 ? 183 ASP A C   1 
ATOM   696  O O   . ASP A 1 90  ? 1.851   -12.010 -15.250 1.00 36.15 ? 183 ASP A O   1 
ATOM   697  C CB  . ASP A 1 90  ? -0.167  -14.136 -15.009 1.00 38.81 ? 183 ASP A CB  1 
ATOM   698  C CG  . ASP A 1 90  ? -1.165  -13.606 -16.015 1.00 42.62 ? 183 ASP A CG  1 
ATOM   699  O OD1 . ASP A 1 90  ? -1.591  -12.406 -16.047 1.00 42.95 ? 183 ASP A OD1 1 
ATOM   700  O OD2 . ASP A 1 90  ? -1.580  -14.453 -16.827 1.00 51.14 ? 183 ASP A OD2 1 
ATOM   701  N N   . THR A 1 91  ? 0.491   -10.659 -14.090 1.00 31.74 ? 184 THR A N   1 
ATOM   702  C CA  . THR A 1 91  ? 1.220   -9.445  -14.527 1.00 26.31 ? 184 THR A CA  1 
ATOM   703  C C   . THR A 1 91  ? 2.703   -9.497  -14.149 1.00 30.76 ? 184 THR A C   1 
ATOM   704  O O   . THR A 1 91  ? 3.034   -9.873  -13.034 1.00 37.74 ? 184 THR A O   1 
ATOM   705  C CB  . THR A 1 91  ? 0.592   -8.185  -13.932 1.00 23.50 ? 184 THR A CB  1 
ATOM   706  O OG1 . THR A 1 91  ? -0.796  -8.117  -14.308 1.00 25.58 ? 184 THR A OG1 1 
ATOM   707  C CG2 . THR A 1 91  ? 1.243   -6.914  -14.432 1.00 24.71 ? 184 THR A CG2 1 
ATOM   708  N N   . LYS A 1 92  ? 3.602   -9.149  -15.054 1.00 36.74 ? 185 LYS A N   1 
ATOM   709  C CA  . LYS A 1 92  ? 5.047   -9.108  -14.722 1.00 38.33 ? 185 LYS A CA  1 
ATOM   710  C C   . LYS A 1 92  ? 5.391   -7.766  -14.144 1.00 32.88 ? 185 LYS A C   1 
ATOM   711  O O   . LYS A 1 92  ? 5.175   -6.730  -14.778 1.00 35.49 ? 185 LYS A O   1 
ATOM   712  C CB  . LYS A 1 92  ? 5.892   -9.409  -15.988 1.00 46.52 ? 185 LYS A CB  1 
ATOM   713  C CG  . LYS A 1 92  ? 5.663   -10.806 -16.553 1.00 45.26 ? 185 LYS A CG  1 
ATOM   714  C CD  . LYS A 1 92  ? 5.462   -11.892 -15.485 1.00 53.88 ? 185 LYS A CD  1 
ATOM   715  N N   . PHE A 1 93  ? 5.800   -7.780  -12.889 1.00 31.71 ? 186 PHE A N   1 
ATOM   716  C CA  . PHE A 1 93  ? 6.166   -6.591  -12.159 1.00 31.56 ? 186 PHE A CA  1 
ATOM   717  C C   . PHE A 1 93  ? 7.699   -6.569  -12.072 1.00 35.86 ? 186 PHE A C   1 
ATOM   718  O O   . PHE A 1 93  ? 8.290   -7.560  -11.709 1.00 43.63 ? 186 PHE A O   1 
ATOM   719  C CB  . PHE A 1 93  ? 5.573   -6.632  -10.747 1.00 28.26 ? 186 PHE A CB  1 
ATOM   720  C CG  . PHE A 1 93  ? 4.047   -6.521  -10.693 1.00 25.57 ? 186 PHE A CG  1 
ATOM   721  C CD1 . PHE A 1 93  ? 3.422   -5.336  -10.998 1.00 25.64 ? 186 PHE A CD1 1 
ATOM   722  C CD2 . PHE A 1 93  ? 3.273   -7.601  -10.337 1.00 23.97 ? 186 PHE A CD2 1 
ATOM   723  C CE1 . PHE A 1 93  ? 2.049   -5.205  -11.005 1.00 24.35 ? 186 PHE A CE1 1 
ATOM   724  C CE2 . PHE A 1 93  ? 1.897   -7.502  -10.353 1.00 24.75 ? 186 PHE A CE2 1 
ATOM   725  C CZ  . PHE A 1 93  ? 1.264   -6.312  -10.655 1.00 23.75 ? 186 PHE A CZ  1 
ATOM   726  N N   . ASN A 1 94  ? 8.310   -5.437  -12.368 1.00 41.69 ? 187 ASN A N   1 
ATOM   727  C CA  . ASN A 1 94  ? 9.766   -5.246  -12.329 1.00 49.11 ? 187 ASN A CA  1 
ATOM   728  C C   . ASN A 1 94  ? 10.101  -3.815  -11.917 1.00 43.13 ? 187 ASN A C   1 
ATOM   729  O O   . ASN A 1 94  ? 10.020  -2.917  -12.723 1.00 48.83 ? 187 ASN A O   1 
ATOM   730  C CB  . ASN A 1 94  ? 10.353  -5.520  -13.728 1.00 57.72 ? 187 ASN A CB  1 
ATOM   731  C CG  . ASN A 1 94  ? 10.330  -6.996  -14.080 1.00 68.32 ? 187 ASN A CG  1 
ATOM   732  O OD1 . ASN A 1 94  ? 9.715   -7.419  -15.070 1.00 82.24 ? 187 ASN A OD1 1 
ATOM   733  N ND2 . ASN A 1 94  ? 10.981  -7.805  -13.239 1.00 73.20 ? 187 ASN A ND2 1 
ATOM   734  N N   . PRO A 1 95  ? 10.515  -3.584  -10.671 1.00 44.49 ? 188 PRO A N   1 
ATOM   735  C CA  . PRO A 1 95  ? 10.860  -2.209  -10.320 1.00 40.83 ? 188 PRO A CA  1 
ATOM   736  C C   . PRO A 1 95  ? 11.917  -1.523  -11.181 1.00 48.79 ? 188 PRO A C   1 
ATOM   737  O O   . PRO A 1 95  ? 12.764  -2.204  -11.855 1.00 44.18 ? 188 PRO A O   1 
ATOM   738  C CB  . PRO A 1 95  ? 11.369  -2.338  -8.896  1.00 44.74 ? 188 PRO A CB  1 
ATOM   739  C CG  . PRO A 1 95  ? 11.893  -3.697  -8.849  1.00 49.47 ? 188 PRO A CG  1 
ATOM   740  C CD  . PRO A 1 95  ? 10.868  -4.494  -9.579  1.00 49.51 ? 188 PRO A CD  1 
ATOM   741  N N   . LYS A 1 96  ? 11.879  -0.192  -11.176 0.50 48.39 ? 189 LYS A N   1 
ATOM   742  C CA  . LYS A 1 96  ? 12.870  0.619   -11.876 0.50 50.48 ? 189 LYS A CA  1 
ATOM   743  C C   . LYS A 1 96  ? 14.130  0.707   -11.023 0.50 53.21 ? 189 LYS A C   1 
ATOM   744  O O   . LYS A 1 96  ? 15.214  0.367   -11.484 0.50 48.68 ? 189 LYS A O   1 
ATOM   745  C CB  . LYS A 1 96  ? 12.337  2.019   -12.155 0.50 52.47 ? 189 LYS A CB  1 
ATOM   746  N N   . THR A 1 97  ? 14.021  1.180   -9.787  0.50 59.42 ? 190 THR A N   1 
ATOM   747  C CA  . THR A 1 97  ? 15.222  1.326   -8.966  0.50 59.49 ? 190 THR A CA  1 
ATOM   748  C C   . THR A 1 97  ? 15.331  0.193   -7.958  0.50 55.78 ? 190 THR A C   1 
ATOM   749  O O   . THR A 1 97  ? 14.666  0.193   -6.906  0.50 51.51 ? 190 THR A O   1 
ATOM   750  C CB  . THR A 1 97  ? 15.269  2.668   -8.214  0.50 61.14 ? 190 THR A CB  1 
ATOM   751  O OG1 . THR A 1 97  ? 14.995  3.743   -9.127  0.50 68.12 ? 190 THR A OG1 1 
ATOM   752  C CG2 . THR A 1 97  ? 16.641  2.869   -7.558  0.50 59.08 ? 190 THR A CG2 1 
ATOM   753  N N   . ARG A 1 98  ? 16.200  -0.760  -8.267  0.50 46.08 ? 191 ARG A N   1 
ATOM   754  C CA  . ARG A 1 98  ? 16.416  -1.856  -7.349  0.50 45.34 ? 191 ARG A CA  1 
ATOM   755  C C   . ARG A 1 98  ? 17.255  -1.459  -6.120  0.50 38.81 ? 191 ARG A C   1 
ATOM   756  O O   . ARG A 1 98  ? 17.436  -2.266  -5.205  0.50 34.18 ? 191 ARG A O   1 
ATOM   757  C CB  . ARG A 1 98  ? 16.978  -3.069  -8.084  0.50 48.92 ? 191 ARG A CB  1 
ATOM   758  C CG  . ARG A 1 98  ? 15.978  -3.643  -9.078  0.50 51.85 ? 191 ARG A CG  1 
ATOM   759  C CD  . ARG A 1 98  ? 15.802  -5.143  -8.907  0.50 56.52 ? 191 ARG A CD  1 
ATOM   760  N NE  . ARG A 1 98  ? 14.687  -5.636  -9.709  0.50 59.19 ? 191 ARG A NE  1 
ATOM   761  C CZ  . ARG A 1 98  ? 14.775  -5.930  -11.004 0.50 61.40 ? 191 ARG A CZ  1 
ATOM   762  N NH1 . ARG A 1 98  ? 15.934  -5.798  -11.644 0.50 65.75 ? 191 ARG A NH1 1 
ATOM   763  N NH2 . ARG A 1 98  ? 13.708  -6.359  -11.662 0.50 62.76 ? 191 ARG A NH2 1 
ATOM   764  N N   . ARG A 1 99  ? 17.735  -0.215  -6.091  1.00 35.57 ? 192 ARG A N   1 
ATOM   765  C CA  . ARG A 1 99  ? 18.383  0.364   -4.903  1.00 31.76 ? 192 ARG A CA  1 
ATOM   766  C C   . ARG A 1 99  ? 17.386  0.663   -3.820  1.00 31.78 ? 192 ARG A C   1 
ATOM   767  O O   . ARG A 1 99  ? 17.788  0.775   -2.667  1.00 25.66 ? 192 ARG A O   1 
ATOM   768  C CB  . ARG A 1 99  ? 19.212  1.615   -5.282  1.00 41.46 ? 192 ARG A CB  1 
ATOM   769  C CG  . ARG A 1 99  ? 20.355  1.321   -6.265  1.00 45.18 ? 192 ARG A CG  1 
ATOM   770  C CD  . ARG A 1 99  ? 21.245  2.556   -6.471  1.00 57.28 ? 192 ARG A CD  1 
ATOM   771  N NE  . ARG A 1 99  ? 22.663  2.194   -6.342  1.00 69.61 ? 192 ARG A NE  1 
ATOM   772  C CZ  . ARG A 1 99  ? 23.425  1.688   -7.311  1.00 68.44 ? 192 ARG A CZ  1 
ATOM   773  N NH1 . ARG A 1 99  ? 22.941  1.477   -8.531  1.00 72.80 ? 192 ARG A NH1 1 
ATOM   774  N NH2 . ARG A 1 99  ? 24.687  1.383   -7.059  1.00 61.76 ? 192 ARG A NH2 1 
ATOM   775  N N   . GLU A 1 100 ? 16.061  0.750   -4.142  1.00 28.30 ? 193 GLU A N   1 
ATOM   776  C CA  . GLU A 1 100 ? 15.021  0.964   -3.118  1.00 31.94 ? 193 GLU A CA  1 
ATOM   777  C C   . GLU A 1 100 ? 14.077  -0.198  -2.812  1.00 25.21 ? 193 GLU A C   1 
ATOM   778  O O   . GLU A 1 100 ? 13.519  -0.236  -1.687  1.00 29.13 ? 193 GLU A O   1 
ATOM   779  C CB  . GLU A 1 100 ? 14.159  2.219   -3.464  1.00 41.69 ? 193 GLU A CB  1 
ATOM   780  C CG  . GLU A 1 100 ? 14.961  3.222   -4.286  1.00 58.39 ? 193 GLU A CG  1 
ATOM   781  C CD  . GLU A 1 100 ? 14.427  4.662   -4.338  1.00 66.05 ? 193 GLU A CD  1 
ATOM   782  O OE1 . GLU A 1 100 ? 14.131  5.268   -3.269  1.00 60.23 ? 193 GLU A OE1 1 
ATOM   783  O OE2 . GLU A 1 100 ? 14.363  5.188   -5.479  1.00 76.39 ? 193 GLU A OE2 1 
ATOM   784  N N   . ILE A 1 101 ? 13.852  -1.082  -3.784  1.00 21.96 ? 194 ILE A N   1 
ATOM   785  C CA  . ILE A 1 101 ? 12.886  -2.170  -3.671  1.00 24.01 ? 194 ILE A CA  1 
ATOM   786  C C   . ILE A 1 101 ? 13.604  -3.550  -3.731  1.00 22.86 ? 194 ILE A C   1 
ATOM   787  O O   . ILE A 1 101 ? 14.194  -3.913  -4.771  1.00 22.96 ? 194 ILE A O   1 
ATOM   788  C CB  . ILE A 1 101 ? 11.801  -2.098  -4.790  1.00 22.56 ? 194 ILE A CB  1 
ATOM   789  C CG1 . ILE A 1 101 ? 11.052  -0.816  -4.729  1.00 21.16 ? 194 ILE A CG1 1 
ATOM   790  C CG2 . ILE A 1 101 ? 10.757  -3.231  -4.673  1.00 22.20 ? 194 ILE A CG2 1 
ATOM   791  C CD1 . ILE A 1 101 ? 10.352  -0.412  -3.381  1.00 22.74 ? 194 ILE A CD1 1 
ATOM   792  N N   . ARG A 1 102 ? 13.502  -4.278  -2.618  1.00 21.23 ? 195 ARG A N   1 
ATOM   793  C CA  . ARG A 1 102 ? 13.986  -5.640  -2.524  1.00 23.52 ? 195 ARG A CA  1 
ATOM   794  C C   . ARG A 1 102 ? 13.150  -6.683  -3.290  1.00 24.82 ? 195 ARG A C   1 
ATOM   795  O O   . ARG A 1 102 ? 13.745  -7.540  -3.952  1.00 25.63 ? 195 ARG A O   1 
ATOM   796  C CB  . ARG A 1 102 ? 14.165  -6.051  -1.081  1.00 21.64 ? 195 ARG A CB  1 
ATOM   797  C CG  . ARG A 1 102 ? 15.055  -7.302  -0.958  1.00 21.23 ? 195 ARG A CG  1 
ATOM   798  C CD  . ARG A 1 102 ? 14.929  -8.060  0.363   1.00 20.59 ? 195 ARG A CD  1 
ATOM   799  N NE  . ARG A 1 102 ? 15.559  -7.358  1.456   1.00 23.98 ? 195 ARG A NE  1 
ATOM   800  C CZ  . ARG A 1 102 ? 16.884  -7.288  1.682   1.00 23.41 ? 195 ARG A CZ  1 
ATOM   801  N NH1 . ARG A 1 102 ? 17.728  -7.992  0.952   1.00 24.40 ? 195 ARG A NH1 1 
ATOM   802  N NH2 . ARG A 1 102 ? 17.328  -6.547  2.693   1.00 26.02 ? 195 ARG A NH2 1 
ATOM   803  N N   . ASN A 1 103 ? 11.811  -6.619  -3.176  1.00 22.76 ? 196 ASN A N   1 
ATOM   804  C CA  . ASN A 1 103 ? 10.896  -7.722  -3.643  1.00 24.33 ? 196 ASN A CA  1 
ATOM   805  C C   . ASN A 1 103 ? 9.477   -7.132  -3.745  1.00 22.83 ? 196 ASN A C   1 
ATOM   806  O O   . ASN A 1 103 ? 9.258   -5.991  -3.287  1.00 19.80 ? 196 ASN A O   1 
ATOM   807  C CB  . ASN A 1 103 ? 10.904  -8.864  -2.668  1.00 25.11 ? 196 ASN A CB  1 
ATOM   808  C CG  . ASN A 1 103 ? 10.540  -10.205 -3.293  1.00 28.36 ? 196 ASN A CG  1 
ATOM   809  O OD1 . ASN A 1 103 ? 10.184  -10.337 -4.470  1.00 29.02 ? 196 ASN A OD1 1 
ATOM   810  N ND2 . ASN A 1 103 ? 10.613  -11.227 -2.457  1.00 28.35 ? 196 ASN A ND2 1 
ATOM   811  N N   . ILE A 1 104 ? 8.659   -7.825  -4.529  1.00 24.18 ? 197 ILE A N   1 
ATOM   812  C CA  . ILE A 1 104 ? 7.288   -7.423  -4.921  1.00 22.30 ? 197 ILE A CA  1 
ATOM   813  C C   . ILE A 1 104 ? 6.535   -8.715  -4.837  1.00 24.24 ? 197 ILE A C   1 
ATOM   814  O O   . ILE A 1 104 ? 6.868   -9.654  -5.561  1.00 24.84 ? 197 ILE A O   1 
ATOM   815  C CB  . ILE A 1 104 ? 7.154   -6.810  -6.346  1.00 25.16 ? 197 ILE A CB  1 
ATOM   816  C CG1 . ILE A 1 104 ? 7.982   -5.595  -6.535  1.00 28.31 ? 197 ILE A CG1 1 
ATOM   817  C CG2 . ILE A 1 104 ? 5.703   -6.442  -6.623  1.00 23.08 ? 197 ILE A CG2 1 
ATOM   818  C CD1 . ILE A 1 104 ? 8.006   -5.010  -7.924  1.00 30.34 ? 197 ILE A CD1 1 
ATOM   819  N N   . GLU A 1 105 ? 5.438   -8.753  -4.082  1.00 22.90 ? 198 GLU A N   1 
ATOM   820  C CA  . GLU A 1 105 ? 4.614   -9.955  -3.987  1.00 23.04 ? 198 GLU A CA  1 
ATOM   821  C C   . GLU A 1 105 ? 3.135   -9.634  -3.780  1.00 19.54 ? 198 GLU A C   1 
ATOM   822  O O   . GLU A 1 105 ? 2.780   -8.616  -3.148  1.00 21.45 ? 198 GLU A O   1 
ATOM   823  C CB  . GLU A 1 105 ? 5.046   -10.891 -2.814  1.00 23.82 ? 198 GLU A CB  1 
ATOM   824  C CG  . GLU A 1 105 ? 6.364   -11.631 -2.995  1.00 28.95 ? 198 GLU A CG  1 
ATOM   825  C CD  . GLU A 1 105 ? 6.810   -12.386 -1.731  1.00 34.66 ? 198 GLU A CD  1 
ATOM   826  O OE1 . GLU A 1 105 ? 5.986   -12.700 -0.832  1.00 32.20 ? 198 GLU A OE1 1 
ATOM   827  O OE2 . GLU A 1 105 ? 8.017   -12.682 -1.659  1.00 43.55 ? 198 GLU A OE2 1 
ATOM   828  N N   . TRP A 1 106 ? 2.336   -10.644 -4.097  1.00 20.32 ? 199 TRP A N   1 
ATOM   829  C CA  . TRP A 1 106 ? 0.890   -10.688 -3.833  1.00 21.74 ? 199 TRP A CA  1 
ATOM   830  C C   . TRP A 1 106 ? 0.686   -11.311 -2.422  1.00 21.89 ? 199 TRP A C   1 
ATOM   831  O O   . TRP A 1 106 ? 1.329   -12.315 -2.119  1.00 23.53 ? 199 TRP A O   1 
ATOM   832  C CB  . TRP A 1 106 ? 0.136   -11.606 -4.880  1.00 23.35 ? 199 TRP A CB  1 
ATOM   833  C CG  . TRP A 1 106 ? -0.032  -11.011 -6.257  1.00 20.53 ? 199 TRP A CG  1 
ATOM   834  C CD1 . TRP A 1 106 ? 0.663   -11.380 -7.417  1.00 24.08 ? 199 TRP A CD1 1 
ATOM   835  C CD2 . TRP A 1 106 ? -0.901  -9.908  -6.664  1.00 21.35 ? 199 TRP A CD2 1 
ATOM   836  N NE1 . TRP A 1 106 ? 0.290   -10.567 -8.456  1.00 23.44 ? 199 TRP A NE1 1 
ATOM   837  C CE2 . TRP A 1 106 ? -0.709  -9.709  -8.054  1.00 21.13 ? 199 TRP A CE2 1 
ATOM   838  C CE3 . TRP A 1 106 ? -1.829  -9.127  -6.013  1.00 21.40 ? 199 TRP A CE3 1 
ATOM   839  C CZ2 . TRP A 1 106 ? -1.389  -8.693  -8.795  1.00 21.57 ? 199 TRP A CZ2 1 
ATOM   840  C CZ3 . TRP A 1 106 ? -2.560  -8.142  -6.769  1.00 20.64 ? 199 TRP A CZ3 1 
ATOM   841  C CH2 . TRP A 1 106 ? -2.303  -7.934  -8.139  1.00 25.81 ? 199 TRP A CH2 1 
ATOM   842  N N   . PHE A 1 107 ? -0.215  -10.749 -1.603  1.00 20.06 ? 200 PHE A N   1 
ATOM   843  C CA  . PHE A 1 107 ? -0.606  -11.265 -0.302  1.00 20.40 ? 200 PHE A CA  1 
ATOM   844  C C   . PHE A 1 107 ? -2.095  -11.351 -0.244  1.00 21.79 ? 200 PHE A C   1 
ATOM   845  O O   . PHE A 1 107 ? -2.794  -10.438 -0.722  1.00 20.84 ? 200 PHE A O   1 
ATOM   846  C CB  . PHE A 1 107 ? -0.108  -10.399 0.874   1.00 20.63 ? 200 PHE A CB  1 
ATOM   847  C CG  . PHE A 1 107 ? 1.448   -10.368 1.019   1.00 19.64 ? 200 PHE A CG  1 
ATOM   848  C CD1 . PHE A 1 107 ? 2.233   -9.494  0.234   1.00 19.86 ? 200 PHE A CD1 1 
ATOM   849  C CD2 . PHE A 1 107 ? 2.103   -11.329 1.848   1.00 19.24 ? 200 PHE A CD2 1 
ATOM   850  C CE1 . PHE A 1 107 ? 3.618   -9.462  0.350   1.00 24.04 ? 200 PHE A CE1 1 
ATOM   851  C CE2 . PHE A 1 107 ? 3.499   -11.341 1.940   1.00 21.23 ? 200 PHE A CE2 1 
ATOM   852  C CZ  . PHE A 1 107 ? 4.263   -10.380 1.199   1.00 20.11 ? 200 PHE A CZ  1 
ATOM   853  N N   . SER A 1 108 ? -2.583  -12.433 0.420   1.00 20.28 ? 201 SER A N   1 
ATOM   854  C CA  . SER A 1 108 ? -4.012  -12.629 0.699   1.00 24.31 ? 201 SER A CA  1 
ATOM   855  C C   . SER A 1 108 ? -4.463  -11.574 1.690   1.00 22.36 ? 201 SER A C   1 
ATOM   856  O O   . SER A 1 108 ? -3.862  -11.467 2.800   1.00 23.00 ? 201 SER A O   1 
ATOM   857  C CB  . SER A 1 108 ? -4.224  -14.071 1.280   1.00 22.76 ? 201 SER A CB  1 
ATOM   858  O OG  . SER A 1 108 ? -5.426  -14.182 1.966   1.00 29.27 ? 201 SER A OG  1 
ATOM   859  N N   . ILE A 1 109 ? -5.517  -10.831 1.360   1.00 24.18 ? 202 ILE A N   1 
ATOM   860  C CA  . ILE A 1 109 ? -6.024  -9.789  2.253   1.00 24.51 ? 202 ILE A CA  1 
ATOM   861  C C   . ILE A 1 109 ? -6.514  -10.317 3.588   1.00 27.69 ? 202 ILE A C   1 
ATOM   862  O O   . ILE A 1 109 ? -6.341  -9.668  4.646   1.00 27.78 ? 202 ILE A O   1 
ATOM   863  C CB  . ILE A 1 109 ? -7.185  -8.950  1.663   1.00 30.66 ? 202 ILE A CB  1 
ATOM   864  C CG1 . ILE A 1 109 ? -6.723  -8.103  0.503   1.00 36.01 ? 202 ILE A CG1 1 
ATOM   865  C CG2 . ILE A 1 109 ? -7.677  -7.901  2.634   1.00 33.55 ? 202 ILE A CG2 1 
ATOM   866  C CD1 . ILE A 1 109 ? -7.881  -7.567  -0.343  1.00 40.53 ? 202 ILE A CD1 1 
ATOM   867  N N   . GLU A 1 110 ? -7.130  -11.495 3.564   1.00 24.90 ? 203 GLU A N   1 
ATOM   868  C CA  . GLU A 1 110 ? -7.783  -11.962 4.757   1.00 28.44 ? 203 GLU A CA  1 
ATOM   869  C C   . GLU A 1 110 ? -6.772  -12.465 5.784   1.00 26.92 ? 203 GLU A C   1 
ATOM   870  O O   . GLU A 1 110 ? -7.048  -12.423 6.934   1.00 26.22 ? 203 GLU A O   1 
ATOM   871  C CB  . GLU A 1 110 ? -8.894  -12.925 4.387   1.00 31.57 ? 203 GLU A CB  1 
ATOM   872  C CG  . GLU A 1 110 ? -8.447  -14.286 4.083   1.00 40.84 ? 203 GLU A CG  1 
ATOM   873  C CD  . GLU A 1 110 ? -9.611  -15.104 3.533   1.00 51.95 ? 203 GLU A CD  1 
ATOM   874  O OE1 . GLU A 1 110 ? -10.740 -14.545 3.323   1.00 63.82 ? 203 GLU A OE1 1 
ATOM   875  O OE2 . GLU A 1 110 ? -9.369  -16.291 3.308   1.00 43.45 ? 203 GLU A OE2 1 
ATOM   876  N N   . LYS A 1 111 ? -5.549  -12.792 5.336   1.00 25.77 ? 204 LYS A N   1 
ATOM   877  C CA  . LYS A 1 111 ? -4.471  -13.233 6.229   1.00 27.62 ? 204 LYS A CA  1 
ATOM   878  C C   . LYS A 1 111 ? -3.550  -12.109 6.774   1.00 25.90 ? 204 LYS A C   1 
ATOM   879  O O   . LYS A 1 111 ? -2.777  -12.309 7.759   1.00 24.91 ? 204 LYS A O   1 
ATOM   880  C CB  . LYS A 1 111 ? -3.592  -14.169 5.423   1.00 30.50 ? 204 LYS A CB  1 
ATOM   881  C CG  . LYS A 1 111 ? -4.337  -15.458 5.061   1.00 35.99 ? 204 LYS A CG  1 
ATOM   882  C CD  . LYS A 1 111 ? -3.378  -16.419 4.401   1.00 40.81 ? 204 LYS A CD  1 
ATOM   883  C CE  . LYS A 1 111 ? -3.933  -17.821 4.491   1.00 53.55 ? 204 LYS A CE  1 
ATOM   884  N NZ  . LYS A 1 111 ? -2.883  -18.725 3.979   1.00 67.66 ? 204 LYS A NZ  1 
ATOM   885  N N   . LEU A 1 112 ? -3.605  -10.932 6.180   1.00 24.24 ? 205 LEU A N   1 
ATOM   886  C CA  . LEU A 1 112 ? -2.815  -9.803  6.653   1.00 22.41 ? 205 LEU A CA  1 
ATOM   887  C C   . LEU A 1 112 ? -3.325  -9.300  8.001   1.00 24.68 ? 205 LEU A C   1 
ATOM   888  O O   . LEU A 1 112 ? -4.513  -9.273  8.229   1.00 22.72 ? 205 LEU A O   1 
ATOM   889  C CB  . LEU A 1 112 ? -2.823  -8.633  5.644   1.00 22.30 ? 205 LEU A CB  1 
ATOM   890  C CG  . LEU A 1 112 ? -2.055  -8.805  4.357   1.00 19.44 ? 205 LEU A CG  1 
ATOM   891  C CD1 . LEU A 1 112 ? -2.384  -7.680  3.352   1.00 19.71 ? 205 LEU A CD1 1 
ATOM   892  C CD2 . LEU A 1 112 ? -0.555  -8.919  4.603   1.00 21.06 ? 205 LEU A CD2 1 
ATOM   893  N N   . PRO A 1 113 ? -2.406  -8.864  8.892   1.00 26.50 ? 206 PRO A N   1 
ATOM   894  C CA  . PRO A 1 113 ? -2.865  -8.270  10.153  1.00 28.85 ? 206 PRO A CA  1 
ATOM   895  C C   . PRO A 1 113 ? -3.558  -6.890  9.954   1.00 28.74 ? 206 PRO A C   1 
ATOM   896  O O   . PRO A 1 113 ? -3.136  -6.138  9.042   1.00 24.29 ? 206 PRO A O   1 
ATOM   897  C CB  . PRO A 1 113 ? -1.554  -8.132  10.949  1.00 26.00 ? 206 PRO A CB  1 
ATOM   898  C CG  . PRO A 1 113 ? -0.516  -7.926  9.896   1.00 28.48 ? 206 PRO A CG  1 
ATOM   899  C CD  . PRO A 1 113 ? -0.934  -8.736  8.710   1.00 26.59 ? 206 PRO A CD  1 
ATOM   900  N N   . CYS A 1 114 ? -4.547  -6.551  10.801  1.00 26.69 ? 207 CYS A N   1 
ATOM   901  C CA  . CYS A 1 114 ? -5.087  -5.199  10.874  1.00 29.11 ? 207 CYS A CA  1 
ATOM   902  C C   . CYS A 1 114 ? -4.711  -4.447  12.189  1.00 29.81 ? 207 CYS A C   1 
ATOM   903  O O   . CYS A 1 114 ? -5.124  -3.340  12.343  1.00 31.52 ? 207 CYS A O   1 
ATOM   904  C CB  . CYS A 1 114 ? -6.552  -5.167  10.607  1.00 36.56 ? 207 CYS A CB  1 
ATOM   905  S SG  . CYS A 1 114 ? -7.602  -6.141  11.732  1.00 46.34 ? 207 CYS A SG  1 
ATOM   906  N N   . HIS A 1 115 ? -3.785  -4.975  13.012  1.00 31.35 ? 208 HIS A N   1 
ATOM   907  C CA  . HIS A 1 115 ? -3.276  -4.262  14.223  1.00 34.45 ? 208 HIS A CA  1 
ATOM   908  C C   . HIS A 1 115 ? -2.037  -4.997  14.635  1.00 37.98 ? 208 HIS A C   1 
ATOM   909  O O   . HIS A 1 115 ? -1.878  -6.171  14.254  1.00 37.02 ? 208 HIS A O   1 
ATOM   910  C CB  . HIS A 1 115 ? -4.384  -4.313  15.330  1.00 35.82 ? 208 HIS A CB  1 
ATOM   911  C CG  . HIS A 1 115 ? -4.656  -5.712  15.811  1.00 35.54 ? 208 HIS A CG  1 
ATOM   912  N ND1 . HIS A 1 115 ? -3.703  -6.438  16.503  1.00 32.96 ? 208 HIS A ND1 1 
ATOM   913  C CD2 . HIS A 1 115 ? -5.681  -6.564  15.572  1.00 38.58 ? 208 HIS A CD2 1 
ATOM   914  C CE1 . HIS A 1 115 ? -4.178  -7.652  16.764  1.00 34.33 ? 208 HIS A CE1 1 
ATOM   915  N NE2 . HIS A 1 115 ? -5.368  -7.760  16.191  1.00 35.96 ? 208 HIS A NE2 1 
ATOM   916  N N   A ARG A 1 116 ? -1.111  -4.363  15.360  0.45 38.67 ? 209 ARG A N   1 
ATOM   917  N N   B ARG A 1 116 ? -1.181  -4.349  15.419  0.05 37.01 ? 209 ARG A N   1 
ATOM   918  C CA  A ARG A 1 116 ? 0.047   -5.107  15.892  0.45 37.96 ? 209 ARG A CA  1 
ATOM   919  C CA  B ARG A 1 116 ? 0.002   -4.993  15.981  0.05 36.86 ? 209 ARG A CA  1 
ATOM   920  C C   A ARG A 1 116 ? -0.337  -5.683  17.263  0.45 37.02 ? 209 ARG A C   1 
ATOM   921  C C   B ARG A 1 116 ? -0.356  -5.647  17.314  0.05 38.33 ? 209 ARG A C   1 
ATOM   922  O O   A ARG A 1 116 ? -1.345  -5.343  17.800  0.45 36.13 ? 209 ARG A O   1 
ATOM   923  O O   B ARG A 1 116 ? -1.358  -5.276  17.920  0.05 38.66 ? 209 ARG A O   1 
ATOM   924  C CB  A ARG A 1 116 ? 1.309   -4.250  15.963  0.45 43.05 ? 209 ARG A CB  1 
ATOM   925  C CB  B ARG A 1 116 ? 1.124   -3.978  16.170  0.05 35.75 ? 209 ARG A CB  1 
ATOM   926  C CG  A ARG A 1 116 ? 1.962   -4.046  14.619  0.45 40.83 ? 209 ARG A CG  1 
ATOM   927  C CG  B ARG A 1 116 ? 2.451   -4.682  16.282  0.05 33.93 ? 209 ARG A CG  1 
ATOM   928  C CD  A ARG A 1 116 ? 2.719   -2.766  14.595  0.45 43.57 ? 209 ARG A CD  1 
ATOM   929  C CD  B ARG A 1 116 ? 2.359   -5.915  15.414  0.05 32.95 ? 209 ARG A CD  1 
ATOM   930  N NE  A ARG A 1 116 ? 4.001   -2.942  15.203  0.45 43.86 ? 209 ARG A NE  1 
ATOM   931  N NE  B ARG A 1 116 ? 3.234   -7.006  15.848  0.05 31.33 ? 209 ARG A NE  1 
ATOM   932  C CZ  A ARG A 1 116 ? 4.761   -1.941  15.626  0.45 50.07 ? 209 ARG A CZ  1 
ATOM   933  C CZ  B ARG A 1 116 ? 2.959   -8.296  15.675  0.05 30.63 ? 209 ARG A CZ  1 
ATOM   934  N NH1 A ARG A 1 116 ? 4.349   -0.684  15.516  0.45 57.47 ? 209 ARG A NH1 1 
ATOM   935  N NH1 B ARG A 1 116 ? 3.813   -9.224  16.085  0.05 30.87 ? 209 ARG A NH1 1 
ATOM   936  N NH2 A ARG A 1 116 ? 5.935   -2.198  16.157  0.45 47.02 ? 209 ARG A NH2 1 
ATOM   937  N NH2 B ARG A 1 116 ? 1.826   -8.656  15.098  0.05 30.10 ? 209 ARG A NH2 1 
ATOM   938  N N   . ASN A 1 117 ? 0.450   -6.609  17.774  1.00 40.83 ? 210 ASN A N   1 
ATOM   939  C CA  . ASN A 1 117 ? 0.130   -7.352  19.000  1.00 43.72 ? 210 ASN A CA  1 
ATOM   940  C C   . ASN A 1 117 ? 0.915   -6.680  20.134  1.00 43.98 ? 210 ASN A C   1 
ATOM   941  O O   . ASN A 1 117 ? 2.094   -6.270  19.946  1.00 34.22 ? 210 ASN A O   1 
ATOM   942  C CB  . ASN A 1 117 ? 0.626   -8.786  18.893  1.00 47.96 ? 210 ASN A CB  1 
ATOM   943  C CG  . ASN A 1 117 ? -0.067  -9.586  17.801  1.00 48.40 ? 210 ASN A CG  1 
ATOM   944  O OD1 . ASN A 1 117 ? -1.266  -9.446  17.572  1.00 42.27 ? 210 ASN A OD1 1 
ATOM   945  N ND2 . ASN A 1 117 ? 0.702   -10.439 17.148  1.00 44.29 ? 210 ASN A ND2 1 
ATOM   946  N N   . ASP A 1 118 ? 0.295   -6.661  21.315  1.00 44.02 ? 211 ASP A N   1 
ATOM   947  C CA  . ASP A 1 118 ? 0.953   -6.102  22.488  1.00 46.46 ? 211 ASP A CA  1 
ATOM   948  C C   . ASP A 1 118 ? 1.996   -7.148  23.000  1.00 49.89 ? 211 ASP A C   1 
ATOM   949  O O   . ASP A 1 118 ? 2.330   -8.147  22.284  1.00 48.20 ? 211 ASP A O   1 
ATOM   950  C CB  . ASP A 1 118 ? -0.115  -5.576  23.490  1.00 43.91 ? 211 ASP A CB  1 
ATOM   951  C CG  . ASP A 1 118 ? -0.938  -6.679  24.132  1.00 48.35 ? 211 ASP A CG  1 
ATOM   952  O OD1 . ASP A 1 118 ? -0.568  -7.913  24.068  1.00 42.29 ? 211 ASP A OD1 1 
ATOM   953  O OD2 . ASP A 1 118 ? -1.954  -6.266  24.735  1.00 50.74 ? 211 ASP A OD2 1 
ATOM   954  N N   . MET A 1 119 ? 2.585   -6.883  24.169  1.00 51.77 ? 212 MET A N   1 
ATOM   955  C CA  . MET A 1 119 ? 3.446   -7.881  24.869  1.00 58.44 ? 212 MET A CA  1 
ATOM   956  C C   . MET A 1 119 ? 3.000   -8.042  26.370  1.00 60.72 ? 212 MET A C   1 
ATOM   957  O O   . MET A 1 119 ? 3.838   -8.224  27.281  1.00 73.32 ? 212 MET A O   1 
ATOM   958  C CB  . MET A 1 119 ? 4.894   -7.447  24.736  1.00 52.99 ? 212 MET A CB  1 
ATOM   959  C CG  . MET A 1 119 ? 5.365   -7.299  23.298  1.00 56.86 ? 212 MET A CG  1 
ATOM   960  S SD  . MET A 1 119 ? 6.790   -6.231  23.066  1.00 57.23 ? 212 MET A SD  1 
ATOM   961  C CE  . MET A 1 119 ? 6.389   -4.808  24.077  1.00 62.29 ? 212 MET A CE  1 
ATOM   962  N N   . THR A 1 120 ? 1.679   -7.962  26.597  1.00 61.70 ? 213 THR A N   1 
ATOM   963  C CA  . THR A 1 120 ? 1.010   -8.165  27.902  1.00 70.70 ? 213 THR A CA  1 
ATOM   964  C C   . THR A 1 120 ? 1.215   -9.560  28.482  1.00 72.53 ? 213 THR A C   1 
ATOM   965  O O   . THR A 1 120 ? 1.076   -9.682  29.688  1.00 66.93 ? 213 THR A O   1 
ATOM   966  C CB  . THR A 1 120 ? -0.540  -7.933  27.858  1.00 75.69 ? 213 THR A CB  1 
ATOM   967  O OG1 . THR A 1 120 ? -1.151  -8.812  26.900  1.00 85.17 ? 213 THR A OG1 1 
ATOM   968  C CG2 . THR A 1 120 ? -0.921  -6.477  27.538  1.00 75.26 ? 213 THR A CG2 1 
ATOM   969  N N   . PRO A 1 121 ? 1.473   -10.613 27.625  1.00 88.50 ? 214 PRO A N   1 
ATOM   970  C CA  . PRO A 1 121 ? 2.109   -11.839 28.153  1.00 86.22 ? 214 PRO A CA  1 
ATOM   971  C C   . PRO A 1 121 ? 3.421   -11.607 28.944  1.00 79.79 ? 214 PRO A C   1 
ATOM   972  O O   . PRO A 1 121 ? 3.676   -12.338 29.892  1.00 84.59 ? 214 PRO A O   1 
ATOM   973  C CB  . PRO A 1 121 ? 2.350   -12.710 26.882  1.00 80.95 ? 214 PRO A CB  1 
ATOM   974  C CG  . PRO A 1 121 ? 1.905   -11.885 25.711  1.00 86.15 ? 214 PRO A CG  1 
ATOM   975  C CD  . PRO A 1 121 ? 0.925   -10.893 26.275  1.00 87.94 ? 214 PRO A CD  1 
ATOM   976  N N   . LYS A 1 122 ? 4.223   -10.607 28.582  1.00 65.23 ? 215 LYS A N   1 
ATOM   977  C CA  . LYS A 1 122 ? 5.470   -10.330 29.280  1.00 61.72 ? 215 LYS A CA  1 
ATOM   978  C C   . LYS A 1 122 ? 5.375   -9.169  30.359  1.00 61.89 ? 215 LYS A C   1 
ATOM   979  O O   . LYS A 1 122 ? 6.401   -8.847  30.967  1.00 65.29 ? 215 LYS A O   1 
ATOM   980  C CB  . LYS A 1 122 ? 6.568   -10.067 28.242  1.00 58.18 ? 215 LYS A CB  1 
ATOM   981  C CG  . LYS A 1 122 ? 7.966   -10.366 28.732  1.00 57.38 ? 215 LYS A CG  1 
ATOM   982  N N   . SER A 1 123 ? 4.174   -8.604  30.642  1.00 52.11 ? 216 SER A N   1 
ATOM   983  C CA  . SER A 1 123 ? 4.008   -7.368  31.492  1.00 42.61 ? 216 SER A CA  1 
ATOM   984  C C   . SER A 1 123 ? 4.866   -6.132  31.062  1.00 37.23 ? 216 SER A C   1 
ATOM   985  O O   . SER A 1 123 ? 5.339   -5.311  31.881  1.00 32.96 ? 216 SER A O   1 
ATOM   986  C CB  . SER A 1 123 ? 4.228   -7.756  32.980  1.00 39.42 ? 216 SER A CB  1 
ATOM   987  O OG  . SER A 1 123 ? 3.021   -8.340  33.485  1.00 42.55 ? 216 SER A OG  1 
ATOM   988  N N   . LYS A 1 124 ? 5.060   -5.995  29.748  1.00 30.31 ? 217 LYS A N   1 
ATOM   989  C CA  . LYS A 1 124 ? 5.906   -5.006  29.145  1.00 30.79 ? 217 LYS A CA  1 
ATOM   990  C C   . LYS A 1 124 ? 5.039   -4.118  28.192  1.00 33.06 ? 217 LYS A C   1 
ATOM   991  O O   . LYS A 1 124 ? 4.197   -4.636  27.405  1.00 29.55 ? 217 LYS A O   1 
ATOM   992  C CB  . LYS A 1 124 ? 7.005   -5.750  28.348  1.00 33.20 ? 217 LYS A CB  1 
ATOM   993  C CG  . LYS A 1 124 ? 8.047   -4.882  27.646  1.00 36.70 ? 217 LYS A CG  1 
ATOM   994  C CD  . LYS A 1 124 ? 9.171   -5.812  27.182  1.00 41.08 ? 217 LYS A CD  1 
ATOM   995  N N   . LEU A 1 125 ? 5.228   -2.812  28.283  1.00 24.44 ? 218 LEU A N   1 
ATOM   996  C CA  . LEU A 1 125 ? 4.542   -1.861  27.384  1.00 30.15 ? 218 LEU A CA  1 
ATOM   997  C C   . LEU A 1 125 ? 5.070   -1.908  25.947  1.00 28.81 ? 218 LEU A C   1 
ATOM   998  O O   . LEU A 1 125 ? 6.259   -2.074  25.685  1.00 30.04 ? 218 LEU A O   1 
ATOM   999  C CB  . LEU A 1 125 ? 4.688   -0.387  27.811  1.00 28.41 ? 218 LEU A CB  1 
ATOM   1000 C CG  . LEU A 1 125 ? 4.196   -0.169  29.263  1.00 36.03 ? 218 LEU A CG  1 
ATOM   1001 C CD1 . LEU A 1 125 ? 4.097   1.290   29.520  1.00 39.23 ? 218 LEU A CD1 1 
ATOM   1002 C CD2 . LEU A 1 125 ? 2.894   -0.852  29.643  1.00 40.97 ? 218 LEU A CD2 1 
ATOM   1003 N N   . GLY A 1 126 ? 4.160   -1.557  25.064  1.00 24.17 ? 219 GLY A N   1 
ATOM   1004 C CA  . GLY A 1 126 ? 4.474   -1.379  23.654  1.00 25.82 ? 219 GLY A CA  1 
ATOM   1005 C C   . GLY A 1 126 ? 3.881   -2.470  22.779  1.00 24.81 ? 219 GLY A C   1 
ATOM   1006 O O   . GLY A 1 126 ? 2.971   -3.229  23.194  1.00 28.71 ? 219 GLY A O   1 
ATOM   1007 N N   . LEU A 1 127 ? 4.429   -2.532  21.564  1.00 27.48 ? 220 LEU A N   1 
ATOM   1008 C CA  . LEU A 1 127 ? 3.991   -3.462  20.477  1.00 28.74 ? 220 LEU A CA  1 
ATOM   1009 C C   . LEU A 1 127 ? 5.130   -4.353  20.011  1.00 25.11 ? 220 LEU A C   1 
ATOM   1010 O O   . LEU A 1 127 ? 6.270   -3.918  20.028  1.00 28.14 ? 220 LEU A O   1 
ATOM   1011 C CB  . LEU A 1 127 ? 3.488   -2.597  19.309  1.00 29.65 ? 220 LEU A CB  1 
ATOM   1012 C CG  . LEU A 1 127 ? 2.171   -1.881  19.671  1.00 29.26 ? 220 LEU A CG  1 
ATOM   1013 C CD1 . LEU A 1 127 ? 1.911   -0.851  18.614  1.00 33.17 ? 220 LEU A CD1 1 
ATOM   1014 C CD2 . LEU A 1 127 ? 0.947   -2.793  19.917  1.00 27.33 ? 220 LEU A CD2 1 
ATOM   1015 N N   . ALA A 1 128 ? 4.831   -5.569  19.582  1.00 34.57 ? 221 ALA A N   1 
ATOM   1016 C CA  . ALA A 1 128 ? 5.860   -6.491  19.118  1.00 34.86 ? 221 ALA A CA  1 
ATOM   1017 C C   . ALA A 1 128 ? 6.099   -6.154  17.659  1.00 35.36 ? 221 ALA A C   1 
ATOM   1018 O O   . ALA A 1 128 ? 5.197   -5.602  16.993  1.00 29.13 ? 221 ALA A O   1 
ATOM   1019 C CB  . ALA A 1 128 ? 5.359   -7.924  19.272  1.00 40.02 ? 221 ALA A CB  1 
ATOM   1020 N N   . PRO A 1 129 ? 7.306   -6.442  17.154  1.00 35.17 ? 222 PRO A N   1 
ATOM   1021 C CA  . PRO A 1 129 ? 7.601   -6.059  15.759  1.00 34.13 ? 222 PRO A CA  1 
ATOM   1022 C C   . PRO A 1 129 ? 6.723   -6.824  14.798  1.00 27.96 ? 222 PRO A C   1 
ATOM   1023 O O   . PRO A 1 129 ? 6.236   -7.923  15.134  1.00 26.67 ? 222 PRO A O   1 
ATOM   1024 C CB  . PRO A 1 129 ? 9.085   -6.432  15.558  1.00 38.09 ? 222 PRO A CB  1 
ATOM   1025 C CG  . PRO A 1 129 ? 9.659   -6.633  16.923  1.00 42.87 ? 222 PRO A CG  1 
ATOM   1026 C CD  . PRO A 1 129 ? 8.509   -6.957  17.854  1.00 39.12 ? 222 PRO A CD  1 
ATOM   1027 N N   . ASN A 1 130 ? 6.441   -6.193  13.648  1.00 27.35 ? 223 ASN A N   1 
ATOM   1028 C CA  . ASN A 1 130 ? 5.652   -6.875  12.577  1.00 28.33 ? 223 ASN A CA  1 
ATOM   1029 C C   . ASN A 1 130 ? 6.138   -6.401  11.253  1.00 25.73 ? 223 ASN A C   1 
ATOM   1030 O O   . ASN A 1 130 ? 6.235   -5.203  11.060  1.00 25.65 ? 223 ASN A O   1 
ATOM   1031 C CB  . ASN A 1 130 ? 4.157   -6.577  12.759  1.00 31.11 ? 223 ASN A CB  1 
ATOM   1032 C CG  . ASN A 1 130 ? 3.273   -7.459  11.901  1.00 33.64 ? 223 ASN A CG  1 
ATOM   1033 O OD1 . ASN A 1 130 ? 3.230   -7.277  10.700  1.00 27.57 ? 223 ASN A OD1 1 
ATOM   1034 N ND2 . ASN A 1 130 ? 2.611   -8.459  12.505  1.00 32.98 ? 223 ASN A ND2 1 
ATOM   1035 N N   . LYS A 1 131 ? 6.440   -7.336  10.331  1.00 25.63 ? 224 LYS A N   1 
ATOM   1036 C CA  . LYS A 1 131 ? 6.992   -6.924  9.079   1.00 24.06 ? 224 LYS A CA  1 
ATOM   1037 C C   . LYS A 1 131 ? 6.016   -6.149  8.169   1.00 22.78 ? 224 LYS A C   1 
ATOM   1038 O O   . LYS A 1 131 ? 6.459   -5.627  7.162   1.00 25.38 ? 224 LYS A O   1 
ATOM   1039 C CB  . LYS A 1 131 ? 7.613   -8.061  8.256   1.00 22.91 ? 224 LYS A CB  1 
ATOM   1040 C CG  . LYS A 1 131 ? 6.621   -9.152  7.834   1.00 26.63 ? 224 LYS A CG  1 
ATOM   1041 C CD  . LYS A 1 131 ? 7.403   -10.263 7.214   1.00 27.38 ? 224 LYS A CD  1 
ATOM   1042 C CE  . LYS A 1 131 ? 6.468   -11.333 6.669   1.00 29.81 ? 224 LYS A CE  1 
ATOM   1043 N NZ  . LYS A 1 131 ? 7.243   -12.393 5.860   1.00 32.46 ? 224 LYS A NZ  1 
ATOM   1044 N N   . PHE A 1 132 ? 4.734   -6.165  8.499   1.00 20.44 ? 225 PHE A N   1 
ATOM   1045 C CA  . PHE A 1 132 ? 3.695   -5.444  7.741   1.00 20.76 ? 225 PHE A CA  1 
ATOM   1046 C C   . PHE A 1 132 ? 3.348   -4.074  8.328   1.00 21.28 ? 225 PHE A C   1 
ATOM   1047 O O   . PHE A 1 132 ? 2.343   -3.522  7.950   1.00 20.88 ? 225 PHE A O   1 
ATOM   1048 C CB  . PHE A 1 132 ? 2.426   -6.307  7.704   1.00 20.71 ? 225 PHE A CB  1 
ATOM   1049 C CG  . PHE A 1 132 ? 2.655   -7.600  6.947   1.00 20.77 ? 225 PHE A CG  1 
ATOM   1050 C CD1 . PHE A 1 132 ? 2.788   -7.553  5.576   1.00 21.56 ? 225 PHE A CD1 1 
ATOM   1051 C CD2 . PHE A 1 132 ? 2.662   -8.853  7.618   1.00 22.76 ? 225 PHE A CD2 1 
ATOM   1052 C CE1 . PHE A 1 132 ? 3.077   -8.702  4.835   1.00 20.18 ? 225 PHE A CE1 1 
ATOM   1053 C CE2 . PHE A 1 132 ? 2.925   -10.006 6.900   1.00 21.69 ? 225 PHE A CE2 1 
ATOM   1054 C CZ  . PHE A 1 132 ? 3.084   -9.940  5.503   1.00 19.49 ? 225 PHE A CZ  1 
ATOM   1055 N N   . PHE A 1 133 ? 4.193   -3.547  9.217   0.50 22.77 ? 226 PHE A N   1 
ATOM   1056 C CA  . PHE A 1 133 ? 3.885   -2.299  9.938   0.50 24.11 ? 226 PHE A CA  1 
ATOM   1057 C C   . PHE A 1 133 ? 3.442   -1.124  9.058   0.50 24.61 ? 226 PHE A C   1 
ATOM   1058 O O   . PHE A 1 133 ? 2.538   -0.384  9.456   0.50 22.63 ? 226 PHE A O   1 
ATOM   1059 C CB  . PHE A 1 133 ? 5.061   -1.874  10.841  0.50 26.29 ? 226 PHE A CB  1 
ATOM   1060 C CG  . PHE A 1 133 ? 6.348   -1.573  10.112  0.50 29.45 ? 226 PHE A CG  1 
ATOM   1061 C CD1 . PHE A 1 133 ? 7.206   -2.595  9.720   0.50 31.69 ? 226 PHE A CD1 1 
ATOM   1062 C CD2 . PHE A 1 133 ? 6.750   -0.256  9.892   0.50 30.86 ? 226 PHE A CD2 1 
ATOM   1063 C CE1 . PHE A 1 133 ? 8.406   -2.329  9.092   0.50 31.57 ? 226 PHE A CE1 1 
ATOM   1064 C CE2 . PHE A 1 133 ? 7.958   0.014   9.260   0.50 31.47 ? 226 PHE A CE2 1 
ATOM   1065 C CZ  . PHE A 1 133 ? 8.775   -1.017  8.858   0.50 31.58 ? 226 PHE A CZ  1 
ATOM   1066 N N   . MET A 1 134 ? 4.063   -0.958  7.883   1.00 23.88 ? 227 MET A N   1 
ATOM   1067 C CA  . MET A 1 134 ? 3.655   0.169   6.918   1.00 24.90 ? 227 MET A CA  1 
ATOM   1068 C C   . MET A 1 134 ? 2.269   0.016   6.300   1.00 25.21 ? 227 MET A C   1 
ATOM   1069 O O   . MET A 1 134 ? 1.611   0.996   5.958   1.00 22.98 ? 227 MET A O   1 
ATOM   1070 C CB  . MET A 1 134 ? 4.689   0.398   5.832   1.00 31.38 ? 227 MET A CB  1 
ATOM   1071 C CG  . MET A 1 134 ? 6.109   0.727   6.348   1.00 33.26 ? 227 MET A CG  1 
ATOM   1072 S SD  . MET A 1 134 ? 7.355   1.049   5.055   1.00 34.24 ? 227 MET A SD  1 
ATOM   1073 C CE  . MET A 1 134 ? 7.740   -0.632  4.515   1.00 31.67 ? 227 MET A CE  1 
ATOM   1074 N N   . ALA A 1 135 ? 1.822   -1.237  6.111   1.00 24.13 ? 228 ALA A N   1 
ATOM   1075 C CA  . ALA A 1 135 ? 0.521   -1.563  5.518   1.00 22.15 ? 228 ALA A CA  1 
ATOM   1076 C C   . ALA A 1 135 ? -0.618  -1.594  6.481   1.00 22.19 ? 228 ALA A C   1 
ATOM   1077 O O   . ALA A 1 135 ? -1.781  -1.299  6.116   1.00 19.96 ? 228 ALA A O   1 
ATOM   1078 C CB  . ALA A 1 135 ? 0.616   -2.881  4.850   1.00 21.22 ? 228 ALA A CB  1 
ATOM   1079 N N   . ILE A 1 136 ? -0.319  -2.023  7.730   1.00 21.30 ? 229 ILE A N   1 
ATOM   1080 C CA  . ILE A 1 136 ? -1.353  -2.276  8.751   1.00 19.42 ? 229 ILE A CA  1 
ATOM   1081 C C   . ILE A 1 136 ? -2.397  -1.200  8.902   1.00 19.69 ? 229 ILE A C   1 
ATOM   1082 O O   . ILE A 1 136 ? -3.567  -1.471  8.888   1.00 19.43 ? 229 ILE A O   1 
ATOM   1083 C CB  . ILE A 1 136 ? -0.691  -2.624  10.111  1.00 20.62 ? 229 ILE A CB  1 
ATOM   1084 C CG1 . ILE A 1 136 ? -0.231  -4.092  10.055  1.00 21.83 ? 229 ILE A CG1 1 
ATOM   1085 C CG2 . ILE A 1 136 ? -1.603  -2.412  11.320  1.00 21.77 ? 229 ILE A CG2 1 
ATOM   1086 C CD1 . ILE A 1 136 ? 0.735   -4.474  11.141  1.00 22.89 ? 229 ILE A CD1 1 
ATOM   1087 N N   . PRO A 1 137 ? -2.006  0.085   8.942   1.00 22.56 ? 230 PRO A N   1 
ATOM   1088 C CA  . PRO A 1 137 ? -3.057  1.103   9.130   1.00 21.86 ? 230 PRO A CA  1 
ATOM   1089 C C   . PRO A 1 137 ? -4.116  1.193   8.034   1.00 22.98 ? 230 PRO A C   1 
ATOM   1090 O O   . PRO A 1 137 ? -5.201  1.681   8.269   1.00 23.03 ? 230 PRO A O   1 
ATOM   1091 C CB  . PRO A 1 137 ? -2.251  2.447   9.217   1.00 22.93 ? 230 PRO A CB  1 
ATOM   1092 C CG  . PRO A 1 137 ? -0.915  2.041   9.639   1.00 27.42 ? 230 PRO A CG  1 
ATOM   1093 C CD  . PRO A 1 137 ? -0.656  0.663   8.968   1.00 25.67 ? 230 PRO A CD  1 
ATOM   1094 N N   . PHE A 1 138 ? -3.798  0.727   6.849   1.00 20.39 ? 231 PHE A N   1 
ATOM   1095 C CA  . PHE A 1 138 ? -4.727  0.797   5.714   1.00 21.30 ? 231 PHE A CA  1 
ATOM   1096 C C   . PHE A 1 138 ? -5.664  -0.453  5.622   1.00 19.95 ? 231 PHE A C   1 
ATOM   1097 O O   . PHE A 1 138 ? -6.627  -0.422  4.844   1.00 19.63 ? 231 PHE A O   1 
ATOM   1098 C CB  . PHE A 1 138 ? -3.959  0.988   4.384   1.00 20.99 ? 231 PHE A CB  1 
ATOM   1099 C CG  . PHE A 1 138 ? -3.182  2.339   4.274   1.00 22.66 ? 231 PHE A CG  1 
ATOM   1100 C CD1 . PHE A 1 138 ? -3.832  3.495   3.811   1.00 22.33 ? 231 PHE A CD1 1 
ATOM   1101 C CD2 . PHE A 1 138 ? -1.853  2.415   4.641   1.00 23.43 ? 231 PHE A CD2 1 
ATOM   1102 C CE1 . PHE A 1 138 ? -3.168  4.679   3.717   1.00 23.99 ? 231 PHE A CE1 1 
ATOM   1103 C CE2 . PHE A 1 138 ? -1.177  3.621   4.537   1.00 27.68 ? 231 PHE A CE2 1 
ATOM   1104 C CZ  . PHE A 1 138 ? -1.853  4.736   4.069   1.00 23.04 ? 231 PHE A CZ  1 
ATOM   1105 N N   . ILE A 1 139 ? -5.390  -1.519  6.388   1.00 21.31 ? 232 ILE A N   1 
ATOM   1106 C CA  . ILE A 1 139 ? -6.108  -2.821  6.197   1.00 21.21 ? 232 ILE A CA  1 
ATOM   1107 C C   . ILE A 1 139 ? -7.596  -2.814  6.591   1.00 23.27 ? 232 ILE A C   1 
ATOM   1108 O O   . ILE A 1 139 ? -8.471  -3.087  5.796   1.00 21.51 ? 232 ILE A O   1 
ATOM   1109 C CB  . ILE A 1 139 ? -5.348  -3.982  6.841   1.00 21.94 ? 232 ILE A CB  1 
ATOM   1110 C CG1 . ILE A 1 139 ? -3.931  -4.153  6.199   1.00 21.13 ? 232 ILE A CG1 1 
ATOM   1111 C CG2 . ILE A 1 139 ? -6.127  -5.266  6.689   1.00 25.89 ? 232 ILE A CG2 1 
ATOM   1112 C CD1 . ILE A 1 139 ? -3.960  -4.381  4.684   1.00 22.23 ? 232 ILE A CD1 1 
ATOM   1113 N N   . ARG A 1 140 ? -7.924  -2.358  7.792   1.00 25.31 ? 233 ARG A N   1 
ATOM   1114 C CA  . ARG A 1 140 ? -9.338  -2.247  8.175   1.00 27.02 ? 233 ARG A CA  1 
ATOM   1115 C C   . ARG A 1 140 ? -10.104 -1.241  7.284   1.00 25.15 ? 233 ARG A C   1 
ATOM   1116 O O   . ARG A 1 140 ? -11.169 -1.551  6.865   1.00 26.76 ? 233 ARG A O   1 
ATOM   1117 C CB  . ARG A 1 140 ? -9.443  -1.991  9.692   1.00 31.35 ? 233 ARG A CB  1 
ATOM   1118 C CG  . ARG A 1 140 ? -10.828 -1.591  10.204  1.00 42.88 ? 233 ARG A CG  1 
ATOM   1119 C CD  . ARG A 1 140 ? -11.915 -2.576  9.829   1.00 57.98 ? 233 ARG A CD  1 
ATOM   1120 N NE  . ARG A 1 140 ? -11.527 -3.998  9.970   1.00 74.77 ? 233 ARG A NE  1 
ATOM   1121 C CZ  . ARG A 1 140 ? -12.203 -5.044  9.447   1.00 80.40 ? 233 ARG A CZ  1 
ATOM   1122 N NH1 . ARG A 1 140 ? -13.327 -4.882  8.716   1.00 68.83 ? 233 ARG A NH1 1 
ATOM   1123 N NH2 . ARG A 1 140 ? -11.736 -6.281  9.647   1.00 83.15 ? 233 ARG A NH2 1 
ATOM   1124 N N   . PRO A 1 141 ? -9.583  -0.026  7.007   1.00 25.16 ? 234 PRO A N   1 
ATOM   1125 C CA  . PRO A 1 141 ? -10.296 0.865   6.081   1.00 25.68 ? 234 PRO A CA  1 
ATOM   1126 C C   . PRO A 1 141 ? -10.482 0.259   4.681   1.00 25.79 ? 234 PRO A C   1 
ATOM   1127 O O   . PRO A 1 141 ? -11.565 0.421   4.084   1.00 22.13 ? 234 PRO A O   1 
ATOM   1128 C CB  . PRO A 1 141 ? -9.435  2.175   6.096   1.00 27.58 ? 234 PRO A CB  1 
ATOM   1129 C CG  . PRO A 1 141 ? -8.736  2.118   7.382   1.00 26.35 ? 234 PRO A CG  1 
ATOM   1130 C CD  . PRO A 1 141 ? -8.529  0.683   7.727   1.00 27.81 ? 234 PRO A CD  1 
ATOM   1131 N N   . LEU A 1 142 ? -9.486  -0.490  4.172   1.00 24.87 ? 235 LEU A N   1 
ATOM   1132 C CA  . LEU A 1 142 ? -9.689  -1.243  2.871   1.00 24.12 ? 235 LEU A CA  1 
ATOM   1133 C C   . LEU A 1 142 ? -10.800 -2.305  2.902   1.00 23.10 ? 235 LEU A C   1 
ATOM   1134 O O   . LEU A 1 142 ? -11.619 -2.457  1.997   1.00 22.05 ? 235 LEU A O   1 
ATOM   1135 C CB  . LEU A 1 142 ? -8.348  -1.867  2.449   1.00 22.62 ? 235 LEU A CB  1 
ATOM   1136 C CG  . LEU A 1 142 ? -8.394  -2.731  1.177   1.00 22.89 ? 235 LEU A CG  1 
ATOM   1137 C CD1 . LEU A 1 142 ? -8.827  -1.883  -0.043  1.00 21.42 ? 235 LEU A CD1 1 
ATOM   1138 C CD2 . LEU A 1 142 ? -7.034  -3.426  0.987   1.00 23.64 ? 235 LEU A CD2 1 
ATOM   1139 N N   . ARG A 1 143 ? -10.803 -3.102  3.948   1.00 25.76 ? 236 ARG A N   1 
ATOM   1140 C CA  . ARG A 1 143 ? -11.817 -4.153  4.081   1.00 24.91 ? 236 ARG A CA  1 
ATOM   1141 C C   . ARG A 1 143 ? -13.236 -3.523  4.100   1.00 27.63 ? 236 ARG A C   1 
ATOM   1142 O O   . ARG A 1 143 ? -14.160 -4.029  3.416   1.00 26.20 ? 236 ARG A O   1 
ATOM   1143 C CB  . ARG A 1 143 ? -11.590 -4.978  5.347   1.00 23.88 ? 236 ARG A CB  1 
ATOM   1144 C CG  . ARG A 1 143 ? -10.485 -5.986  5.239   1.00 25.54 ? 236 ARG A CG  1 
ATOM   1145 C CD  . ARG A 1 143 ? -10.197 -6.655  6.552   1.00 25.97 ? 236 ARG A CD  1 
ATOM   1146 N NE  . ARG A 1 143 ? -9.133  -7.613  6.413   1.00 28.08 ? 236 ARG A NE  1 
ATOM   1147 C CZ  . ARG A 1 143 ? -8.410  -8.160  7.408   1.00 32.63 ? 236 ARG A CZ  1 
ATOM   1148 N NH1 . ARG A 1 143 ? -8.606  -7.829  8.690   1.00 32.98 ? 236 ARG A NH1 1 
ATOM   1149 N NH2 . ARG A 1 143 ? -7.416  -9.001  7.131   1.00 29.23 ? 236 ARG A NH2 1 
ATOM   1150 N N   . ASP A 1 144 ? -13.381 -2.429  4.858   1.00 27.32 ? 237 ASP A N   1 
ATOM   1151 C CA  . ASP A 1 144 ? -14.642 -1.694  4.976   1.00 29.80 ? 237 ASP A CA  1 
ATOM   1152 C C   . ASP A 1 144 ? -15.065 -1.028  3.655   1.00 31.82 ? 237 ASP A C   1 
ATOM   1153 O O   . ASP A 1 144 ? -16.214 -1.020  3.347   1.00 34.46 ? 237 ASP A O   1 
ATOM   1154 C CB  . ASP A 1 144 ? -14.586 -0.624  6.116   1.00 32.00 ? 237 ASP A CB  1 
ATOM   1155 C CG  . ASP A 1 144 ? -14.506 -1.260  7.558   1.00 34.12 ? 237 ASP A CG  1 
ATOM   1156 O OD1 . ASP A 1 144 ? -14.716 -2.501  7.763   1.00 35.15 ? 237 ASP A OD1 1 
ATOM   1157 O OD2 . ASP A 1 144 ? -14.136 -0.509  8.506   1.00 41.21 ? 237 ASP A OD2 1 
ATOM   1158 N N   . TRP A 1 145 ? -14.126 -0.459  2.910   1.00 27.92 ? 238 TRP A N   1 
ATOM   1159 C CA  . TRP A 1 145 ? -14.344 0.049   1.562   1.00 28.27 ? 238 TRP A CA  1 
ATOM   1160 C C   . TRP A 1 145 ? -14.760 -1.024  0.582   1.00 30.61 ? 238 TRP A C   1 
ATOM   1161 O O   . TRP A 1 145 ? -15.733 -0.834  -0.203  1.00 30.26 ? 238 TRP A O   1 
ATOM   1162 C CB  . TRP A 1 145 ? -13.080 0.803   1.060   1.00 29.07 ? 238 TRP A CB  1 
ATOM   1163 C CG  . TRP A 1 145 ? -13.241 1.643   -0.208  1.00 27.01 ? 238 TRP A CG  1 
ATOM   1164 C CD1 . TRP A 1 145 ? -13.418 3.010   -0.265  1.00 35.50 ? 238 TRP A CD1 1 
ATOM   1165 C CD2 . TRP A 1 145 ? -13.265 1.187   -1.551  1.00 28.59 ? 238 TRP A CD2 1 
ATOM   1166 N NE1 . TRP A 1 145 ? -13.496 3.436   -1.547  1.00 34.46 ? 238 TRP A NE1 1 
ATOM   1167 C CE2 . TRP A 1 145 ? -13.440 2.342   -2.375  1.00 32.77 ? 238 TRP A CE2 1 
ATOM   1168 C CE3 . TRP A 1 145 ? -13.099 -0.064  -2.160  1.00 28.08 ? 238 TRP A CE3 1 
ATOM   1169 C CZ2 . TRP A 1 145 ? -13.429 2.268   -3.743  1.00 30.91 ? 238 TRP A CZ2 1 
ATOM   1170 C CZ3 . TRP A 1 145 ? -13.097 -0.144  -3.555  1.00 29.40 ? 238 TRP A CZ3 1 
ATOM   1171 C CH2 . TRP A 1 145 ? -13.317 1.004   -4.329  1.00 29.41 ? 238 TRP A CH2 1 
ATOM   1172 N N   . LEU A 1 146 ? -14.113 -2.182  0.651   1.00 26.12 ? 239 LEU A N   1 
ATOM   1173 C CA  . LEU A 1 146 ? -14.540 -3.278  -0.231  1.00 27.23 ? 239 LEU A CA  1 
ATOM   1174 C C   . LEU A 1 146 ? -15.968 -3.853  0.058   1.00 31.76 ? 239 LEU A C   1 
ATOM   1175 O O   . LEU A 1 146 ? -16.697 -4.132  -0.874  1.00 28.80 ? 239 LEU A O   1 
ATOM   1176 C CB  . LEU A 1 146 ? -13.519 -4.345  -0.274  1.00 25.67 ? 239 LEU A CB  1 
ATOM   1177 C CG  . LEU A 1 146 ? -12.074 -4.025  -0.770  1.00 24.34 ? 239 LEU A CG  1 
ATOM   1178 C CD1 . LEU A 1 146 ? -11.098 -5.190  -0.486  1.00 20.65 ? 239 LEU A CD1 1 
ATOM   1179 C CD2 . LEU A 1 146 ? -12.137 -3.731  -2.239  1.00 27.11 ? 239 LEU A CD2 1 
ATOM   1180 N N   . SER A 1 147 ? -16.303 -4.034  1.323   1.00 29.04 ? 240 SER A N   1 
ATOM   1181 C CA  . SER A 1 147 ? -17.629 -4.424  1.774   1.00 33.97 ? 240 SER A CA  1 
ATOM   1182 C C   . SER A 1 147 ? -18.669 -3.474  1.264   1.00 34.66 ? 240 SER A C   1 
ATOM   1183 O O   . SER A 1 147 ? -19.645 -3.926  0.737   1.00 40.38 ? 240 SER A O   1 
ATOM   1184 C CB  . SER A 1 147 ? -17.777 -4.333  3.301   1.00 32.93 ? 240 SER A CB  1 
ATOM   1185 O OG  . SER A 1 147 ? -16.906 -5.161  3.925   1.00 45.38 ? 240 SER A OG  1 
ATOM   1186 N N   . ARG A 1 148 ? -18.479 -2.177  1.399   1.00 40.70 ? 241 ARG A N   1 
ATOM   1187 C CA  . ARG A 1 148 ? -19.454 -1.212  0.840   1.00 43.65 ? 241 ARG A CA  1 
ATOM   1188 C C   . ARG A 1 148 ? -19.650 -1.205  -0.745  1.00 49.76 ? 241 ARG A C   1 
ATOM   1189 O O   . ARG A 1 148 ? -20.806 -1.246  -1.234  1.00 45.78 ? 241 ARG A O   1 
ATOM   1190 C CB  . ARG A 1 148 ? -19.227 0.221   1.404   1.00 43.49 ? 241 ARG A CB  1 
ATOM   1191 C CG  . ARG A 1 148 ? -19.502 0.436   2.896   1.00 46.63 ? 241 ARG A CG  1 
ATOM   1192 N N   . ARG A 1 149 ? -18.544 -1.159  -1.498  0.50 48.25 ? 242 ARG A N   1 
ATOM   1193 C CA  . ARG A 1 149 ? -18.576 -1.153  -2.976  0.50 48.06 ? 242 ARG A CA  1 
ATOM   1194 C C   . ARG A 1 149 ? -18.941 -2.492  -3.635  0.50 50.39 ? 242 ARG A C   1 
ATOM   1195 O O   . ARG A 1 149 ? -19.484 -2.493  -4.737  0.50 51.86 ? 242 ARG A O   1 
ATOM   1196 C CB  . ARG A 1 149 ? -17.227 -0.672  -3.517  0.50 48.75 ? 242 ARG A CB  1 
ATOM   1197 C CG  . ARG A 1 149 ? -16.896 -1.049  -4.962  0.50 48.02 ? 242 ARG A CG  1 
ATOM   1198 C CD  . ARG A 1 149 ? -17.475 -0.106  -6.004  0.50 47.86 ? 242 ARG A CD  1 
ATOM   1199 N NE  . ARG A 1 149 ? -17.301 1.309   -5.684  0.50 44.75 ? 242 ARG A NE  1 
ATOM   1200 C CZ  . ARG A 1 149 ? -16.480 2.138   -6.319  0.50 44.14 ? 242 ARG A CZ  1 
ATOM   1201 N NH1 . ARG A 1 149 ? -16.417 3.406   -5.936  0.50 45.91 ? 242 ARG A NH1 1 
ATOM   1202 N NH2 . ARG A 1 149 ? -15.725 1.716   -7.324  0.50 41.50 ? 242 ARG A NH2 1 
ATOM   1203 N N   . PHE A 1 150 ? -18.666 -3.616  -2.971  1.00 49.86 ? 243 PHE A N   1 
ATOM   1204 C CA  . PHE A 1 150 ? -18.898 -4.963  -3.556  1.00 46.49 ? 243 PHE A CA  1 
ATOM   1205 C C   . PHE A 1 150 ? -19.739 -5.984  -2.745  1.00 53.26 ? 243 PHE A C   1 
ATOM   1206 O O   . PHE A 1 150 ? -20.209 -6.925  -3.331  1.00 57.41 ? 243 PHE A O   1 
ATOM   1207 C CB  . PHE A 1 150 ? -17.547 -5.650  -3.851  1.00 42.40 ? 243 PHE A CB  1 
ATOM   1208 C CG  . PHE A 1 150 ? -16.665 -4.935  -4.882  1.00 47.78 ? 243 PHE A CG  1 
ATOM   1209 C CD1 . PHE A 1 150 ? -16.860 -5.119  -6.275  1.00 43.77 ? 243 PHE A CD1 1 
ATOM   1210 C CD2 . PHE A 1 150 ? -15.565 -4.146  -4.484  1.00 37.05 ? 243 PHE A CD2 1 
ATOM   1211 C CE1 . PHE A 1 150 ? -16.013 -4.507  -7.202  1.00 45.42 ? 243 PHE A CE1 1 
ATOM   1212 C CE2 . PHE A 1 150 ? -14.731 -3.546  -5.414  1.00 41.89 ? 243 PHE A CE2 1 
ATOM   1213 C CZ  . PHE A 1 150 ? -14.966 -3.688  -6.773  1.00 42.52 ? 243 PHE A CZ  1 
ATOM   1214 N N   . GLY A 1 151 ? -19.873 -5.871  -1.423  1.00 63.95 ? 244 GLY A N   1 
ATOM   1215 C CA  . GLY A 1 151 ? -20.606 -6.875  -0.616  1.00 62.38 ? 244 GLY A CA  1 
ATOM   1216 C C   . GLY A 1 151 ? -19.813 -8.161  -0.431  1.00 75.94 ? 244 GLY A C   1 
ATOM   1217 O O   . GLY A 1 151 ? -20.361 -9.228  -0.115  1.00 87.79 ? 244 GLY A O   1 
HETATM 1218 C C1  . EDO B 2 .   ? 4.065   7.059   -15.060 1.00 62.34 ? 301 EDO A C1  1 
HETATM 1219 O O1  . EDO B 2 .   ? 5.027   6.209   -15.705 1.00 67.34 ? 301 EDO A O1  1 
HETATM 1220 C C2  . EDO B 2 .   ? 2.721   6.674   -15.665 1.00 64.77 ? 301 EDO A C2  1 
HETATM 1221 O O2  . EDO B 2 .   ? 1.962   7.828   -16.062 1.00 71.01 ? 301 EDO A O2  1 
HETATM 1222 C C1  . EDO C 2 .   ? 10.196  -7.060  11.390  1.00 57.75 ? 302 EDO A C1  1 
HETATM 1223 O O1  . EDO C 2 .   ? 9.475   -5.880  11.804  1.00 55.64 ? 302 EDO A O1  1 
HETATM 1224 C C2  . EDO C 2 .   ? 10.150  -8.248  12.363  1.00 58.65 ? 302 EDO A C2  1 
HETATM 1225 O O2  . EDO C 2 .   ? 8.894   -8.960  12.417  1.00 62.34 ? 302 EDO A O2  1 
HETATM 1226 S S   . DMS D 3 .   ? -1.202  -15.192 -3.721  1.00 69.22 ? 303 DMS A S   1 
HETATM 1227 O O   . DMS D 3 .   ? -1.193  -14.563 -2.388  1.00 53.93 ? 303 DMS A O   1 
HETATM 1228 C C1  . DMS D 3 .   ? 0.316   -15.926 -3.997  1.00 61.93 ? 303 DMS A C1  1 
HETATM 1229 C C2  . DMS D 3 .   ? -2.276  -16.516 -3.683  1.00 69.34 ? 303 DMS A C2  1 
HETATM 1230 C C   . ACT E 4 .   ? 17.541  -5.084  7.879   1.00 51.94 ? 304 ACT A C   1 
HETATM 1231 O O   . ACT E 4 .   ? 17.559  -3.851  8.162   1.00 61.72 ? 304 ACT A O   1 
HETATM 1232 O OXT . ACT E 4 .   ? 16.909  -5.364  6.885   1.00 43.37 ? 304 ACT A OXT 1 
HETATM 1233 C CH3 . ACT E 4 .   ? 18.253  -6.220  8.656   1.00 52.58 ? 304 ACT A CH3 1 
HETATM 1234 C C   . ACT F 4 .   ? 8.395   -2.259  13.230  1.00 54.25 ? 305 ACT A C   1 
HETATM 1235 O O   . ACT F 4 .   ? 7.511   -3.148  13.347  1.00 37.84 ? 305 ACT A O   1 
HETATM 1236 O OXT . ACT F 4 .   ? 9.488   -2.584  12.676  1.00 70.33 ? 305 ACT A OXT 1 
HETATM 1237 C CH3 . ACT F 4 .   ? 8.175   -0.832  13.729  1.00 48.75 ? 305 ACT A CH3 1 
HETATM 1238 N N1  . LDD G 5 .   ? 7.665   3.384   0.231   0.66 26.33 ? 306 LDD A N1  1 
HETATM 1239 C C4  . LDD G 5 .   ? 7.515   5.862   2.914   0.66 29.80 ? 306 LDD A C4  1 
HETATM 1240 C C5  . LDD G 5 .   ? 7.452   5.474   1.573   0.66 27.98 ? 306 LDD A C5  1 
HETATM 1241 C C6  . LDD G 5 .   ? 7.722   6.439   0.602   0.66 29.51 ? 306 LDD A C6  1 
HETATM 1242 C C7  . LDD G 5 .   ? 8.075   7.732   0.949   0.66 30.63 ? 306 LDD A C7  1 
HETATM 1243 C C8  . LDD G 5 .   ? 7.044   4.061   1.222   0.66 26.96 ? 306 LDD A C8  1 
HETATM 1244 C C10 . LDD G 5 .   ? 9.888   2.586   -0.632  0.66 28.97 ? 306 LDD A C10 1 
HETATM 1245 C C13 . LDD G 5 .   ? 7.491   0.925   0.673   0.66 28.29 ? 306 LDD A C13 1 
HETATM 1246 C C1  . LDD G 5 .   ? 8.490   9.876   3.884   0.66 35.23 ? 306 LDD A C1  1 
HETATM 1247 C C11 . LDD G 5 .   ? 9.926   1.590   0.511   0.66 28.16 ? 306 LDD A C11 1 
HETATM 1248 C C12 . LDD G 5 .   ? 8.908   0.472   0.399   0.66 27.94 ? 306 LDD A C12 1 
HETATM 1249 C C14 . LDD G 5 .   ? 7.056   2.109   -0.180  0.66 25.83 ? 306 LDD A C14 1 
HETATM 1250 C C2  . LDD G 5 .   ? 8.136   8.101   2.289   0.66 30.98 ? 306 LDD A C2  1 
HETATM 1251 C C3  . LDD G 5 .   ? 7.846   7.158   3.274   0.66 28.04 ? 306 LDD A C3  1 
HETATM 1252 C C9  . LDD G 5 .   ? 8.929   3.755   -0.427  0.66 26.61 ? 306 LDD A C9  1 
HETATM 1253 O O1  . LDD G 5 .   ? 8.497   9.402   2.536   0.66 32.87 ? 306 LDD A O1  1 
HETATM 1254 O O2  . LDD G 5 .   ? 6.129   3.539   1.866   0.66 25.91 ? 306 LDD A O2  1 
HETATM 1255 O O   . HOH H 6 .   ? 17.119  -4.766  -4.974  1.00 37.92 ? 401 HOH A O   1 
HETATM 1256 O O   . HOH H 6 .   ? 2.467   -11.147 -11.110 1.00 47.04 ? 402 HOH A O   1 
HETATM 1257 O O   . HOH H 6 .   ? 1.096   16.865  -12.613 1.00 36.03 ? 403 HOH A O   1 
HETATM 1258 O O   . HOH H 6 .   ? -4.969  7.757   -19.231 1.00 49.23 ? 404 HOH A O   1 
HETATM 1259 O O   . HOH H 6 .   ? 14.482  -5.363  3.294   1.00 22.94 ? 405 HOH A O   1 
HETATM 1260 O O   . HOH H 6 .   ? -11.801 -9.119  -0.674  1.00 35.43 ? 406 HOH A O   1 
HETATM 1261 O O   . HOH H 6 .   ? -13.181 6.591   -1.947  1.00 44.11 ? 407 HOH A O   1 
HETATM 1262 O O   . HOH H 6 .   ? -1.215  -1.797  15.827  1.00 47.98 ? 408 HOH A O   1 
HETATM 1263 O O   . HOH H 6 .   ? -8.528  12.201  -6.848  1.00 34.32 ? 409 HOH A O   1 
HETATM 1264 O O   . HOH H 6 .   ? -5.613  -15.233 -1.501  1.00 44.34 ? 410 HOH A O   1 
HETATM 1265 O O   . HOH H 6 .   ? -8.005  7.021   -15.174 1.00 43.91 ? 411 HOH A O   1 
HETATM 1266 O O   . HOH H 6 .   ? -12.257 1.283   8.812   1.00 51.52 ? 412 HOH A O   1 
HETATM 1267 O O   . HOH H 6 .   ? 11.764  -10.872 0.276   1.00 39.45 ? 413 HOH A O   1 
HETATM 1268 O O   . HOH H 6 .   ? 3.326   -13.324 -0.750  1.00 29.44 ? 414 HOH A O   1 
HETATM 1269 O O   . HOH H 6 .   ? 2.175   9.927   17.657  1.00 32.91 ? 415 HOH A O   1 
HETATM 1270 O O   . HOH H 6 .   ? 7.373   -9.866  16.496  1.00 47.85 ? 416 HOH A O   1 
HETATM 1271 O O   . HOH H 6 .   ? 4.315   1.628   2.140   1.00 27.29 ? 417 HOH A O   1 
HETATM 1272 O O   . HOH H 6 .   ? 5.997   -4.954  34.428  1.00 23.17 ? 418 HOH A O   1 
HETATM 1273 O O   . HOH H 6 .   ? 3.702   7.764   3.738   0.66 21.93 ? 419 HOH A O   1 
HETATM 1274 O O   . HOH H 6 .   ? -0.372  17.423  -2.774  1.00 32.30 ? 420 HOH A O   1 
HETATM 1275 O O   . HOH H 6 .   ? 4.625   13.685  -12.706 1.00 44.45 ? 421 HOH A O   1 
HETATM 1276 O O   . HOH H 6 .   ? 9.865   5.795   -5.853  1.00 43.56 ? 422 HOH A O   1 
HETATM 1277 O O   . HOH H 6 .   ? 6.065   -2.659  6.845   1.00 26.12 ? 423 HOH A O   1 
HETATM 1278 O O   . HOH H 6 .   ? -5.988  3.205   10.329  1.00 33.03 ? 424 HOH A O   1 
HETATM 1279 O O   . HOH H 6 .   ? -1.495  -8.794  14.755  1.00 40.75 ? 425 HOH A O   1 
HETATM 1280 O O   . HOH H 6 .   ? 2.124   -4.477  25.431  1.00 31.98 ? 426 HOH A O   1 
HETATM 1281 O O   . HOH H 6 .   ? -9.948  8.056   2.918   1.00 36.94 ? 427 HOH A O   1 
HETATM 1282 O O   . HOH H 6 .   ? 17.749  -3.869  4.794   1.00 26.82 ? 428 HOH A O   1 
HETATM 1283 O O   . HOH H 6 .   ? -15.421 -4.919  6.765   1.00 46.29 ? 429 HOH A O   1 
HETATM 1284 O O   . HOH H 6 .   ? -0.561  -0.629  -17.599 1.00 30.48 ? 430 HOH A O   1 
HETATM 1285 O O   . HOH H 6 .   ? -5.216  14.552  -9.188  1.00 36.87 ? 431 HOH A O   1 
HETATM 1286 O O   . HOH H 6 .   ? -11.545 1.711   -8.321  1.00 33.96 ? 432 HOH A O   1 
HETATM 1287 O O   . HOH H 6 .   ? -1.779  13.105  12.479  1.00 40.10 ? 433 HOH A O   1 
HETATM 1288 O O   . HOH H 6 .   ? 2.126   3.516   6.901   1.00 37.65 ? 434 HOH A O   1 
HETATM 1289 O O   . HOH H 6 .   ? -0.621  -2.055  -4.238  1.00 18.02 ? 435 HOH A O   1 
HETATM 1290 O O   . HOH H 6 .   ? 1.751   1.154   3.187   1.00 23.39 ? 436 HOH A O   1 
HETATM 1291 O O   . HOH H 6 .   ? 2.160   -1.217  -17.186 1.00 31.31 ? 437 HOH A O   1 
HETATM 1292 O O   . HOH H 6 .   ? -8.127  5.424   -19.249 1.00 30.73 ? 438 HOH A O   1 
HETATM 1293 O O   . HOH H 6 .   ? -6.154  -1.374  9.945   1.00 24.05 ? 439 HOH A O   1 
HETATM 1294 O O   . HOH H 6 .   ? 1.148   15.967  4.414   1.00 49.78 ? 440 HOH A O   1 
HETATM 1295 O O   . HOH H 6 .   ? 1.724   3.424   -12.207 1.00 29.00 ? 441 HOH A O   1 
HETATM 1296 O O   . HOH H 6 .   ? -14.058 -6.781  2.780   1.00 27.98 ? 442 HOH A O   1 
HETATM 1297 O O   . HOH H 6 .   ? -12.915 2.890   4.406   1.00 29.61 ? 443 HOH A O   1 
HETATM 1298 O O   . HOH H 6 .   ? -11.862 9.269   -12.364 1.00 34.37 ? 444 HOH A O   1 
HETATM 1299 O O   . HOH H 6 .   ? -2.284  2.851   -17.601 1.00 32.22 ? 445 HOH A O   1 
HETATM 1300 O O   . HOH H 6 .   ? -12.005 6.615   1.598   1.00 39.60 ? 446 HOH A O   1 
HETATM 1301 O O   . HOH H 6 .   ? -1.781  -6.691  -16.567 1.00 43.10 ? 447 HOH A O   1 
HETATM 1302 O O   . HOH H 6 .   ? -9.675  1.594   -10.523 1.00 23.42 ? 448 HOH A O   1 
HETATM 1303 O O   . HOH H 6 .   ? -8.635  4.694   -8.126  1.00 18.77 ? 449 HOH A O   1 
HETATM 1304 O O   . HOH H 6 .   ? 6.398   19.001  -2.992  1.00 55.05 ? 450 HOH A O   1 
HETATM 1305 O O   . HOH H 6 .   ? 9.860   18.803  -6.626  1.00 48.62 ? 451 HOH A O   1 
HETATM 1306 O O   . HOH H 6 .   ? -8.263  -12.725 1.047   1.00 29.33 ? 452 HOH A O   1 
HETATM 1307 O O   . HOH H 6 .   ? -14.084 -11.594 -3.514  1.00 37.80 ? 453 HOH A O   1 
HETATM 1308 O O   . HOH H 6 .   ? -2.609  -14.862 9.133   1.00 47.54 ? 454 HOH A O   1 
HETATM 1309 O O   . HOH H 6 .   ? 2.793   10.098  -13.777 1.00 34.81 ? 455 HOH A O   1 
HETATM 1310 O O   . HOH H 6 .   ? 6.463   -10.169 11.311  1.00 29.99 ? 456 HOH A O   1 
HETATM 1311 O O   . HOH H 6 .   ? -6.287  9.596   9.466   1.00 34.47 ? 457 HOH A O   1 
HETATM 1312 O O   . HOH H 6 .   ? 10.585  -7.710  6.004   1.00 41.26 ? 458 HOH A O   1 
HETATM 1313 O O   . HOH H 6 .   ? -4.316  9.166   -14.422 1.00 52.92 ? 459 HOH A O   1 
HETATM 1314 O O   . HOH H 6 .   ? 2.738   -8.566  -17.863 1.00 38.26 ? 460 HOH A O   1 
HETATM 1315 O O   . HOH H 6 .   ? 9.488   9.395   -1.775  1.00 36.81 ? 461 HOH A O   1 
HETATM 1316 O O   . HOH H 6 .   ? -3.486  4.675   -23.238 1.00 40.87 ? 462 HOH A O   1 
HETATM 1317 O O   . HOH H 6 .   ? 11.697  3.803   -4.941  1.00 40.70 ? 463 HOH A O   1 
HETATM 1318 O O   . HOH H 6 .   ? -0.666  -14.396 1.759   1.00 19.10 ? 464 HOH A O   1 
HETATM 1319 O O   . HOH H 6 .   ? -0.026  10.141  -15.005 1.00 53.13 ? 465 HOH A O   1 
HETATM 1320 O O   . HOH H 6 .   ? 9.071   -13.373 1.134   1.00 44.20 ? 466 HOH A O   1 
HETATM 1321 O O   . HOH H 6 .   ? 6.028   -0.010  20.848  1.00 35.06 ? 467 HOH A O   1 
HETATM 1322 O O   . HOH H 6 .   ? 3.564   -13.104 -5.589  1.00 29.02 ? 468 HOH A O   1 
HETATM 1323 O O   . HOH H 6 .   ? -2.156  9.366   -13.581 1.00 44.06 ? 469 HOH A O   1 
HETATM 1324 O O   . HOH H 6 .   ? -2.416  -8.439  21.225  1.00 50.29 ? 470 HOH A O   1 
HETATM 1325 O O   . HOH H 6 .   ? -18.121 -1.141  5.984   1.00 54.80 ? 471 HOH A O   1 
HETATM 1326 O O   . HOH H 6 .   ? 1.404   -10.985 10.739  1.00 28.45 ? 472 HOH A O   1 
HETATM 1327 O O   . HOH H 6 .   ? -6.696  -10.480 17.544  1.00 64.20 ? 473 HOH A O   1 
HETATM 1328 O O   . HOH H 6 .   ? 7.510   -0.380  18.463  1.00 42.99 ? 474 HOH A O   1 
HETATM 1329 O O   . HOH H 6 .   ? -9.471  5.880   5.678   1.00 50.21 ? 475 HOH A O   1 
HETATM 1330 O O   . HOH H 6 .   ? 1.708   -11.188 -18.558 1.00 54.96 ? 476 HOH A O   1 
HETATM 1331 O O   . HOH H 6 .   ? -13.218 9.428   -0.965  1.00 62.19 ? 477 HOH A O   1 
HETATM 1332 O O   . HOH H 6 .   ? -1.128  20.635  -9.184  1.00 54.12 ? 478 HOH A O   1 
HETATM 1333 O O   . HOH H 6 .   ? 0.377   -12.904 5.784   1.00 38.33 ? 479 HOH A O   1 
HETATM 1334 O O   . HOH H 6 .   ? -13.234 3.167   7.203   1.00 42.07 ? 480 HOH A O   1 
HETATM 1335 O O   . HOH H 6 .   ? -3.074  0.666   13.009  1.00 45.85 ? 481 HOH A O   1 
HETATM 1336 O O   . HOH H 6 .   ? 2.715   -4.037  -17.205 1.00 42.02 ? 482 HOH A O   1 
HETATM 1337 O O   . HOH H 6 .   ? 3.574   0.298   -19.178 1.00 43.07 ? 483 HOH A O   1 
HETATM 1338 O O   . HOH H 6 .   ? -11.798 5.023   4.264   1.00 42.35 ? 484 HOH A O   1 
# 
